data_6AGT
#
_entry.id   6AGT
#
_cell.length_a   72.761
_cell.length_b   104.336
_cell.length_c   100.594
_cell.angle_alpha   89.880
_cell.angle_beta   69.570
_cell.angle_gamma   61.100
#
_symmetry.space_group_name_H-M   'P 1'
#
loop_
_entity.id
_entity.type
_entity.pdbx_description
1 polymer 'Lysine--tRNA ligase'
2 non-polymer N-(cyclohexylmethyl)-4-oxo-4H-1-benzopyran-2-carboxamide
3 non-polymer 'COBALT (II) ION'
4 non-polymer 'FORMIC ACID'
5 non-polymer 'MALONIC ACID'
6 non-polymer LYSINE
7 water water
#
_entity_poly.entity_id   1
_entity_poly.type   'polypeptide(L)'
_entity_poly.pdbx_seq_one_letter_code
;EVDPRLYFENRSKFIQDQKDKGINPYPHKFERTISIPEFIEKYKDLGNGEHLEDTILNITGRIMRVSASGQKLRFFDLVG
DGEKIQVLANYSFHNHEKGNFAECYDKIRRGDIVGIVGFPGKSKKGELSIFPKETILLSACLHMLPMKYGLKDTEIRYRQ
RYLDLLINESSRHTFVTRTKIINFLRNFLNERGFFEVETPMMNLIAGGANARPFITHHNDLDLDLYLRIATELPLKMLIV
GGIDKVYEIGKVFRNEGIDNTHNPEFTSCEFYWAYADYNDLIKWSEDFFSQLVYHLFGTYKISYNKDGPENQPIEIDFTP
PYPKVSIVEEIEKVTNTILEQPFDSNETIEKMINIIKEHKIELPNPPTAAKLLDQLASHFIENKYNDKPFFIVEHPQIMS
PLAKYHRTKPGLTERLEMFICGKEVLNAYTELNDPFKQKECFKLQQKDREKGDTEAAQLDSAFCTSLEYGLPPTGGLGLG
IDRITMFLTNKNSIKDVILFPTMRPAN
;
_entity_poly.pdbx_strand_id   A,B,C,D
#
# COMPACT_ATOMS: atom_id res chain seq x y z
N ASP A 3 -5.15 -34.60 -47.62
CA ASP A 3 -6.00 -33.55 -48.18
C ASP A 3 -7.11 -33.15 -47.22
N PRO A 4 -7.02 -31.93 -46.65
CA PRO A 4 -7.97 -31.32 -45.72
C PRO A 4 -9.43 -31.40 -46.18
N ARG A 5 -9.67 -31.08 -47.44
CA ARG A 5 -11.02 -31.08 -47.99
C ARG A 5 -11.66 -32.46 -47.84
N LEU A 6 -10.89 -33.50 -48.17
CA LEU A 6 -11.39 -34.86 -48.08
C LEU A 6 -11.60 -35.27 -46.61
N TYR A 7 -10.69 -34.87 -45.74
CA TYR A 7 -10.83 -35.16 -44.31
C TYR A 7 -12.16 -34.60 -43.80
N PHE A 8 -12.42 -33.35 -44.17
CA PHE A 8 -13.63 -32.64 -43.77
C PHE A 8 -14.88 -33.31 -44.34
N GLU A 9 -14.86 -33.63 -45.63
CA GLU A 9 -15.97 -34.38 -46.25
C GLU A 9 -16.27 -35.67 -45.47
N ASN A 10 -15.21 -36.43 -45.19
CA ASN A 10 -15.33 -37.67 -44.44
C ASN A 10 -15.94 -37.48 -43.05
N ARG A 11 -15.51 -36.43 -42.34
CA ARG A 11 -16.07 -36.15 -41.02
C ARG A 11 -17.54 -35.72 -41.08
N SER A 12 -17.87 -34.87 -42.05
CA SER A 12 -19.26 -34.47 -42.26
C SER A 12 -20.14 -35.69 -42.53
N LYS A 13 -19.63 -36.63 -43.33
CA LYS A 13 -20.42 -37.83 -43.63
C LYS A 13 -20.47 -38.74 -42.41
N PHE A 14 -19.43 -38.68 -41.58
CA PHE A 14 -19.47 -39.39 -40.30
C PHE A 14 -20.59 -38.87 -39.40
N ILE A 15 -20.70 -37.55 -39.31
CA ILE A 15 -21.76 -36.94 -38.51
C ILE A 15 -23.10 -37.39 -39.07
N GLN A 16 -23.29 -37.18 -40.37
CA GLN A 16 -24.59 -37.50 -40.99
C GLN A 16 -24.98 -38.96 -40.78
N ASP A 17 -23.99 -39.85 -40.91
CA ASP A 17 -24.21 -41.28 -40.70
C ASP A 17 -24.58 -41.58 -39.25
N GLN A 18 -23.91 -40.91 -38.32
CA GLN A 18 -24.28 -41.03 -36.90
C GLN A 18 -25.73 -40.62 -36.71
N LYS A 19 -26.16 -39.59 -37.43
CA LYS A 19 -27.52 -39.07 -37.32
C LYS A 19 -28.55 -40.06 -37.85
N ASP A 20 -28.33 -40.55 -39.07
CA ASP A 20 -29.24 -41.52 -39.69
C ASP A 20 -29.47 -42.75 -38.80
N LYS A 21 -28.40 -43.22 -38.17
CA LYS A 21 -28.47 -44.37 -37.28
C LYS A 21 -29.02 -44.03 -35.89
N GLY A 22 -29.69 -42.88 -35.77
CA GLY A 22 -30.35 -42.48 -34.54
C GLY A 22 -29.47 -42.08 -33.36
N ILE A 23 -28.21 -41.78 -33.61
CA ILE A 23 -27.30 -41.33 -32.56
C ILE A 23 -27.13 -39.80 -32.57
N ASN A 24 -27.07 -39.16 -31.40
CA ASN A 24 -26.87 -37.71 -31.32
C ASN A 24 -25.41 -37.36 -31.11
N PRO A 25 -24.76 -36.90 -32.19
CA PRO A 25 -23.33 -36.60 -32.14
C PRO A 25 -23.07 -35.22 -31.51
N TYR A 26 -24.12 -34.43 -31.27
CA TYR A 26 -24.03 -33.21 -30.45
C TYR A 26 -24.99 -33.23 -29.25
N PRO A 27 -24.68 -34.03 -28.22
CA PRO A 27 -25.58 -34.09 -27.06
C PRO A 27 -25.78 -32.74 -26.35
N HIS A 28 -26.94 -32.58 -25.70
CA HIS A 28 -27.31 -31.31 -25.10
CA HIS A 28 -27.32 -31.31 -25.09
C HIS A 28 -26.57 -30.98 -23.81
N LYS A 29 -26.38 -31.98 -22.96
CA LYS A 29 -25.83 -31.73 -21.64
C LYS A 29 -25.05 -32.95 -21.15
N PHE A 30 -23.85 -32.69 -20.64
CA PHE A 30 -23.02 -33.69 -19.97
C PHE A 30 -22.69 -33.04 -18.65
N GLU A 31 -23.04 -33.69 -17.53
CA GLU A 31 -22.81 -33.08 -16.23
C GLU A 31 -21.47 -33.53 -15.67
N ARG A 32 -20.47 -32.68 -15.79
CA ARG A 32 -19.13 -33.03 -15.34
C ARG A 32 -19.00 -32.72 -13.86
N THR A 33 -18.07 -33.39 -13.18
CA THR A 33 -17.96 -33.22 -11.75
C THR A 33 -16.72 -32.42 -11.38
N ILE A 34 -15.81 -32.26 -12.33
CA ILE A 34 -14.52 -31.69 -12.02
C ILE A 34 -13.87 -31.15 -13.30
N SER A 35 -13.19 -30.01 -13.21
CA SER A 35 -12.43 -29.47 -14.33
C SER A 35 -11.07 -30.17 -14.42
N ILE A 36 -10.38 -30.00 -15.54
CA ILE A 36 -9.06 -30.61 -15.68
C ILE A 36 -7.99 -29.98 -14.74
N PRO A 37 -7.97 -28.62 -14.61
CA PRO A 37 -7.04 -28.06 -13.60
C PRO A 37 -7.32 -28.60 -12.20
N GLU A 38 -8.60 -28.67 -11.82
CA GLU A 38 -8.98 -29.22 -10.52
C GLU A 38 -8.55 -30.68 -10.36
N PHE A 39 -8.60 -31.43 -11.46
CA PHE A 39 -8.22 -32.83 -11.47
C PHE A 39 -6.72 -32.93 -11.20
N ILE A 40 -5.94 -32.13 -11.91
CA ILE A 40 -4.49 -32.11 -11.75
C ILE A 40 -4.10 -31.74 -10.31
N GLU A 41 -4.73 -30.68 -9.81
CA GLU A 41 -4.49 -30.24 -8.44
C GLU A 41 -4.80 -31.35 -7.43
N LYS A 42 -5.93 -32.03 -7.62
CA LYS A 42 -6.39 -33.02 -6.65
C LYS A 42 -5.63 -34.36 -6.70
N TYR A 43 -5.15 -34.77 -7.88
CA TYR A 43 -4.59 -36.12 -7.97
C TYR A 43 -3.13 -36.20 -8.43
N LYS A 44 -2.46 -35.06 -8.62
CA LYS A 44 -1.06 -35.11 -9.06
C LYS A 44 -0.12 -35.74 -8.02
N ASP A 45 -0.61 -35.94 -6.80
CA ASP A 45 0.22 -36.54 -5.74
C ASP A 45 0.03 -38.06 -5.64
N LEU A 46 -0.60 -38.66 -6.66
CA LEU A 46 -0.75 -40.11 -6.70
C LEU A 46 0.60 -40.77 -6.95
N GLY A 47 0.79 -41.97 -6.44
CA GLY A 47 2.00 -42.73 -6.71
C GLY A 47 1.94 -43.35 -8.09
N ASN A 48 3.08 -43.70 -8.66
CA ASN A 48 3.09 -44.37 -9.95
C ASN A 48 2.25 -45.64 -9.91
N GLY A 49 1.51 -45.89 -10.98
CA GLY A 49 0.64 -47.05 -11.08
C GLY A 49 -0.55 -47.07 -10.14
N GLU A 50 -0.66 -46.11 -9.24
CA GLU A 50 -1.74 -46.09 -8.26
C GLU A 50 -3.08 -45.79 -8.95
N HIS A 51 -4.13 -46.48 -8.52
CA HIS A 51 -5.49 -46.29 -9.03
C HIS A 51 -6.48 -45.98 -7.91
N LEU A 52 -7.41 -45.06 -8.16
CA LEU A 52 -8.52 -44.83 -7.25
C LEU A 52 -9.81 -45.27 -7.94
N GLU A 53 -9.95 -46.58 -8.13
CA GLU A 53 -11.00 -47.16 -8.96
C GLU A 53 -12.41 -46.95 -8.41
N ASP A 54 -12.53 -46.65 -7.13
CA ASP A 54 -13.84 -46.42 -6.56
C ASP A 54 -14.18 -44.92 -6.56
N THR A 55 -13.30 -44.12 -7.16
CA THR A 55 -13.58 -42.71 -7.37
C THR A 55 -14.05 -42.50 -8.80
N ILE A 56 -15.37 -42.42 -8.97
CA ILE A 56 -15.93 -42.24 -10.30
C ILE A 56 -16.20 -40.76 -10.58
N LEU A 57 -15.56 -40.25 -11.63
CA LEU A 57 -15.59 -38.85 -12.02
C LEU A 57 -16.11 -38.65 -13.43
N ASN A 58 -16.79 -37.51 -13.65
CA ASN A 58 -17.19 -37.06 -14.98
C ASN A 58 -16.32 -35.88 -15.40
N ILE A 59 -15.60 -36.02 -16.49
CA ILE A 59 -14.65 -34.98 -16.92
C ILE A 59 -14.80 -34.70 -18.41
N THR A 60 -14.59 -33.46 -18.81
CA THR A 60 -14.70 -33.13 -20.23
C THR A 60 -13.41 -32.52 -20.74
N GLY A 61 -13.23 -32.50 -22.05
CA GLY A 61 -12.04 -31.86 -22.57
C GLY A 61 -11.90 -32.04 -24.07
N ARG A 62 -10.91 -31.38 -24.64
CA ARG A 62 -10.62 -31.56 -26.06
C ARG A 62 -9.45 -32.53 -26.29
N ILE A 63 -9.69 -33.55 -27.11
CA ILE A 63 -8.66 -34.52 -27.46
C ILE A 63 -7.61 -33.86 -28.36
N MET A 64 -6.34 -33.86 -27.95
CA MET A 64 -5.31 -33.20 -28.74
C MET A 64 -4.24 -34.18 -29.22
N ARG A 65 -4.34 -35.41 -28.77
CA ARG A 65 -3.43 -36.45 -29.21
C ARG A 65 -4.08 -37.82 -29.23
N VAL A 66 -3.81 -38.58 -30.28
CA VAL A 66 -4.32 -39.92 -30.39
C VAL A 66 -3.17 -40.85 -30.66
N SER A 67 -2.99 -41.84 -29.83
CA SER A 67 -1.91 -42.78 -30.02
C SER A 67 -2.51 -44.11 -30.28
N GLN A 71 -3.60 -51.80 -28.64
CA GLN A 71 -4.94 -51.77 -29.24
C GLN A 71 -6.04 -52.18 -28.27
N LYS A 72 -5.64 -52.83 -27.17
CA LYS A 72 -6.54 -52.97 -26.03
C LYS A 72 -6.26 -51.83 -25.05
N LEU A 73 -5.28 -51.00 -25.42
CA LEU A 73 -4.88 -49.82 -24.65
C LEU A 73 -4.83 -48.62 -25.57
N ARG A 74 -5.76 -47.69 -25.38
CA ARG A 74 -5.76 -46.47 -26.19
C ARG A 74 -5.29 -45.30 -25.35
N PHE A 75 -4.42 -44.46 -25.92
CA PHE A 75 -3.91 -43.30 -25.21
C PHE A 75 -4.36 -42.00 -25.88
N PHE A 76 -4.69 -41.00 -25.07
CA PHE A 76 -5.04 -39.68 -25.60
C PHE A 76 -4.47 -38.59 -24.74
N ASP A 77 -4.26 -37.41 -25.31
CA ASP A 77 -4.06 -36.22 -24.48
C ASP A 77 -5.36 -35.44 -24.45
N LEU A 78 -5.77 -35.01 -23.26
CA LEU A 78 -7.02 -34.28 -23.08
C LEU A 78 -6.72 -32.90 -22.51
N VAL A 79 -7.17 -31.84 -23.18
CA VAL A 79 -6.87 -30.49 -22.71
C VAL A 79 -8.12 -29.72 -22.31
N GLY A 80 -7.95 -28.90 -21.28
CA GLY A 80 -8.98 -27.99 -20.84
C GLY A 80 -8.37 -26.85 -20.03
N ASP A 81 -8.86 -25.63 -20.25
CA ASP A 81 -8.38 -24.44 -19.54
C ASP A 81 -6.85 -24.34 -19.56
N GLY A 82 -6.26 -24.66 -20.70
CA GLY A 82 -4.83 -24.55 -20.90
C GLY A 82 -3.99 -25.61 -20.21
N GLU A 83 -4.64 -26.65 -19.67
CA GLU A 83 -3.89 -27.71 -18.99
C GLU A 83 -4.22 -29.06 -19.62
N LYS A 84 -3.46 -30.08 -19.29
CA LYS A 84 -3.53 -31.34 -20.01
C LYS A 84 -3.40 -32.53 -19.09
N ILE A 85 -4.23 -33.55 -19.29
CA ILE A 85 -3.98 -34.87 -18.67
C ILE A 85 -3.98 -35.97 -19.72
N GLN A 86 -3.57 -37.16 -19.32
CA GLN A 86 -3.62 -38.28 -20.25
C GLN A 86 -4.90 -39.08 -20.05
N VAL A 87 -5.43 -39.58 -21.16
CA VAL A 87 -6.57 -40.47 -21.16
C VAL A 87 -6.02 -41.87 -21.41
N LEU A 88 -6.20 -42.76 -20.45
CA LEU A 88 -5.75 -44.14 -20.63
C LEU A 88 -6.96 -45.05 -20.66
N ALA A 89 -7.39 -45.41 -21.87
CA ALA A 89 -8.53 -46.30 -22.04
C ALA A 89 -8.07 -47.75 -22.06
N ASN A 90 -8.46 -48.50 -21.04
CA ASN A 90 -8.11 -49.90 -20.95
C ASN A 90 -9.33 -50.77 -21.19
N TYR A 91 -9.21 -51.74 -22.10
CA TYR A 91 -10.28 -52.71 -22.34
C TYR A 91 -10.81 -53.29 -21.02
N SER A 92 -9.92 -53.46 -20.05
CA SER A 92 -10.25 -54.13 -18.80
C SER A 92 -11.14 -53.30 -17.90
N PHE A 93 -11.26 -52.01 -18.20
CA PHE A 93 -12.05 -51.12 -17.36
C PHE A 93 -13.32 -50.67 -18.07
N HIS A 94 -13.37 -50.93 -19.38
CA HIS A 94 -14.46 -50.49 -20.23
C HIS A 94 -15.82 -51.00 -19.76
N ASN A 95 -16.81 -50.12 -19.71
CA ASN A 95 -18.18 -50.56 -19.41
C ASN A 95 -18.80 -51.19 -20.66
N HIS A 96 -18.76 -52.51 -20.75
CA HIS A 96 -19.19 -53.17 -21.98
C HIS A 96 -20.67 -53.05 -22.25
N GLU A 97 -21.43 -52.70 -21.21
CA GLU A 97 -22.87 -52.54 -21.39
C GLU A 97 -23.20 -51.34 -22.26
N LYS A 98 -22.24 -50.43 -22.41
CA LYS A 98 -22.50 -49.20 -23.16
C LYS A 98 -22.10 -49.31 -24.62
N GLY A 99 -21.42 -50.39 -24.99
CA GLY A 99 -21.04 -50.59 -26.39
C GLY A 99 -19.67 -51.22 -26.58
N ASN A 100 -19.27 -51.36 -27.84
CA ASN A 100 -18.01 -51.99 -28.19
C ASN A 100 -16.84 -51.06 -27.93
N PHE A 101 -15.84 -51.55 -27.18
CA PHE A 101 -14.66 -50.76 -26.81
C PHE A 101 -13.93 -50.17 -28.02
N ALA A 102 -13.54 -51.08 -28.92
CA ALA A 102 -12.81 -50.67 -30.13
C ALA A 102 -13.66 -49.75 -31.01
N GLU A 103 -14.94 -50.06 -31.17
CA GLU A 103 -15.78 -49.21 -31.98
C GLU A 103 -15.86 -47.80 -31.38
N CYS A 104 -15.99 -47.75 -30.06
CA CYS A 104 -16.03 -46.47 -29.34
C CYS A 104 -14.76 -45.67 -29.64
N TYR A 105 -13.60 -46.24 -29.35
CA TYR A 105 -12.39 -45.42 -29.38
C TYR A 105 -11.76 -45.23 -30.76
N ASP A 106 -12.13 -46.08 -31.72
CA ASP A 106 -11.67 -45.96 -33.11
C ASP A 106 -12.21 -44.70 -33.75
N LYS A 107 -13.36 -44.24 -33.27
CA LYS A 107 -14.05 -43.10 -33.88
C LYS A 107 -13.41 -41.75 -33.48
N ILE A 108 -12.69 -41.75 -32.37
CA ILE A 108 -12.16 -40.51 -31.79
C ILE A 108 -11.03 -39.92 -32.62
N ARG A 109 -11.12 -38.63 -32.91
CA ARG A 109 -10.10 -37.92 -33.67
C ARG A 109 -9.53 -36.78 -32.85
N ARG A 110 -8.32 -36.36 -33.21
CA ARG A 110 -7.70 -35.20 -32.59
C ARG A 110 -8.59 -33.96 -32.84
N GLY A 111 -8.94 -33.27 -31.76
CA GLY A 111 -9.78 -32.09 -31.85
C GLY A 111 -11.16 -32.32 -31.27
N ASP A 112 -11.55 -33.59 -31.15
CA ASP A 112 -12.87 -33.95 -30.65
C ASP A 112 -13.04 -33.53 -29.20
N ILE A 113 -14.19 -32.96 -28.89
CA ILE A 113 -14.55 -32.68 -27.52
C ILE A 113 -15.35 -33.85 -26.96
N VAL A 114 -14.90 -34.35 -25.81
CA VAL A 114 -15.47 -35.57 -25.26
C VAL A 114 -15.83 -35.41 -23.81
N GLY A 115 -16.73 -36.29 -23.39
CA GLY A 115 -17.13 -36.45 -22.01
C GLY A 115 -16.72 -37.85 -21.58
N ILE A 116 -16.10 -37.94 -20.41
CA ILE A 116 -15.53 -39.18 -19.91
C ILE A 116 -16.08 -39.51 -18.53
N VAL A 117 -16.55 -40.74 -18.37
CA VAL A 117 -16.86 -41.28 -17.04
C VAL A 117 -15.75 -42.27 -16.68
N GLY A 118 -15.06 -42.05 -15.57
CA GLY A 118 -13.87 -42.84 -15.31
C GLY A 118 -13.26 -42.57 -13.96
N PHE A 119 -12.05 -43.06 -13.73
CA PHE A 119 -11.44 -42.90 -12.42
C PHE A 119 -10.04 -42.34 -12.53
N PRO A 120 -9.57 -41.65 -11.48
CA PRO A 120 -8.23 -41.08 -11.58
C PRO A 120 -7.12 -42.08 -11.28
N GLY A 121 -5.99 -42.00 -11.97
CA GLY A 121 -4.82 -42.77 -11.59
C GLY A 121 -3.55 -42.23 -12.20
N LYS A 122 -2.44 -42.94 -12.01
CA LYS A 122 -1.22 -42.67 -12.74
C LYS A 122 -0.80 -43.92 -13.52
N SER A 123 -0.20 -43.72 -14.68
CA SER A 123 0.36 -44.83 -15.42
C SER A 123 1.57 -45.35 -14.64
N LYS A 124 2.07 -46.53 -15.01
CA LYS A 124 3.26 -47.07 -14.35
C LYS A 124 4.42 -46.09 -14.46
N LYS A 125 4.48 -45.35 -15.57
CA LYS A 125 5.50 -44.34 -15.79
C LYS A 125 5.23 -43.04 -15.00
N GLY A 126 4.12 -42.99 -14.28
CA GLY A 126 3.83 -41.88 -13.39
C GLY A 126 3.02 -40.73 -13.98
N GLU A 127 2.46 -40.95 -15.17
CA GLU A 127 1.68 -39.92 -15.86
C GLU A 127 0.25 -39.86 -15.34
N LEU A 128 -0.13 -38.69 -14.82
CA LEU A 128 -1.47 -38.47 -14.29
C LEU A 128 -2.51 -38.67 -15.40
N SER A 129 -3.50 -39.52 -15.14
CA SER A 129 -4.40 -39.98 -16.18
C SER A 129 -5.83 -40.13 -15.70
N ILE A 130 -6.76 -39.94 -16.64
CA ILE A 130 -8.12 -40.38 -16.42
C ILE A 130 -8.27 -41.76 -17.09
N PHE A 131 -8.83 -42.72 -16.35
CA PHE A 131 -9.09 -44.06 -16.86
C PHE A 131 -10.57 -44.21 -17.14
N PRO A 132 -10.97 -44.05 -18.40
CA PRO A 132 -12.38 -44.11 -18.78
C PRO A 132 -13.00 -45.48 -18.55
N LYS A 133 -14.28 -45.49 -18.16
CA LYS A 133 -15.12 -46.67 -18.24
C LYS A 133 -16.11 -46.41 -19.39
N GLU A 134 -16.27 -45.15 -19.73
CA GLU A 134 -17.14 -44.78 -20.85
C GLU A 134 -16.69 -43.45 -21.42
N THR A 135 -16.62 -43.35 -22.74
CA THR A 135 -16.31 -42.08 -23.38
C THR A 135 -17.41 -41.78 -24.38
N ILE A 136 -17.83 -40.52 -24.39
CA ILE A 136 -18.96 -40.02 -25.18
C ILE A 136 -18.48 -38.82 -26.01
N LEU A 137 -18.86 -38.77 -27.29
CA LEU A 137 -18.51 -37.62 -28.14
C LEU A 137 -19.47 -36.48 -27.80
N LEU A 138 -18.95 -35.29 -27.53
CA LEU A 138 -19.80 -34.15 -27.21
C LEU A 138 -19.85 -33.19 -28.38
N SER A 139 -18.72 -33.05 -29.07
CA SER A 139 -18.69 -32.23 -30.26
C SER A 139 -17.49 -32.56 -31.13
N ALA A 140 -17.73 -32.92 -32.38
CA ALA A 140 -16.65 -33.32 -33.27
C ALA A 140 -15.91 -32.13 -33.88
N CYS A 141 -14.60 -32.27 -34.02
CA CYS A 141 -13.81 -31.32 -34.80
C CYS A 141 -13.73 -31.87 -36.24
N LEU A 142 -14.34 -31.16 -37.19
CA LEU A 142 -14.51 -31.68 -38.54
C LEU A 142 -13.29 -31.46 -39.44
N HIS A 143 -12.47 -30.46 -39.14
CA HIS A 143 -11.24 -30.23 -39.88
C HIS A 143 -10.07 -30.91 -39.20
N MET A 144 -8.93 -30.90 -39.86
CA MET A 144 -7.69 -31.27 -39.22
C MET A 144 -7.13 -30.06 -38.49
N LEU A 145 -6.90 -30.18 -37.20
CA LEU A 145 -6.23 -29.12 -36.46
C LEU A 145 -4.77 -29.06 -36.88
N PRO A 146 -4.23 -27.90 -37.08
CA PRO A 146 -2.81 -27.85 -37.36
C PRO A 146 -2.09 -28.41 -36.11
N MET A 147 -0.93 -29.01 -36.28
CA MET A 147 -0.23 -29.59 -35.16
C MET A 147 0.55 -28.59 -34.30
N THR A 154 1.78 -16.84 -39.36
CA THR A 154 0.75 -16.86 -40.38
C THR A 154 -0.34 -15.88 -39.98
N GLU A 155 -1.19 -15.55 -40.92
CA GLU A 155 -2.30 -14.68 -40.64
C GLU A 155 -3.41 -15.50 -40.05
N ILE A 156 -3.27 -16.82 -40.01
CA ILE A 156 -4.33 -17.66 -39.46
C ILE A 156 -4.57 -17.33 -37.99
N ARG A 157 -3.51 -17.00 -37.26
CA ARG A 157 -3.62 -16.64 -35.84
C ARG A 157 -4.59 -15.48 -35.59
N TYR A 158 -4.65 -14.53 -36.53
CA TYR A 158 -5.46 -13.32 -36.34
C TYR A 158 -6.86 -13.46 -36.95
N ARG A 159 -6.98 -14.31 -37.96
CA ARG A 159 -8.27 -14.58 -38.60
C ARG A 159 -9.03 -15.69 -37.88
N GLN A 160 -8.30 -16.64 -37.32
CA GLN A 160 -8.89 -17.77 -36.63
C GLN A 160 -8.25 -17.87 -35.26
N ARG A 161 -8.53 -16.88 -34.42
CA ARG A 161 -7.88 -16.78 -33.12
C ARG A 161 -8.14 -18.02 -32.27
N TYR A 162 -9.27 -18.71 -32.46
CA TYR A 162 -9.56 -19.94 -31.68
C TYR A 162 -8.52 -21.07 -31.91
N LEU A 163 -7.97 -21.12 -33.12
CA LEU A 163 -6.87 -22.04 -33.42
C LEU A 163 -5.58 -21.63 -32.70
N ASP A 164 -5.30 -20.33 -32.74
CA ASP A 164 -4.16 -19.77 -32.01
C ASP A 164 -4.23 -20.16 -30.54
N LEU A 165 -5.40 -19.93 -29.95
CA LEU A 165 -5.66 -20.22 -28.55
C LEU A 165 -5.58 -21.72 -28.23
N LEU A 166 -6.02 -22.57 -29.17
CA LEU A 166 -5.95 -24.02 -28.93
C LEU A 166 -4.53 -24.58 -29.02
N ILE A 167 -3.76 -24.11 -30.00
CA ILE A 167 -2.48 -24.76 -30.29
C ILE A 167 -1.30 -24.04 -29.64
N ASN A 168 -1.28 -22.71 -29.71
CA ASN A 168 -0.19 -21.93 -29.12
C ASN A 168 -0.45 -21.60 -27.66
N GLU A 169 0.23 -22.30 -26.77
CA GLU A 169 0.01 -22.13 -25.34
C GLU A 169 0.32 -20.71 -24.86
N SER A 170 1.21 -20.03 -25.57
CA SER A 170 1.61 -18.67 -25.18
C SER A 170 0.46 -17.65 -25.40
N SER A 171 -0.41 -17.96 -26.36
CA SER A 171 -1.54 -17.09 -26.70
C SER A 171 -2.45 -16.84 -25.49
N ARG A 172 -2.86 -17.95 -24.87
CA ARG A 172 -3.70 -17.88 -23.69
C ARG A 172 -3.04 -17.02 -22.63
N HIS A 173 -1.74 -17.22 -22.40
CA HIS A 173 -1.03 -16.45 -21.38
C HIS A 173 -1.01 -14.95 -21.70
N THR A 174 -0.80 -14.60 -22.97
CA THR A 174 -0.81 -13.22 -23.40
C THR A 174 -2.15 -12.55 -23.05
N PHE A 175 -3.25 -13.23 -23.39
CA PHE A 175 -4.55 -12.61 -23.13
C PHE A 175 -4.97 -12.63 -21.65
N VAL A 176 -4.48 -13.63 -20.93
CA VAL A 176 -4.67 -13.66 -19.48
C VAL A 176 -3.96 -12.45 -18.88
N THR A 177 -2.76 -12.17 -19.36
CA THR A 177 -2.00 -11.02 -18.88
C THR A 177 -2.75 -9.72 -19.21
N ARG A 178 -3.27 -9.61 -20.43
CA ARG A 178 -4.07 -8.42 -20.76
C ARG A 178 -5.19 -8.18 -19.74
N THR A 179 -5.92 -9.24 -19.45
CA THR A 179 -7.03 -9.07 -18.51
C THR A 179 -6.56 -8.75 -17.09
N LYS A 180 -5.43 -9.33 -16.69
CA LYS A 180 -4.79 -8.98 -15.41
C LYS A 180 -4.42 -7.50 -15.34
N ILE A 181 -3.95 -6.95 -16.47
CA ILE A 181 -3.52 -5.55 -16.50
C ILE A 181 -4.73 -4.69 -16.29
N ILE A 182 -5.81 -5.00 -17.01
CA ILE A 182 -7.00 -4.17 -16.84
C ILE A 182 -7.62 -4.30 -15.43
N ASN A 183 -7.67 -5.52 -14.89
CA ASN A 183 -8.13 -5.71 -13.51
C ASN A 183 -7.30 -4.89 -12.50
N PHE A 184 -5.99 -4.93 -12.68
CA PHE A 184 -5.07 -4.19 -11.81
C PHE A 184 -5.35 -2.68 -11.90
N LEU A 185 -5.51 -2.18 -13.11
CA LEU A 185 -5.81 -0.75 -13.28
C LEU A 185 -7.13 -0.33 -12.65
N ARG A 186 -8.17 -1.12 -12.90
CA ARG A 186 -9.48 -0.84 -12.30
C ARG A 186 -9.40 -0.83 -10.77
N ASN A 187 -8.72 -1.81 -10.20
CA ASN A 187 -8.59 -1.86 -8.74
CA ASN A 187 -8.60 -1.85 -8.74
C ASN A 187 -7.76 -0.70 -8.20
N PHE A 188 -6.70 -0.34 -8.93
CA PHE A 188 -5.81 0.74 -8.56
C PHE A 188 -6.57 2.06 -8.47
N LEU A 189 -7.41 2.31 -9.48
CA LEU A 189 -8.21 3.50 -9.50
C LEU A 189 -9.30 3.43 -8.44
N ASN A 190 -10.02 2.31 -8.35
CA ASN A 190 -11.13 2.22 -7.39
C ASN A 190 -10.69 2.36 -5.92
N GLU A 191 -9.53 1.80 -5.60
CA GLU A 191 -8.99 1.88 -4.24
C GLU A 191 -8.65 3.30 -3.85
N ARG A 192 -8.52 4.18 -4.84
CA ARG A 192 -8.16 5.57 -4.60
C ARG A 192 -9.37 6.48 -4.75
N GLY A 193 -10.56 5.87 -4.76
CA GLY A 193 -11.80 6.63 -4.69
C GLY A 193 -12.34 7.05 -6.04
N PHE A 194 -11.82 6.49 -7.12
CA PHE A 194 -12.28 6.88 -8.46
C PHE A 194 -13.56 6.18 -8.85
N PHE A 195 -14.36 6.88 -9.64
CA PHE A 195 -15.67 6.40 -9.99
C PHE A 195 -15.73 6.08 -11.49
N GLU A 196 -16.02 4.82 -11.82
CA GLU A 196 -16.01 4.41 -13.21
C GLU A 196 -17.33 4.80 -13.87
N VAL A 197 -17.25 5.38 -15.06
CA VAL A 197 -18.47 5.72 -15.81
C VAL A 197 -18.41 5.23 -17.24
N GLU A 198 -19.54 5.37 -17.93
CA GLU A 198 -19.61 5.15 -19.36
C GLU A 198 -20.08 6.43 -20.04
N THR A 199 -19.34 6.86 -21.05
CA THR A 199 -19.70 8.03 -21.82
C THR A 199 -19.96 7.58 -23.26
N PRO A 200 -20.59 8.43 -24.07
CA PRO A 200 -21.09 7.97 -25.38
C PRO A 200 -19.98 7.57 -26.32
N MET A 201 -20.18 6.52 -27.11
CA MET A 201 -19.22 6.21 -28.13
C MET A 201 -19.58 6.90 -29.44
N MET A 202 -20.79 7.40 -29.52
CA MET A 202 -21.18 8.18 -30.70
C MET A 202 -21.43 9.62 -30.31
N ASN A 203 -20.74 10.55 -30.98
CA ASN A 203 -20.90 11.95 -30.63
CA ASN A 203 -20.78 11.98 -30.65
C ASN A 203 -21.25 12.81 -31.83
N LEU A 204 -21.80 13.99 -31.56
CA LEU A 204 -22.09 14.92 -32.64
C LEU A 204 -20.77 15.48 -33.19
N ILE A 205 -19.76 15.53 -32.33
CA ILE A 205 -18.46 16.10 -32.67
C ILE A 205 -17.37 15.23 -32.07
N ALA A 206 -16.35 14.89 -32.84
CA ALA A 206 -15.26 14.09 -32.28
C ALA A 206 -14.15 15.00 -31.75
N GLY A 207 -13.91 14.95 -30.44
CA GLY A 207 -12.97 15.87 -29.80
C GLY A 207 -12.17 15.16 -28.73
N GLY A 208 -11.28 15.90 -28.08
CA GLY A 208 -10.49 15.35 -27.00
C GLY A 208 -9.18 14.76 -27.47
N ALA A 209 -8.92 14.87 -28.76
CA ALA A 209 -7.62 14.49 -29.32
C ALA A 209 -7.52 15.01 -30.75
N ASN A 210 -6.37 14.82 -31.38
CA ASN A 210 -6.20 15.21 -32.76
C ASN A 210 -6.08 13.99 -33.67
N ALA A 211 -7.22 13.51 -34.16
CA ALA A 211 -7.26 12.33 -35.03
C ALA A 211 -8.46 12.40 -35.96
N ARG A 212 -8.41 11.66 -37.05
CA ARG A 212 -9.49 11.58 -38.01
C ARG A 212 -10.54 10.60 -37.48
N PRO A 213 -11.83 10.93 -37.54
CA PRO A 213 -12.85 10.07 -36.96
C PRO A 213 -13.47 9.06 -37.94
N PHE A 214 -14.15 8.04 -37.40
CA PHE A 214 -15.10 7.22 -38.16
C PHE A 214 -16.41 7.94 -38.18
N ILE A 215 -17.16 7.88 -39.27
CA ILE A 215 -18.48 8.46 -39.25
C ILE A 215 -19.51 7.38 -39.56
N THR A 216 -20.63 7.43 -38.85
CA THR A 216 -21.75 6.54 -39.05
C THR A 216 -23.02 7.39 -39.04
N HIS A 217 -24.17 6.75 -39.16
CA HIS A 217 -25.42 7.48 -39.41
C HIS A 217 -26.58 6.86 -38.64
N HIS A 218 -27.33 7.69 -37.93
CA HIS A 218 -28.53 7.21 -37.25
C HIS A 218 -29.72 7.51 -38.13
N ASN A 219 -30.38 6.45 -38.58
CA ASN A 219 -31.45 6.55 -39.59
C ASN A 219 -32.63 7.35 -39.08
N ASP A 220 -33.09 7.03 -37.88
CA ASP A 220 -34.31 7.61 -37.35
C ASP A 220 -34.19 9.12 -37.09
N LEU A 221 -33.02 9.54 -36.61
CA LEU A 221 -32.79 10.96 -36.38
C LEU A 221 -32.25 11.64 -37.64
N ASP A 222 -31.97 10.84 -38.66
CA ASP A 222 -31.31 11.33 -39.87
C ASP A 222 -30.10 12.15 -39.49
N LEU A 223 -29.19 11.55 -38.74
CA LEU A 223 -28.11 12.33 -38.13
C LEU A 223 -26.77 11.63 -38.31
N ASP A 224 -25.79 12.32 -38.87
CA ASP A 224 -24.46 11.73 -38.90
C ASP A 224 -23.85 11.83 -37.50
N LEU A 225 -23.21 10.75 -37.09
CA LEU A 225 -22.53 10.69 -35.80
C LEU A 225 -21.08 10.28 -36.01
N TYR A 226 -20.23 10.69 -35.10
CA TYR A 226 -18.82 10.33 -35.14
C TYR A 226 -18.52 9.39 -34.00
N LEU A 227 -17.72 8.35 -34.27
CA LEU A 227 -17.28 7.49 -33.20
C LEU A 227 -16.25 8.26 -32.40
N ARG A 228 -16.25 8.09 -31.09
CA ARG A 228 -15.34 8.88 -30.27
C ARG A 228 -13.86 8.59 -30.55
N ILE A 229 -13.04 9.65 -30.54
CA ILE A 229 -11.60 9.47 -30.69
C ILE A 229 -10.91 9.54 -29.33
N ALA A 230 -11.64 9.97 -28.31
CA ALA A 230 -11.11 10.06 -26.95
C ALA A 230 -12.31 10.18 -26.02
N THR A 231 -12.10 10.07 -24.70
CA THR A 231 -13.22 10.25 -23.75
C THR A 231 -13.11 11.54 -22.92
N GLU A 232 -12.13 12.35 -23.24
CA GLU A 232 -11.77 13.54 -22.44
C GLU A 232 -12.90 14.53 -22.12
N LEU A 233 -13.65 14.94 -23.14
CA LEU A 233 -14.60 16.05 -22.94
C LEU A 233 -15.79 15.70 -22.03
N PRO A 234 -16.46 14.55 -22.28
CA PRO A 234 -17.54 14.26 -21.32
C PRO A 234 -17.06 13.95 -19.89
N LEU A 235 -15.87 13.36 -19.76
CA LEU A 235 -15.33 13.13 -18.43
C LEU A 235 -15.10 14.46 -17.70
N LYS A 236 -14.53 15.43 -18.42
CA LYS A 236 -14.31 16.74 -17.79
C LYS A 236 -15.64 17.37 -17.43
N MET A 237 -16.64 17.12 -18.29
CA MET A 237 -17.98 17.61 -17.97
C MET A 237 -18.51 17.01 -16.69
N LEU A 238 -18.10 15.77 -16.41
CA LEU A 238 -18.51 15.12 -15.15
C LEU A 238 -17.77 15.70 -13.93
N ILE A 239 -16.52 16.10 -14.14
CA ILE A 239 -15.82 16.81 -13.06
C ILE A 239 -16.61 18.10 -12.75
N VAL A 240 -17.02 18.83 -13.79
CA VAL A 240 -17.87 20.04 -13.56
C VAL A 240 -19.07 19.66 -12.71
N GLY A 241 -19.65 18.48 -12.97
CA GLY A 241 -20.79 17.98 -12.24
C GLY A 241 -20.53 17.52 -10.81
N GLY A 242 -19.27 17.54 -10.39
CA GLY A 242 -18.93 17.21 -9.02
C GLY A 242 -18.53 15.76 -8.79
N ILE A 243 -18.35 15.00 -9.86
CA ILE A 243 -17.74 13.67 -9.72
C ILE A 243 -16.24 13.88 -9.79
N ASP A 244 -15.63 14.15 -8.63
CA ASP A 244 -14.29 14.71 -8.58
C ASP A 244 -13.14 13.74 -8.87
N LYS A 245 -13.42 12.45 -8.85
CA LYS A 245 -12.48 11.44 -9.33
C LYS A 245 -13.24 10.51 -10.24
N VAL A 246 -12.94 10.54 -11.53
CA VAL A 246 -13.83 9.85 -12.49
C VAL A 246 -12.98 9.22 -13.58
N TYR A 247 -13.42 8.09 -14.12
CA TYR A 247 -12.60 7.45 -15.13
C TYR A 247 -13.45 6.56 -16.03
N GLU A 248 -12.90 6.25 -17.21
CA GLU A 248 -13.53 5.33 -18.15
C GLU A 248 -12.46 4.46 -18.79
N ILE A 249 -12.72 3.16 -18.82
CA ILE A 249 -11.91 2.24 -19.59
C ILE A 249 -12.76 1.67 -20.75
N GLY A 250 -12.32 1.90 -21.98
CA GLY A 250 -13.14 1.46 -23.10
C GLY A 250 -12.52 1.77 -24.44
N LYS A 251 -13.25 1.47 -25.50
CA LYS A 251 -12.74 1.57 -26.85
C LYS A 251 -12.80 3.01 -27.32
N VAL A 252 -11.79 3.43 -28.06
CA VAL A 252 -11.86 4.62 -28.88
C VAL A 252 -11.46 4.21 -30.30
N PHE A 253 -11.74 5.09 -31.26
CA PHE A 253 -11.71 4.75 -32.68
C PHE A 253 -10.96 5.81 -33.47
N ARG A 254 -9.95 5.40 -34.22
CA ARG A 254 -9.18 6.38 -34.95
C ARG A 254 -9.05 5.87 -36.38
N ASN A 255 -9.65 6.62 -37.29
CA ASN A 255 -9.70 6.26 -38.69
C ASN A 255 -8.36 6.48 -39.38
N GLU A 256 -7.41 5.59 -39.14
CA GLU A 256 -6.12 5.68 -39.81
C GLU A 256 -5.53 4.30 -40.05
N GLY A 257 -4.36 4.27 -40.65
CA GLY A 257 -3.76 3.05 -41.12
C GLY A 257 -3.34 2.09 -40.02
N ILE A 258 -3.37 0.81 -40.36
CA ILE A 258 -2.91 -0.24 -39.46
C ILE A 258 -1.40 -0.44 -39.53
N ASP A 259 -0.74 -0.53 -38.38
CA ASP A 259 0.62 -1.04 -38.34
C ASP A 259 0.87 -1.71 -36.99
N ASN A 260 2.14 -1.95 -36.66
CA ASN A 260 2.46 -2.71 -35.46
C ASN A 260 2.03 -2.04 -34.15
N THR A 261 1.86 -0.72 -34.16
CA THR A 261 1.45 -0.03 -32.94
C THR A 261 0.13 0.71 -33.10
N HIS A 262 -0.56 0.45 -34.21
CA HIS A 262 -1.82 1.11 -34.52
C HIS A 262 -2.93 0.13 -34.98
N ASN A 263 -4.02 0.06 -34.23
CA ASN A 263 -5.27 -0.61 -34.64
C ASN A 263 -6.37 0.45 -34.57
N PRO A 264 -7.26 0.49 -35.58
CA PRO A 264 -8.20 1.62 -35.64
C PRO A 264 -9.27 1.60 -34.56
N GLU A 265 -9.40 0.48 -33.85
CA GLU A 265 -10.09 0.54 -32.56
C GLU A 265 -9.13 0.02 -31.50
N PHE A 266 -9.02 0.77 -30.41
CA PHE A 266 -8.14 0.31 -29.34
C PHE A 266 -8.69 0.73 -27.99
N THR A 267 -8.10 0.20 -26.95
CA THR A 267 -8.64 0.37 -25.63
C THR A 267 -7.80 1.40 -24.87
N SER A 268 -8.47 2.41 -24.36
CA SER A 268 -7.80 3.42 -23.56
C SER A 268 -8.45 3.52 -22.21
N CYS A 269 -7.70 4.07 -21.25
CA CYS A 269 -8.28 4.45 -19.99
C CYS A 269 -8.02 5.94 -19.82
N GLU A 270 -9.00 6.72 -19.37
CA GLU A 270 -8.75 8.14 -19.04
C GLU A 270 -9.33 8.38 -17.66
N PHE A 271 -8.60 9.10 -16.81
CA PHE A 271 -9.15 9.50 -15.52
C PHE A 271 -8.96 10.99 -15.35
N TYR A 272 -9.89 11.60 -14.62
CA TYR A 272 -9.82 13.01 -14.27
C TYR A 272 -9.90 13.13 -12.75
N TRP A 273 -8.99 13.95 -12.22
CA TRP A 273 -8.72 14.00 -10.80
C TRP A 273 -8.74 15.47 -10.34
N ALA A 274 -9.86 15.88 -9.77
CA ALA A 274 -10.04 17.26 -9.36
C ALA A 274 -9.03 17.58 -8.26
N TYR A 275 -8.45 18.78 -8.38
CA TYR A 275 -7.52 19.41 -7.42
C TYR A 275 -6.10 18.83 -7.51
N ALA A 276 -5.89 17.99 -8.50
CA ALA A 276 -4.55 17.47 -8.80
C ALA A 276 -3.96 18.29 -9.93
N ASP A 277 -2.65 18.20 -10.11
CA ASP A 277 -2.00 18.83 -11.26
C ASP A 277 -0.93 17.94 -11.85
N TYR A 278 -0.23 18.47 -12.85
CA TYR A 278 0.97 17.88 -13.45
C TYR A 278 1.87 17.03 -12.52
N ASN A 279 2.24 17.57 -11.38
CA ASN A 279 3.13 16.84 -10.49
C ASN A 279 2.50 15.58 -9.88
N ASP A 280 1.23 15.71 -9.48
CA ASP A 280 0.45 14.57 -9.00
C ASP A 280 0.37 13.50 -10.08
N LEU A 281 0.35 13.95 -11.33
CA LEU A 281 0.14 12.99 -12.46
C LEU A 281 1.44 12.27 -12.80
N ILE A 282 2.57 12.98 -12.71
CA ILE A 282 3.87 12.34 -12.87
C ILE A 282 4.04 11.25 -11.79
N LYS A 283 3.72 11.62 -10.56
CA LYS A 283 3.84 10.66 -9.45
C LYS A 283 2.90 9.45 -9.64
N TRP A 284 1.65 9.72 -10.04
CA TRP A 284 0.70 8.68 -10.34
C TRP A 284 1.29 7.73 -11.38
N SER A 285 1.92 8.27 -12.42
CA SER A 285 2.43 7.43 -13.49
C SER A 285 3.55 6.53 -13.04
N GLU A 286 4.49 7.12 -12.29
CA GLU A 286 5.59 6.29 -11.78
C GLU A 286 5.11 5.19 -10.82
N ASP A 287 4.22 5.58 -9.90
CA ASP A 287 3.62 4.62 -8.98
C ASP A 287 2.92 3.51 -9.71
N PHE A 288 2.10 3.90 -10.67
CA PHE A 288 1.28 2.91 -11.34
C PHE A 288 2.10 1.95 -12.18
N PHE A 289 3.03 2.45 -12.99
CA PHE A 289 3.75 1.51 -13.83
C PHE A 289 4.69 0.63 -13.02
N SER A 290 5.38 1.23 -12.05
CA SER A 290 6.28 0.41 -11.25
C SER A 290 5.50 -0.68 -10.50
N GLN A 291 4.35 -0.28 -9.92
CA GLN A 291 3.56 -1.26 -9.19
C GLN A 291 2.92 -2.33 -10.11
N LEU A 292 2.47 -1.93 -11.29
CA LEU A 292 1.89 -2.90 -12.25
C LEU A 292 2.92 -3.98 -12.64
N VAL A 293 4.07 -3.51 -13.08
CA VAL A 293 5.14 -4.42 -13.46
C VAL A 293 5.54 -5.32 -12.29
N TYR A 294 5.69 -4.75 -11.10
CA TYR A 294 6.01 -5.61 -9.95
C TYR A 294 4.91 -6.64 -9.67
N HIS A 295 3.65 -6.22 -9.86
CA HIS A 295 2.50 -7.09 -9.66
C HIS A 295 2.53 -8.27 -10.63
N LEU A 296 2.99 -8.03 -11.86
CA LEU A 296 3.00 -9.12 -12.86
C LEU A 296 4.25 -9.99 -12.84
N PHE A 297 5.37 -9.45 -12.37
CA PHE A 297 6.66 -10.12 -12.51
C PHE A 297 7.43 -10.32 -11.20
N GLY A 298 7.09 -9.55 -10.17
CA GLY A 298 7.81 -9.59 -8.91
C GLY A 298 9.20 -9.01 -9.06
N THR A 299 9.36 -8.18 -10.08
CA THR A 299 10.59 -7.46 -10.35
C THR A 299 10.20 -6.18 -11.08
N TYR A 300 11.12 -5.24 -11.23
CA TYR A 300 10.85 -4.01 -11.99
C TYR A 300 11.55 -4.05 -13.34
N LYS A 301 12.32 -5.11 -13.56
CA LYS A 301 13.05 -5.24 -14.80
C LYS A 301 12.49 -6.36 -15.66
N ILE A 302 12.11 -6.04 -16.88
CA ILE A 302 11.62 -7.07 -17.77
C ILE A 302 12.46 -7.05 -19.03
N SER A 303 12.48 -8.14 -19.78
CA SER A 303 13.18 -8.13 -21.05
C SER A 303 12.16 -7.97 -22.17
N TYR A 304 12.61 -7.39 -23.28
CA TYR A 304 11.71 -7.08 -24.37
C TYR A 304 12.43 -7.15 -25.71
N ASN A 305 11.89 -7.94 -26.63
CA ASN A 305 12.47 -8.06 -27.96
C ASN A 305 11.95 -6.98 -28.89
N LYS A 306 12.57 -5.81 -28.84
CA LYS A 306 12.07 -4.68 -29.59
C LYS A 306 12.23 -4.92 -31.09
N ASP A 307 13.25 -5.68 -31.47
CA ASP A 307 13.54 -5.89 -32.88
C ASP A 307 13.40 -7.34 -33.32
N GLY A 308 12.36 -8.03 -32.85
CA GLY A 308 12.09 -9.37 -33.31
C GLY A 308 12.36 -10.45 -32.27
N PRO A 309 11.53 -11.50 -32.28
CA PRO A 309 11.53 -12.59 -31.30
C PRO A 309 12.85 -13.36 -31.18
N GLU A 310 13.68 -13.36 -32.22
CA GLU A 310 14.93 -14.11 -32.16
C GLU A 310 16.17 -13.22 -32.26
N ASN A 311 15.95 -11.92 -32.34
CA ASN A 311 17.04 -10.97 -32.19
C ASN A 311 17.21 -10.64 -30.71
N GLN A 312 18.32 -9.98 -30.37
CA GLN A 312 18.67 -9.76 -28.97
C GLN A 312 17.66 -8.86 -28.25
N PRO A 313 17.14 -9.31 -27.10
CA PRO A 313 16.23 -8.50 -26.29
C PRO A 313 16.97 -7.40 -25.54
N ILE A 314 16.29 -6.29 -25.24
CA ILE A 314 16.84 -5.29 -24.35
C ILE A 314 16.15 -5.40 -23.00
N GLU A 315 16.76 -4.81 -21.97
CA GLU A 315 16.11 -4.80 -20.66
C GLU A 315 15.44 -3.45 -20.44
N ILE A 316 14.19 -3.48 -19.98
CA ILE A 316 13.50 -2.25 -19.56
C ILE A 316 13.34 -2.25 -18.03
N ASP A 317 13.80 -1.16 -17.42
CA ASP A 317 13.76 -1.00 -15.98
C ASP A 317 12.67 -0.01 -15.59
N PHE A 318 11.69 -0.48 -14.82
CA PHE A 318 10.54 0.33 -14.45
C PHE A 318 10.70 0.90 -13.04
N THR A 319 11.91 0.83 -12.51
CA THR A 319 12.23 1.45 -11.22
C THR A 319 12.10 2.96 -11.30
N PRO A 320 11.22 3.55 -10.47
CA PRO A 320 11.09 5.00 -10.49
C PRO A 320 12.25 5.65 -9.72
N PRO A 321 12.54 6.93 -9.98
CA PRO A 321 11.81 7.78 -10.93
C PRO A 321 12.27 7.65 -12.37
N TYR A 322 11.51 8.24 -13.27
CA TYR A 322 11.80 8.20 -14.69
C TYR A 322 12.27 9.56 -15.16
N PRO A 323 13.15 9.59 -16.18
CA PRO A 323 13.65 10.84 -16.76
C PRO A 323 12.57 11.76 -17.34
N LYS A 324 12.69 13.07 -17.11
CA LYS A 324 11.79 14.04 -17.75
C LYS A 324 12.57 14.93 -18.72
N VAL A 325 12.09 14.98 -19.96
CA VAL A 325 12.80 15.64 -21.05
C VAL A 325 11.92 16.70 -21.66
N SER A 326 12.22 17.97 -21.38
CA SER A 326 11.43 19.07 -21.92
C SER A 326 11.66 19.15 -23.43
N ILE A 327 10.58 19.21 -24.19
CA ILE A 327 10.65 18.97 -25.64
C ILE A 327 11.34 20.07 -26.44
N VAL A 328 10.94 21.33 -26.23
CA VAL A 328 11.54 22.44 -26.98
C VAL A 328 13.03 22.50 -26.66
N GLU A 329 13.36 22.44 -25.38
CA GLU A 329 14.74 22.57 -24.95
C GLU A 329 15.60 21.45 -25.52
N GLU A 330 15.07 20.23 -25.51
CA GLU A 330 15.80 19.08 -26.03
C GLU A 330 15.99 19.14 -27.55
N ILE A 331 14.95 19.57 -28.26
CA ILE A 331 15.06 19.71 -29.71
C ILE A 331 16.15 20.73 -30.02
N GLU A 332 16.06 21.88 -29.37
CA GLU A 332 17.06 22.93 -29.50
C GLU A 332 18.46 22.38 -29.25
N LYS A 333 18.61 21.63 -28.16
CA LYS A 333 19.92 21.15 -27.75
C LYS A 333 20.51 20.13 -28.71
N VAL A 334 19.68 19.26 -29.26
CA VAL A 334 20.21 18.24 -30.17
C VAL A 334 20.29 18.74 -31.60
N THR A 335 19.75 19.93 -31.87
CA THR A 335 19.88 20.51 -33.20
C THR A 335 20.81 21.70 -33.20
N ASN A 336 21.40 21.98 -32.04
CA ASN A 336 22.24 23.17 -31.84
C ASN A 336 21.57 24.44 -32.37
N THR A 337 20.26 24.52 -32.22
CA THR A 337 19.47 25.64 -32.71
C THR A 337 18.67 26.33 -31.60
N ILE A 338 18.05 27.46 -31.94
CA ILE A 338 17.18 28.16 -31.03
C ILE A 338 15.82 28.33 -31.71
N LEU A 339 14.77 27.84 -31.07
CA LEU A 339 13.43 27.95 -31.64
C LEU A 339 12.61 28.97 -30.88
N GLU A 340 12.63 30.21 -31.36
CA GLU A 340 12.04 31.31 -30.61
C GLU A 340 10.54 31.41 -30.83
N GLN A 341 9.84 31.88 -29.80
CA GLN A 341 8.40 32.10 -29.86
C GLN A 341 8.08 33.46 -30.45
N PRO A 342 6.91 33.60 -31.11
CA PRO A 342 5.87 32.60 -31.39
C PRO A 342 6.35 31.45 -32.26
N PHE A 343 6.05 30.22 -31.89
CA PHE A 343 6.57 29.06 -32.61
C PHE A 343 6.11 29.01 -34.06
N ASP A 344 5.04 29.73 -34.37
CA ASP A 344 4.51 29.77 -35.73
C ASP A 344 4.89 31.06 -36.43
N SER A 345 5.98 31.69 -35.99
CA SER A 345 6.50 32.84 -36.71
C SER A 345 7.23 32.34 -37.95
N ASN A 346 7.27 33.19 -38.98
CA ASN A 346 7.93 32.86 -40.24
C ASN A 346 9.36 32.38 -40.03
N GLU A 347 10.10 33.08 -39.17
CA GLU A 347 11.48 32.72 -38.90
C GLU A 347 11.61 31.34 -38.26
N THR A 348 10.74 31.07 -37.29
CA THR A 348 10.80 29.80 -36.55
C THR A 348 10.32 28.63 -37.42
N ILE A 349 9.26 28.87 -38.19
CA ILE A 349 8.75 27.85 -39.11
C ILE A 349 9.82 27.52 -40.15
N GLU A 350 10.43 28.56 -40.71
CA GLU A 350 11.52 28.40 -41.67
C GLU A 350 12.65 27.59 -41.05
N LYS A 351 12.99 27.92 -39.82
CA LYS A 351 14.09 27.24 -39.14
C LYS A 351 13.79 25.75 -38.96
N MET A 352 12.56 25.44 -38.56
CA MET A 352 12.18 24.06 -38.33
C MET A 352 12.12 23.25 -39.63
N ILE A 353 11.60 23.88 -40.67
CA ILE A 353 11.57 23.27 -42.00
C ILE A 353 13.00 22.96 -42.44
N ASN A 354 13.90 23.90 -42.21
CA ASN A 354 15.29 23.68 -42.57
C ASN A 354 15.91 22.54 -41.78
N ILE A 355 15.61 22.45 -40.49
CA ILE A 355 16.07 21.32 -39.69
C ILE A 355 15.57 20.00 -40.26
N ILE A 356 14.32 20.00 -40.70
CA ILE A 356 13.70 18.79 -41.20
C ILE A 356 14.33 18.37 -42.52
N LYS A 357 14.46 19.30 -43.46
CA LYS A 357 15.02 18.99 -44.77
C LYS A 357 16.49 18.60 -44.66
N GLU A 358 17.19 19.22 -43.71
CA GLU A 358 18.61 18.94 -43.50
C GLU A 358 18.86 17.52 -43.00
N HIS A 359 17.96 17.00 -42.18
CA HIS A 359 18.15 15.64 -41.64
C HIS A 359 17.38 14.60 -42.43
N LYS A 360 16.97 14.98 -43.64
CA LYS A 360 16.28 14.09 -44.57
C LYS A 360 15.13 13.35 -43.91
N ILE A 361 14.24 14.10 -43.26
CA ILE A 361 13.04 13.50 -42.70
C ILE A 361 11.82 14.10 -43.40
N GLU A 362 10.70 13.39 -43.32
CA GLU A 362 9.51 13.73 -44.09
C GLU A 362 8.90 15.06 -43.63
N LEU A 363 8.85 16.02 -44.55
CA LEU A 363 8.22 17.30 -44.25
C LEU A 363 6.72 17.08 -44.10
N PRO A 364 6.16 17.46 -42.93
CA PRO A 364 4.73 17.29 -42.68
C PRO A 364 3.86 18.10 -43.64
N ASN A 365 2.69 17.55 -43.96
CA ASN A 365 1.75 18.20 -44.87
C ASN A 365 0.36 18.34 -44.23
N PRO A 366 -0.04 19.57 -43.90
CA PRO A 366 0.68 20.84 -44.08
C PRO A 366 1.82 21.03 -43.08
N PRO A 367 2.77 21.93 -43.39
CA PRO A 367 3.90 22.15 -42.49
C PRO A 367 3.61 23.27 -41.47
N THR A 368 2.59 23.06 -40.65
CA THR A 368 2.22 23.99 -39.60
C THR A 368 3.19 23.85 -38.44
N ALA A 369 3.23 24.85 -37.55
CA ALA A 369 4.20 24.83 -36.46
C ALA A 369 4.05 23.59 -35.59
N ALA A 370 2.82 23.26 -35.20
CA ALA A 370 2.56 22.09 -34.35
C ALA A 370 3.03 20.79 -35.01
N LYS A 371 2.72 20.64 -36.30
CA LYS A 371 3.08 19.42 -37.01
C LYS A 371 4.59 19.29 -37.15
N LEU A 372 5.24 20.42 -37.42
CA LEU A 372 6.70 20.47 -37.50
C LEU A 372 7.34 20.07 -36.17
N LEU A 373 6.86 20.68 -35.09
CA LEU A 373 7.38 20.39 -33.76
C LEU A 373 7.21 18.92 -33.42
N ASP A 374 6.02 18.40 -33.71
CA ASP A 374 5.73 17.01 -33.44
C ASP A 374 6.68 16.09 -34.25
N GLN A 375 6.95 16.45 -35.50
CA GLN A 375 7.88 15.67 -36.33
C GLN A 375 9.29 15.68 -35.76
N LEU A 376 9.74 16.86 -35.36
CA LEU A 376 11.06 17.01 -34.76
C LEU A 376 11.16 16.17 -33.51
N ALA A 377 10.13 16.21 -32.67
CA ALA A 377 10.15 15.45 -31.43
C ALA A 377 10.23 13.96 -31.73
N SER A 378 9.39 13.54 -32.68
CA SER A 378 9.37 12.16 -33.15
C SER A 378 10.76 11.70 -33.53
N HIS A 379 11.47 12.50 -34.33
CA HIS A 379 12.77 12.04 -34.84
C HIS A 379 13.96 12.24 -33.89
N PHE A 380 13.89 13.20 -32.98
CA PHE A 380 15.04 13.46 -32.12
C PHE A 380 14.86 12.98 -30.69
N ILE A 381 13.63 13.04 -30.18
CA ILE A 381 13.45 12.80 -28.76
C ILE A 381 12.85 11.44 -28.42
N GLU A 382 11.79 11.05 -29.14
CA GLU A 382 10.96 9.93 -28.69
C GLU A 382 11.72 8.60 -28.54
N ASN A 383 12.87 8.46 -29.21
CA ASN A 383 13.68 7.27 -29.04
C ASN A 383 14.92 7.47 -28.16
N LYS A 384 14.91 8.53 -27.35
CA LYS A 384 16.03 8.90 -26.47
C LYS A 384 16.45 7.78 -25.52
N TYR A 385 15.48 7.21 -24.81
CA TYR A 385 15.74 6.10 -23.91
C TYR A 385 14.99 4.86 -24.36
N ASN A 386 15.61 3.70 -24.21
CA ASN A 386 14.94 2.44 -24.47
C ASN A 386 15.06 1.51 -23.25
N ASP A 387 16.05 1.78 -22.41
CA ASP A 387 16.29 0.96 -21.23
C ASP A 387 15.37 1.34 -20.06
N LYS A 388 14.57 2.38 -20.24
CA LYS A 388 13.62 2.78 -19.23
C LYS A 388 12.49 3.63 -19.81
N PRO A 389 11.31 3.60 -19.18
CA PRO A 389 10.26 4.52 -19.58
C PRO A 389 10.73 5.94 -19.31
N PHE A 390 10.25 6.93 -20.07
CA PHE A 390 10.58 8.31 -19.74
C PHE A 390 9.45 9.23 -20.21
N PHE A 391 9.39 10.41 -19.63
CA PHE A 391 8.44 11.44 -20.02
C PHE A 391 9.06 12.50 -20.92
N ILE A 392 8.33 12.88 -21.94
CA ILE A 392 8.56 14.11 -22.67
C ILE A 392 7.59 15.11 -22.06
N VAL A 393 8.07 16.30 -21.73
CA VAL A 393 7.24 17.23 -20.95
C VAL A 393 7.23 18.63 -21.51
N GLU A 394 6.29 19.45 -21.03
CA GLU A 394 6.23 20.88 -21.27
C GLU A 394 6.01 21.28 -22.73
N HIS A 395 5.13 20.52 -23.39
CA HIS A 395 4.74 20.78 -24.76
C HIS A 395 4.21 22.20 -24.94
N PRO A 396 4.60 22.86 -26.04
CA PRO A 396 4.01 24.14 -26.46
C PRO A 396 2.49 24.14 -26.45
N GLN A 397 1.89 25.27 -26.15
CA GLN A 397 0.43 25.40 -26.13
C GLN A 397 -0.17 25.13 -27.50
N ILE A 398 0.58 25.44 -28.56
CA ILE A 398 0.02 25.24 -29.91
C ILE A 398 -0.08 23.75 -30.27
N MET A 399 0.62 22.89 -29.55
CA MET A 399 0.49 21.42 -29.73
C MET A 399 -0.56 20.83 -28.79
N SER A 400 -1.07 21.64 -27.88
CA SER A 400 -1.77 21.13 -26.71
C SER A 400 -2.98 21.95 -26.37
N PRO A 401 -4.02 21.91 -27.22
CA PRO A 401 -5.13 22.88 -27.09
C PRO A 401 -5.98 22.73 -25.84
N LEU A 402 -5.84 21.61 -25.13
CA LEU A 402 -6.70 21.33 -23.97
C LEU A 402 -5.92 21.36 -22.64
N ALA A 403 -4.63 21.63 -22.74
CA ALA A 403 -3.75 21.60 -21.55
C ALA A 403 -3.52 23.02 -21.02
N LYS A 404 -3.43 23.14 -19.70
CA LYS A 404 -3.30 24.45 -19.08
C LYS A 404 -1.92 25.06 -19.30
N TYR A 405 -1.87 26.37 -19.56
CA TYR A 405 -0.60 27.07 -19.74
C TYR A 405 0.29 26.84 -18.54
N HIS A 406 1.59 26.76 -18.81
CA HIS A 406 2.58 26.43 -17.79
C HIS A 406 2.68 27.60 -16.82
N ARG A 407 2.77 27.35 -15.52
CA ARG A 407 2.63 28.48 -14.59
C ARG A 407 3.85 29.41 -14.60
N THR A 408 5.00 28.92 -15.05
CA THR A 408 6.20 29.75 -15.10
C THR A 408 6.84 29.90 -16.50
N LYS A 409 6.40 29.11 -17.47
CA LYS A 409 7.07 29.11 -18.77
C LYS A 409 6.10 29.47 -19.88
N PRO A 410 6.10 30.75 -20.30
CA PRO A 410 5.18 31.21 -21.34
C PRO A 410 5.27 30.37 -22.62
N GLY A 411 4.12 30.19 -23.26
CA GLY A 411 4.08 29.43 -24.49
C GLY A 411 4.01 27.92 -24.29
N LEU A 412 4.36 27.42 -23.11
CA LEU A 412 4.37 25.98 -22.88
C LEU A 412 3.15 25.56 -22.03
N THR A 413 2.96 24.25 -21.83
CA THR A 413 1.88 23.72 -21.01
C THR A 413 2.40 22.74 -19.96
N GLU A 414 1.55 22.36 -19.02
CA GLU A 414 1.90 21.39 -17.98
C GLU A 414 1.47 20.00 -18.41
N ARG A 415 2.15 19.52 -19.45
CA ARG A 415 1.84 18.27 -20.12
C ARG A 415 3.00 17.29 -20.00
N LEU A 416 2.66 16.02 -19.97
CA LEU A 416 3.61 14.94 -19.90
C LEU A 416 3.13 13.80 -20.78
N GLU A 417 4.05 13.20 -21.53
CA GLU A 417 3.78 12.01 -22.32
C GLU A 417 4.78 10.96 -21.91
N MET A 418 4.34 9.75 -21.61
CA MET A 418 5.30 8.74 -21.27
C MET A 418 5.49 7.75 -22.42
N PHE A 419 6.75 7.38 -22.62
CA PHE A 419 7.18 6.52 -23.70
C PHE A 419 7.91 5.32 -23.15
N ILE A 420 7.69 4.19 -23.80
CA ILE A 420 8.40 2.94 -23.55
C ILE A 420 8.92 2.45 -24.90
N CYS A 421 10.23 2.27 -25.01
CA CYS A 421 10.88 1.89 -26.28
C CYS A 421 10.43 2.73 -27.46
N GLY A 422 10.34 4.04 -27.26
CA GLY A 422 9.96 4.93 -28.33
C GLY A 422 8.48 4.96 -28.64
N LYS A 423 7.66 4.26 -27.87
CA LYS A 423 6.23 4.33 -28.12
C LYS A 423 5.46 5.03 -27.00
N GLU A 424 4.57 5.94 -27.40
CA GLU A 424 3.71 6.63 -26.45
C GLU A 424 2.72 5.67 -25.84
N VAL A 425 2.62 5.69 -24.51
CA VAL A 425 1.62 4.87 -23.84
C VAL A 425 0.74 5.71 -22.93
N LEU A 426 1.04 7.00 -22.82
CA LEU A 426 0.41 7.81 -21.79
C LEU A 426 0.48 9.29 -22.15
N ASN A 427 -0.59 10.02 -21.88
CA ASN A 427 -0.63 11.45 -22.19
C ASN A 427 -1.39 12.09 -21.06
N ALA A 428 -0.86 13.15 -20.46
CA ALA A 428 -1.51 13.71 -19.28
C ALA A 428 -1.19 15.18 -19.16
N TYR A 429 -2.07 15.93 -18.51
CA TYR A 429 -1.77 17.33 -18.17
C TYR A 429 -2.67 17.91 -17.12
N THR A 430 -2.20 19.03 -16.55
CA THR A 430 -3.05 19.94 -15.84
C THR A 430 -4.06 20.44 -16.84
N GLU A 431 -5.35 20.38 -16.51
CA GLU A 431 -6.38 20.67 -17.48
C GLU A 431 -6.64 22.16 -17.64
N LEU A 432 -6.82 22.57 -18.88
CA LEU A 432 -7.22 23.93 -19.18
C LEU A 432 -8.65 24.13 -18.67
N ASN A 433 -8.86 25.07 -17.74
CA ASN A 433 -10.20 25.25 -17.18
C ASN A 433 -10.76 26.69 -17.29
N ASP A 434 -10.01 27.61 -17.90
CA ASP A 434 -10.52 28.95 -18.25
C ASP A 434 -11.22 28.89 -19.62
N PRO A 435 -12.55 29.05 -19.66
CA PRO A 435 -13.29 28.90 -20.92
C PRO A 435 -12.89 29.93 -21.99
N PHE A 436 -12.45 31.09 -21.54
CA PHE A 436 -11.93 32.12 -22.41
C PHE A 436 -10.78 31.55 -23.24
N LYS A 437 -9.76 31.08 -22.51
CA LYS A 437 -8.59 30.49 -23.12
C LYS A 437 -8.95 29.28 -23.98
N GLN A 438 -10.00 28.55 -23.59
CA GLN A 438 -10.40 27.34 -24.33
C GLN A 438 -11.00 27.69 -25.69
N LYS A 439 -11.86 28.71 -25.70
CA LYS A 439 -12.41 29.17 -26.96
C LYS A 439 -11.28 29.68 -27.83
N GLU A 440 -10.32 30.39 -27.22
CA GLU A 440 -9.15 30.83 -27.98
C GLU A 440 -8.42 29.66 -28.66
N CYS A 441 -8.11 28.63 -27.87
CA CYS A 441 -7.40 27.45 -28.39
C CYS A 441 -8.18 26.81 -29.53
N PHE A 442 -9.50 26.78 -29.39
CA PHE A 442 -10.36 26.22 -30.44
C PHE A 442 -10.29 27.04 -31.73
N LYS A 443 -10.26 28.36 -31.58
CA LYS A 443 -10.08 29.25 -32.74
C LYS A 443 -8.77 28.94 -33.46
N LEU A 444 -7.67 28.89 -32.70
CA LEU A 444 -6.36 28.56 -33.29
C LEU A 444 -6.38 27.23 -34.03
N GLN A 445 -6.94 26.23 -33.37
CA GLN A 445 -7.08 24.91 -33.96
C GLN A 445 -7.83 24.98 -35.29
N GLN A 446 -8.91 25.78 -35.33
CA GLN A 446 -9.70 25.83 -36.55
C GLN A 446 -8.97 26.55 -37.68
N LYS A 447 -8.30 27.66 -37.38
CA LYS A 447 -7.52 28.29 -38.44
C LYS A 447 -6.41 27.33 -38.91
N ASP A 448 -5.97 26.41 -38.04
CA ASP A 448 -5.08 25.36 -38.51
C ASP A 448 -5.81 24.34 -39.42
N ARG A 449 -7.08 24.07 -39.15
CA ARG A 449 -7.86 23.17 -40.03
C ARG A 449 -8.05 23.82 -41.41
N GLU A 450 -8.13 25.15 -41.39
CA GLU A 450 -8.31 25.96 -42.58
C GLU A 450 -7.08 25.92 -43.49
N LYS A 451 -5.93 25.58 -42.90
CA LYS A 451 -4.69 25.46 -43.65
C LYS A 451 -4.57 24.07 -44.27
N GLY A 452 -5.50 23.18 -43.90
CA GLY A 452 -5.53 21.84 -44.45
C GLY A 452 -5.26 20.73 -43.44
N ASP A 453 -5.17 21.10 -42.17
CA ASP A 453 -4.94 20.10 -41.12
C ASP A 453 -6.26 19.46 -40.71
N THR A 454 -6.44 18.21 -41.12
CA THR A 454 -7.71 17.52 -40.94
C THR A 454 -7.80 16.75 -39.63
N GLU A 455 -6.76 16.82 -38.83
CA GLU A 455 -6.78 16.24 -37.49
C GLU A 455 -6.95 17.32 -36.44
N ALA A 456 -7.21 18.54 -36.87
CA ALA A 456 -7.30 19.67 -35.95
C ALA A 456 -8.58 19.60 -35.12
N ALA A 457 -8.52 20.11 -33.90
CA ALA A 457 -9.68 20.10 -33.00
C ALA A 457 -10.80 21.04 -33.47
N GLN A 458 -12.02 20.51 -33.48
CA GLN A 458 -13.21 21.31 -33.79
C GLN A 458 -13.85 21.86 -32.54
N LEU A 459 -14.53 23.00 -32.67
CA LEU A 459 -15.23 23.61 -31.53
C LEU A 459 -16.36 22.70 -31.03
N ASP A 460 -16.26 22.29 -29.76
CA ASP A 460 -17.36 21.60 -29.06
C ASP A 460 -18.00 22.58 -28.08
N SER A 461 -19.10 23.20 -28.52
CA SER A 461 -19.79 24.24 -27.77
C SER A 461 -20.43 23.71 -26.49
N ALA A 462 -20.90 22.48 -26.50
CA ALA A 462 -21.42 21.88 -25.27
C ALA A 462 -20.33 21.84 -24.18
N PHE A 463 -19.12 21.46 -24.61
CA PHE A 463 -17.99 21.36 -23.68
C PHE A 463 -17.58 22.75 -23.16
N CYS A 464 -17.44 23.72 -24.06
CA CYS A 464 -17.09 25.10 -23.66
C CYS A 464 -18.12 25.67 -22.69
N THR A 465 -19.38 25.40 -23.01
CA THR A 465 -20.47 25.80 -22.14
C THR A 465 -20.30 25.18 -20.77
N SER A 466 -19.88 23.91 -20.72
CA SER A 466 -19.69 23.30 -19.41
C SER A 466 -18.54 23.98 -18.67
N LEU A 467 -17.48 24.39 -19.39
CA LEU A 467 -16.39 25.10 -18.72
C LEU A 467 -16.88 26.39 -18.09
N GLU A 468 -17.87 27.01 -18.71
CA GLU A 468 -18.37 28.28 -18.13
C GLU A 468 -19.08 28.12 -16.79
N TYR A 469 -19.36 26.88 -16.39
CA TYR A 469 -20.03 26.64 -15.11
C TYR A 469 -19.05 26.33 -13.99
N GLY A 470 -17.77 26.31 -14.33
CA GLY A 470 -16.71 26.09 -13.36
C GLY A 470 -16.14 24.68 -13.36
N LEU A 471 -15.01 24.49 -14.04
CA LEU A 471 -14.20 23.29 -13.90
C LEU A 471 -13.13 23.57 -12.87
N PRO A 472 -13.12 22.81 -11.75
CA PRO A 472 -12.07 23.05 -10.76
C PRO A 472 -10.71 22.79 -11.37
N PRO A 473 -9.64 23.33 -10.78
CA PRO A 473 -8.30 22.88 -11.18
C PRO A 473 -8.29 21.34 -11.13
N THR A 474 -7.78 20.71 -12.18
CA THR A 474 -7.97 19.29 -12.41
C THR A 474 -6.78 18.74 -13.17
N GLY A 475 -6.43 17.48 -12.91
CA GLY A 475 -5.40 16.84 -13.69
C GLY A 475 -5.99 15.62 -14.39
N GLY A 476 -5.67 15.44 -15.67
CA GLY A 476 -6.27 14.33 -16.39
C GLY A 476 -5.17 13.53 -17.06
N LEU A 477 -5.47 12.26 -17.31
CA LEU A 477 -4.47 11.33 -17.82
C LEU A 477 -5.11 10.22 -18.63
N GLY A 478 -4.46 9.86 -19.73
CA GLY A 478 -4.90 8.77 -20.60
C GLY A 478 -3.80 7.74 -20.80
N LEU A 479 -4.22 6.47 -20.80
CA LEU A 479 -3.34 5.31 -21.01
C LEU A 479 -3.76 4.52 -22.24
N GLY A 480 -2.80 4.04 -23.02
CA GLY A 480 -3.07 3.09 -24.10
C GLY A 480 -2.93 1.65 -23.63
N ILE A 481 -4.03 0.98 -23.32
CA ILE A 481 -3.97 -0.37 -22.73
C ILE A 481 -3.28 -1.43 -23.63
N ASP A 482 -3.54 -1.37 -24.91
CA ASP A 482 -2.93 -2.29 -25.82
C ASP A 482 -1.40 -2.17 -25.92
N ARG A 483 -0.88 -0.97 -25.99
CA ARG A 483 0.57 -0.82 -26.11
C ARG A 483 1.27 -1.28 -24.84
N ILE A 484 0.69 -0.91 -23.72
CA ILE A 484 1.19 -1.36 -22.42
C ILE A 484 1.23 -2.89 -22.37
N THR A 485 0.14 -3.50 -22.82
CA THR A 485 0.08 -4.95 -22.85
C THR A 485 1.17 -5.53 -23.73
N MET A 486 1.45 -4.89 -24.86
CA MET A 486 2.49 -5.33 -25.78
C MET A 486 3.78 -5.42 -25.03
N PHE A 487 4.12 -4.34 -24.32
CA PHE A 487 5.41 -4.37 -23.59
C PHE A 487 5.41 -5.39 -22.46
N LEU A 488 4.27 -5.63 -21.84
CA LEU A 488 4.26 -6.53 -20.69
C LEU A 488 4.02 -8.01 -21.05
N THR A 489 3.85 -8.31 -22.33
CA THR A 489 3.74 -9.69 -22.80
C THR A 489 4.78 -9.99 -23.88
N ASN A 490 5.71 -9.06 -24.08
CA ASN A 490 6.77 -9.19 -25.09
C ASN A 490 6.28 -9.43 -26.53
N LYS A 491 5.41 -8.57 -27.04
CA LYS A 491 4.88 -8.66 -28.40
C LYS A 491 5.34 -7.45 -29.17
N ASN A 492 5.65 -7.60 -30.46
CA ASN A 492 6.20 -6.41 -31.17
C ASN A 492 5.07 -5.88 -32.03
N SER A 493 3.94 -6.57 -31.97
CA SER A 493 2.81 -6.15 -32.79
C SER A 493 1.52 -6.13 -32.00
N ILE A 494 0.72 -5.09 -32.22
CA ILE A 494 -0.48 -4.87 -31.45
C ILE A 494 -1.53 -5.94 -31.81
N LYS A 495 -1.41 -6.52 -33.00
CA LYS A 495 -2.26 -7.63 -33.39
C LYS A 495 -2.14 -8.78 -32.41
N ASP A 496 -0.99 -8.89 -31.75
CA ASP A 496 -0.75 -9.99 -30.82
C ASP A 496 -1.41 -9.82 -29.45
N VAL A 497 -2.01 -8.66 -29.20
CA VAL A 497 -2.66 -8.45 -27.91
C VAL A 497 -4.14 -8.07 -28.04
N ILE A 498 -4.64 -8.10 -29.27
CA ILE A 498 -6.05 -7.89 -29.52
C ILE A 498 -6.62 -9.19 -30.10
N LEU A 499 -7.69 -9.70 -29.52
CA LEU A 499 -8.16 -11.05 -29.84
C LEU A 499 -8.56 -11.16 -31.31
N PHE A 500 -9.30 -10.15 -31.79
CA PHE A 500 -9.72 -10.11 -33.18
C PHE A 500 -9.30 -8.78 -33.82
N PRO A 501 -8.02 -8.69 -34.21
CA PRO A 501 -7.57 -7.44 -34.81
C PRO A 501 -8.25 -7.20 -36.18
N THR A 502 -8.36 -5.93 -36.53
CA THR A 502 -9.07 -5.53 -37.74
C THR A 502 -8.27 -5.95 -38.97
N MET A 503 -8.92 -6.71 -39.85
CA MET A 503 -8.26 -7.21 -41.05
CA MET A 503 -8.27 -7.23 -41.05
C MET A 503 -9.19 -7.13 -42.25
N ARG A 504 -8.62 -7.12 -43.44
CA ARG A 504 -9.40 -7.21 -44.66
C ARG A 504 -9.94 -8.64 -44.78
N PRO A 505 -11.15 -8.76 -45.27
CA PRO A 505 -11.74 -10.08 -45.49
C PRO A 505 -10.74 -10.88 -46.30
N ALA A 506 -10.66 -12.17 -46.05
CA ALA A 506 -9.71 -13.00 -46.75
C ALA A 506 -10.07 -13.23 -48.21
N VAL B 2 -31.42 40.33 -13.10
CA VAL B 2 -31.98 39.00 -12.99
C VAL B 2 -31.88 38.25 -14.32
N ASP B 3 -31.41 38.94 -15.36
CA ASP B 3 -31.26 38.34 -16.68
C ASP B 3 -29.98 37.51 -16.76
N PRO B 4 -30.11 36.23 -17.14
CA PRO B 4 -28.98 35.30 -17.25
C PRO B 4 -27.90 35.80 -18.21
N ARG B 5 -28.29 36.38 -19.34
CA ARG B 5 -27.33 36.87 -20.32
C ARG B 5 -26.45 37.96 -19.72
N LEU B 6 -27.12 38.96 -19.12
CA LEU B 6 -26.41 40.05 -18.47
C LEU B 6 -25.53 39.51 -17.35
N TYR B 7 -26.08 38.58 -16.58
CA TYR B 7 -25.31 37.93 -15.51
C TYR B 7 -23.99 37.38 -16.05
N PHE B 8 -24.09 36.63 -17.13
CA PHE B 8 -22.91 36.02 -17.75
C PHE B 8 -21.92 37.08 -18.27
N GLU B 9 -22.45 38.16 -18.85
CA GLU B 9 -21.59 39.24 -19.34
C GLU B 9 -20.83 39.92 -18.20
N ASN B 10 -21.53 40.21 -17.10
CA ASN B 10 -20.91 40.78 -15.91
C ASN B 10 -19.86 39.82 -15.32
N ARG B 11 -20.14 38.53 -15.37
CA ARG B 11 -19.20 37.58 -14.79
C ARG B 11 -17.93 37.54 -15.63
N SER B 12 -18.10 37.55 -16.95
CA SER B 12 -16.96 37.51 -17.85
C SER B 12 -16.11 38.77 -17.74
N LYS B 13 -16.80 39.90 -17.61
CA LYS B 13 -16.11 41.15 -17.38
C LYS B 13 -15.34 41.06 -16.07
N PHE B 14 -15.96 40.48 -15.05
CA PHE B 14 -15.30 40.34 -13.76
C PHE B 14 -14.00 39.53 -13.89
N ILE B 15 -14.06 38.42 -14.62
CA ILE B 15 -12.86 37.63 -14.89
C ILE B 15 -11.79 38.49 -15.55
N GLN B 16 -12.19 39.23 -16.57
CA GLN B 16 -11.23 40.05 -17.32
C GLN B 16 -10.58 41.12 -16.45
N ASP B 17 -11.38 41.75 -15.59
CA ASP B 17 -10.90 42.80 -14.72
C ASP B 17 -9.98 42.24 -13.65
N GLN B 18 -10.33 41.08 -13.10
CA GLN B 18 -9.45 40.40 -12.14
C GLN B 18 -8.11 40.15 -12.79
N LYS B 19 -8.12 39.69 -14.03
CA LYS B 19 -6.85 39.47 -14.72
C LYS B 19 -6.09 40.78 -14.87
N ASP B 20 -6.79 41.84 -15.28
CA ASP B 20 -6.18 43.16 -15.44
C ASP B 20 -5.52 43.64 -14.15
N LYS B 21 -6.20 43.43 -13.03
CA LYS B 21 -5.68 43.83 -11.72
C LYS B 21 -4.55 42.90 -11.25
N GLY B 22 -4.15 41.96 -12.10
CA GLY B 22 -3.06 41.05 -11.79
C GLY B 22 -3.43 39.88 -10.89
N ILE B 23 -4.71 39.54 -10.85
CA ILE B 23 -5.16 38.39 -10.08
C ILE B 23 -5.40 37.22 -11.04
N ASN B 24 -4.91 36.03 -10.70
CA ASN B 24 -5.26 34.83 -11.48
C ASN B 24 -6.50 34.20 -10.93
N PRO B 25 -7.62 34.35 -11.64
CA PRO B 25 -8.88 33.81 -11.15
C PRO B 25 -8.99 32.29 -11.41
N TYR B 26 -8.00 31.72 -12.12
CA TYR B 26 -7.94 30.23 -12.26
C TYR B 26 -6.56 29.70 -11.86
N PRO B 27 -6.28 29.68 -10.55
CA PRO B 27 -5.03 29.15 -9.96
C PRO B 27 -4.70 27.74 -10.43
N HIS B 28 -3.41 27.43 -10.59
CA HIS B 28 -3.00 26.13 -11.12
C HIS B 28 -3.22 25.00 -10.12
N LYS B 29 -2.94 25.27 -8.85
CA LYS B 29 -2.93 24.21 -7.85
C LYS B 29 -3.28 24.76 -6.48
N PHE B 30 -4.25 24.13 -5.82
CA PHE B 30 -4.53 24.40 -4.42
C PHE B 30 -4.36 23.04 -3.75
N GLU B 31 -3.48 22.97 -2.75
CA GLU B 31 -3.21 21.68 -2.09
C GLU B 31 -4.08 21.52 -0.85
N ARG B 32 -5.15 20.77 -0.97
CA ARG B 32 -6.06 20.61 0.14
C ARG B 32 -5.60 19.47 1.05
N THR B 33 -6.05 19.50 2.29
CA THR B 33 -5.57 18.56 3.28
C THR B 33 -6.69 17.59 3.66
N ILE B 34 -7.92 17.92 3.27
CA ILE B 34 -9.06 17.10 3.65
C ILE B 34 -10.21 17.31 2.67
N SER B 35 -11.00 16.26 2.42
CA SER B 35 -12.20 16.33 1.59
C SER B 35 -13.40 16.68 2.46
N ILE B 36 -14.50 17.10 1.84
CA ILE B 36 -15.66 17.49 2.62
C ILE B 36 -16.28 16.28 3.38
N PRO B 37 -16.40 15.10 2.72
CA PRO B 37 -16.89 13.96 3.53
C PRO B 37 -15.98 13.59 4.70
N GLU B 38 -14.66 13.68 4.52
CA GLU B 38 -13.72 13.38 5.59
C GLU B 38 -13.80 14.40 6.72
N PHE B 39 -14.00 15.67 6.37
CA PHE B 39 -14.21 16.75 7.34
C PHE B 39 -15.47 16.48 8.16
N ILE B 40 -16.55 16.14 7.47
CA ILE B 40 -17.78 15.79 8.17
C ILE B 40 -17.55 14.59 9.11
N GLU B 41 -16.93 13.52 8.61
CA GLU B 41 -16.72 12.35 9.46
C GLU B 41 -15.88 12.70 10.71
N LYS B 42 -14.86 13.53 10.52
CA LYS B 42 -13.93 13.85 11.58
C LYS B 42 -14.54 14.79 12.63
N TYR B 43 -15.30 15.79 12.19
CA TYR B 43 -15.68 16.86 13.11
C TYR B 43 -17.18 16.95 13.44
N LYS B 44 -17.98 16.01 12.94
CA LYS B 44 -19.43 16.10 13.15
C LYS B 44 -19.84 16.01 14.63
N ASP B 45 -18.92 15.60 15.49
CA ASP B 45 -19.23 15.38 16.90
C ASP B 45 -18.70 16.47 17.82
N LEU B 46 -18.45 17.65 17.26
CA LEU B 46 -18.03 18.77 18.09
C LEU B 46 -19.26 19.30 18.83
N GLY B 47 -19.04 19.91 19.99
CA GLY B 47 -20.15 20.52 20.70
C GLY B 47 -20.47 21.87 20.08
N ASN B 48 -21.70 22.32 20.24
CA ASN B 48 -22.10 23.62 19.72
C ASN B 48 -21.17 24.74 20.17
N GLY B 49 -20.85 25.65 19.26
CA GLY B 49 -19.97 26.77 19.56
C GLY B 49 -18.50 26.42 19.69
N GLU B 50 -18.16 25.13 19.63
CA GLU B 50 -16.78 24.72 19.78
C GLU B 50 -15.98 25.03 18.51
N HIS B 51 -14.82 25.64 18.71
CA HIS B 51 -13.87 25.96 17.65
C HIS B 51 -12.57 25.18 17.87
N LEU B 52 -11.99 24.64 16.80
CA LEU B 52 -10.63 24.11 16.88
C LEU B 52 -9.68 25.07 16.16
N GLU B 53 -9.41 26.21 16.80
CA GLU B 53 -8.78 27.32 16.09
C GLU B 53 -7.31 27.09 15.78
N ASP B 54 -6.69 26.10 16.43
CA ASP B 54 -5.30 25.78 16.09
C ASP B 54 -5.19 24.63 15.11
N THR B 55 -6.32 24.13 14.64
CA THR B 55 -6.32 23.13 13.58
C THR B 55 -6.58 23.82 12.24
N ILE B 56 -5.50 24.15 11.54
CA ILE B 56 -5.63 24.83 10.25
C ILE B 56 -5.67 23.81 9.12
N LEU B 57 -6.77 23.84 8.37
CA LEU B 57 -7.06 22.92 7.29
C LEU B 57 -7.19 23.64 5.94
N ASN B 58 -6.83 22.94 4.85
CA ASN B 58 -7.10 23.43 3.49
C ASN B 58 -8.24 22.62 2.90
N ILE B 59 -9.32 23.28 2.49
CA ILE B 59 -10.46 22.55 1.95
C ILE B 59 -11.02 23.21 0.70
N THR B 60 -11.53 22.40 -0.22
CA THR B 60 -12.08 22.95 -1.44
C THR B 60 -13.52 22.55 -1.58
N GLY B 61 -14.25 23.28 -2.39
CA GLY B 61 -15.61 22.83 -2.65
C GLY B 61 -16.30 23.83 -3.54
N ARG B 62 -17.56 23.55 -3.88
CA ARG B 62 -18.37 24.50 -4.67
C ARG B 62 -19.39 25.24 -3.79
N ILE B 63 -19.38 26.58 -3.88
CA ILE B 63 -20.33 27.40 -3.14
C ILE B 63 -21.73 27.23 -3.73
N MET B 64 -22.70 26.88 -2.90
CA MET B 64 -24.06 26.61 -3.40
C MET B 64 -25.09 27.50 -2.72
N ARG B 65 -24.66 28.27 -1.73
CA ARG B 65 -25.55 29.23 -1.10
C ARG B 65 -24.76 30.42 -0.56
N VAL B 66 -25.31 31.62 -0.73
CA VAL B 66 -24.68 32.85 -0.26
C VAL B 66 -25.63 33.65 0.63
N SER B 67 -25.19 33.98 1.84
CA SER B 67 -25.97 34.87 2.71
C SER B 67 -25.05 35.67 3.63
N ALA B 68 -25.59 36.75 4.18
CA ALA B 68 -24.77 37.68 4.94
C ALA B 68 -25.48 38.08 6.23
N SER B 69 -24.70 38.67 7.14
CA SER B 69 -25.23 39.20 8.39
C SER B 69 -24.42 40.42 8.77
N GLY B 70 -24.94 41.60 8.41
CA GLY B 70 -24.22 42.83 8.65
C GLY B 70 -22.94 42.89 7.85
N GLN B 71 -21.94 43.60 8.37
CA GLN B 71 -20.70 43.81 7.63
C GLN B 71 -19.62 42.75 7.89
N LYS B 72 -19.73 42.02 8.99
CA LYS B 72 -18.61 41.20 9.45
C LYS B 72 -18.87 39.70 9.46
N LEU B 73 -20.02 39.29 8.95
CA LEU B 73 -20.37 37.88 8.90
C LEU B 73 -20.81 37.52 7.49
N ARG B 74 -20.20 36.47 6.93
CA ARG B 74 -20.62 35.95 5.64
C ARG B 74 -20.83 34.44 5.75
N PHE B 75 -22.01 33.97 5.31
CA PHE B 75 -22.36 32.56 5.39
C PHE B 75 -22.44 31.94 4.00
N PHE B 76 -21.94 30.71 3.87
CA PHE B 76 -22.04 29.99 2.60
C PHE B 76 -22.35 28.52 2.83
N ASP B 77 -22.92 27.86 1.82
CA ASP B 77 -22.96 26.40 1.79
C ASP B 77 -21.85 25.93 0.86
N LEU B 78 -21.01 25.02 1.34
CA LEU B 78 -19.94 24.44 0.55
C LEU B 78 -20.22 22.95 0.28
N VAL B 79 -20.28 22.55 -0.99
CA VAL B 79 -20.50 21.12 -1.30
C VAL B 79 -19.34 20.45 -2.02
N GLY B 80 -19.18 19.16 -1.74
CA GLY B 80 -18.23 18.34 -2.46
C GLY B 80 -18.58 16.88 -2.26
N ASP B 81 -18.48 16.09 -3.33
CA ASP B 81 -18.76 14.65 -3.26
C ASP B 81 -20.14 14.36 -2.68
N GLY B 82 -21.15 15.12 -3.12
CA GLY B 82 -22.50 14.93 -2.63
C GLY B 82 -22.75 15.26 -1.17
N GLU B 83 -21.77 15.84 -0.47
CA GLU B 83 -21.99 16.22 0.94
C GLU B 83 -21.73 17.72 1.15
N LYS B 84 -22.20 18.26 2.27
CA LYS B 84 -22.33 19.71 2.43
C LYS B 84 -21.95 20.16 3.84
N ILE B 85 -21.14 21.24 3.91
CA ILE B 85 -20.86 21.91 5.17
C ILE B 85 -21.15 23.41 5.04
N GLN B 86 -21.18 24.11 6.17
CA GLN B 86 -21.33 25.56 6.14
C GLN B 86 -19.95 26.25 6.16
N VAL B 87 -19.88 27.40 5.51
CA VAL B 87 -18.74 28.29 5.62
C VAL B 87 -19.19 29.49 6.46
N LEU B 88 -18.55 29.69 7.60
CA LEU B 88 -18.80 30.86 8.45
C LEU B 88 -17.59 31.76 8.42
N ALA B 89 -17.61 32.79 7.55
CA ALA B 89 -16.51 33.73 7.44
C ALA B 89 -16.77 34.90 8.37
N ASN B 90 -15.96 35.00 9.40
CA ASN B 90 -16.08 36.02 10.40
C ASN B 90 -14.91 36.97 10.25
N TYR B 91 -15.20 38.27 10.25
CA TYR B 91 -14.17 39.31 10.19
C TYR B 91 -13.10 39.10 11.25
N SER B 92 -13.51 38.61 12.42
CA SER B 92 -12.57 38.35 13.52
C SER B 92 -11.42 37.43 13.16
N PHE B 93 -11.68 36.50 12.24
CA PHE B 93 -10.71 35.46 11.94
C PHE B 93 -10.02 35.67 10.61
N HIS B 94 -10.42 36.72 9.90
CA HIS B 94 -9.91 36.97 8.56
C HIS B 94 -8.44 37.37 8.61
N ASN B 95 -7.64 36.81 7.70
CA ASN B 95 -6.24 37.20 7.60
C ASN B 95 -6.16 38.48 6.78
N HIS B 96 -6.10 39.62 7.47
CA HIS B 96 -6.18 40.93 6.84
C HIS B 96 -4.98 41.22 5.95
N GLU B 97 -3.93 40.40 6.10
CA GLU B 97 -2.76 40.55 5.27
C GLU B 97 -3.01 40.15 3.83
N LYS B 98 -4.06 39.36 3.58
CA LYS B 98 -4.33 38.88 2.21
C LYS B 98 -5.32 39.79 1.49
N GLY B 99 -5.88 40.76 2.20
CA GLY B 99 -6.81 41.66 1.58
C GLY B 99 -7.99 42.07 2.44
N ASN B 100 -8.84 42.92 1.86
CA ASN B 100 -10.00 43.43 2.57
C ASN B 100 -11.07 42.36 2.68
N PHE B 101 -11.54 42.13 3.90
CA PHE B 101 -12.57 41.11 4.16
C PHE B 101 -13.80 41.21 3.25
N ALA B 102 -14.48 42.35 3.31
CA ALA B 102 -15.71 42.54 2.54
C ALA B 102 -15.46 42.44 1.05
N GLU B 103 -14.36 43.01 0.54
CA GLU B 103 -14.04 42.89 -0.89
C GLU B 103 -13.88 41.44 -1.28
N CYS B 104 -13.13 40.70 -0.48
CA CYS B 104 -12.92 39.28 -0.70
C CYS B 104 -14.25 38.54 -0.81
N TYR B 105 -15.10 38.61 0.20
CA TYR B 105 -16.29 37.78 0.15
C TYR B 105 -17.44 38.32 -0.73
N ASP B 106 -17.45 39.63 -1.00
CA ASP B 106 -18.46 40.23 -1.89
C ASP B 106 -18.40 39.62 -3.29
N LYS B 107 -17.21 39.24 -3.73
CA LYS B 107 -16.96 38.72 -5.07
C LYS B 107 -17.55 37.32 -5.28
N ILE B 108 -17.70 36.56 -4.21
CA ILE B 108 -18.10 35.15 -4.29
C ILE B 108 -19.56 34.96 -4.69
N ARG B 109 -19.78 34.14 -5.72
CA ARG B 109 -21.13 33.83 -6.17
C ARG B 109 -21.47 32.36 -6.07
N ARG B 110 -22.76 32.08 -6.01
CA ARG B 110 -23.27 30.74 -6.07
C ARG B 110 -22.69 29.99 -7.28
N GLY B 111 -22.08 28.84 -7.02
CA GLY B 111 -21.45 28.06 -8.06
C GLY B 111 -19.95 28.17 -8.14
N ASP B 112 -19.38 29.19 -7.49
CA ASP B 112 -17.92 29.33 -7.49
C ASP B 112 -17.25 28.16 -6.75
N ILE B 113 -16.16 27.69 -7.33
CA ILE B 113 -15.30 26.71 -6.68
C ILE B 113 -14.21 27.47 -5.97
N VAL B 114 -14.06 27.19 -4.67
CA VAL B 114 -13.17 27.96 -3.83
C VAL B 114 -12.24 27.05 -3.05
N GLY B 115 -11.13 27.66 -2.61
CA GLY B 115 -10.18 27.02 -1.74
C GLY B 115 -10.17 27.82 -0.46
N ILE B 116 -10.32 27.13 0.66
CA ILE B 116 -10.40 27.76 1.98
C ILE B 116 -9.27 27.31 2.89
N VAL B 117 -8.60 28.26 3.51
CA VAL B 117 -7.69 27.97 4.60
C VAL B 117 -8.41 28.39 5.88
N GLY B 118 -8.63 27.44 6.78
CA GLY B 118 -9.46 27.75 7.93
C GLY B 118 -9.50 26.69 8.99
N PHE B 119 -10.36 26.87 10.00
CA PHE B 119 -10.41 25.87 11.08
C PHE B 119 -11.81 25.28 11.27
N PRO B 120 -11.88 24.02 11.71
CA PRO B 120 -13.18 23.38 11.92
C PRO B 120 -13.89 23.88 13.18
N GLY B 121 -15.21 23.98 13.12
CA GLY B 121 -15.96 24.30 14.32
C GLY B 121 -17.44 24.13 14.12
N LYS B 122 -18.23 24.32 15.17
CA LYS B 122 -19.67 24.45 15.01
C LYS B 122 -20.09 25.84 15.42
N SER B 123 -21.09 26.39 14.76
CA SER B 123 -21.64 27.68 15.15
C SER B 123 -22.37 27.49 16.46
N LYS B 124 -22.84 28.59 17.06
CA LYS B 124 -23.56 28.48 18.32
C LYS B 124 -24.90 27.79 18.08
N LYS B 125 -25.43 27.90 16.87
CA LYS B 125 -26.62 27.14 16.46
C LYS B 125 -26.30 25.67 16.18
N GLY B 126 -25.02 25.31 16.21
CA GLY B 126 -24.63 23.92 16.07
C GLY B 126 -24.49 23.41 14.65
N GLU B 127 -24.21 24.31 13.72
CA GLU B 127 -23.95 23.93 12.34
C GLU B 127 -22.47 23.62 12.14
N LEU B 128 -22.16 22.42 11.63
CA LEU B 128 -20.76 22.10 11.27
C LEU B 128 -20.27 23.08 10.19
N SER B 129 -19.12 23.70 10.47
CA SER B 129 -18.62 24.80 9.66
C SER B 129 -17.11 24.77 9.49
N ILE B 130 -16.67 25.21 8.31
CA ILE B 130 -15.29 25.65 8.18
C ILE B 130 -15.28 27.17 8.42
N PHE B 131 -14.36 27.61 9.27
CA PHE B 131 -14.14 29.01 9.59
C PHE B 131 -12.90 29.52 8.87
N PRO B 132 -13.10 30.14 7.70
CA PRO B 132 -11.97 30.61 6.89
C PRO B 132 -11.16 31.69 7.58
N LYS B 133 -9.85 31.68 7.36
CA LYS B 133 -8.98 32.83 7.56
C LYS B 133 -8.67 33.44 6.19
N GLU B 134 -8.88 32.65 5.16
CA GLU B 134 -8.58 33.07 3.81
C GLU B 134 -9.38 32.21 2.85
N THR B 135 -10.07 32.85 1.92
CA THR B 135 -10.80 32.14 0.88
C THR B 135 -10.33 32.63 -0.47
N ILE B 136 -10.07 31.66 -1.35
CA ILE B 136 -9.43 31.88 -2.65
C ILE B 136 -10.37 31.39 -3.76
N LEU B 137 -10.62 32.20 -4.79
CA LEU B 137 -11.38 31.71 -5.94
C LEU B 137 -10.52 30.77 -6.81
N LEU B 138 -11.03 29.58 -7.07
CA LEU B 138 -10.29 28.59 -7.87
C LEU B 138 -10.89 28.48 -9.27
N SER B 139 -12.21 28.54 -9.34
CA SER B 139 -12.85 28.55 -10.65
C SER B 139 -14.25 29.16 -10.54
N ALA B 140 -14.50 30.22 -11.31
CA ALA B 140 -15.79 30.89 -11.25
C ALA B 140 -16.83 30.15 -12.05
N CYS B 141 -18.06 30.22 -11.55
CA CYS B 141 -19.23 29.83 -12.33
C CYS B 141 -19.80 31.10 -13.01
N LEU B 142 -19.76 31.17 -14.33
CA LEU B 142 -20.12 32.40 -15.05
C LEU B 142 -21.61 32.51 -15.35
N HIS B 143 -22.34 31.41 -15.20
CA HIS B 143 -23.79 31.42 -15.41
C HIS B 143 -24.49 31.41 -14.07
N MET B 144 -25.76 31.81 -14.05
CA MET B 144 -26.57 31.56 -12.86
C MET B 144 -26.89 30.08 -12.80
N LEU B 145 -26.57 29.44 -11.69
CA LEU B 145 -27.01 28.07 -11.48
C LEU B 145 -28.50 28.03 -11.19
N PRO B 146 -29.24 27.18 -11.92
CA PRO B 146 -30.65 26.95 -11.57
C PRO B 146 -30.75 26.35 -10.17
N MET B 147 -31.85 26.59 -9.47
CA MET B 147 -32.01 26.04 -8.13
C MET B 147 -32.77 24.71 -8.16
N LYS B 148 -32.84 24.05 -7.01
CA LYS B 148 -33.47 22.74 -6.88
C LYS B 148 -34.94 22.78 -7.30
N TYR B 149 -35.38 21.70 -7.94
CA TYR B 149 -36.75 21.57 -8.45
C TYR B 149 -37.07 22.56 -9.56
N GLY B 150 -36.13 23.46 -9.86
CA GLY B 150 -36.26 24.35 -11.00
C GLY B 150 -35.63 23.68 -12.21
N LEU B 151 -35.24 22.42 -12.03
CA LEU B 151 -34.62 21.65 -13.09
C LEU B 151 -35.43 20.38 -13.36
N LYS B 152 -36.76 20.50 -13.31
CA LYS B 152 -37.64 19.38 -13.57
C LYS B 152 -38.34 19.57 -14.92
N ASP B 153 -38.81 18.46 -15.49
CA ASP B 153 -39.57 18.47 -16.75
C ASP B 153 -38.84 19.17 -17.90
N THR B 154 -37.51 19.21 -17.83
CA THR B 154 -36.72 19.83 -18.87
C THR B 154 -35.78 18.82 -19.50
N GLU B 155 -35.26 19.15 -20.68
CA GLU B 155 -34.23 18.34 -21.33
C GLU B 155 -32.87 18.70 -20.75
N ILE B 156 -32.83 19.78 -19.98
CA ILE B 156 -31.59 20.30 -19.42
C ILE B 156 -30.79 19.21 -18.72
N ARG B 157 -31.51 18.35 -17.98
CA ARG B 157 -30.90 17.22 -17.29
C ARG B 157 -30.11 16.32 -18.24
N TYR B 158 -30.57 16.19 -19.47
CA TYR B 158 -29.96 15.23 -20.39
C TYR B 158 -28.88 15.86 -21.26
N ARG B 159 -29.01 17.17 -21.50
CA ARG B 159 -28.03 17.90 -22.30
C ARG B 159 -26.92 18.51 -21.44
N GLN B 160 -27.26 18.79 -20.19
CA GLN B 160 -26.29 19.38 -19.28
C GLN B 160 -26.28 18.55 -18.02
N ARG B 161 -25.85 17.30 -18.18
CA ARG B 161 -25.93 16.33 -17.10
C ARG B 161 -25.21 16.85 -15.85
N TYR B 162 -24.14 17.63 -16.02
CA TYR B 162 -23.40 18.22 -14.90
C TYR B 162 -24.30 19.12 -14.01
N LEU B 163 -25.26 19.81 -14.60
CA LEU B 163 -26.22 20.57 -13.79
C LEU B 163 -27.11 19.63 -12.97
N ASP B 164 -27.62 18.58 -13.63
CA ASP B 164 -28.39 17.53 -12.95
C ASP B 164 -27.61 17.01 -11.75
N LEU B 165 -26.36 16.64 -11.98
CA LEU B 165 -25.51 16.08 -10.94
C LEU B 165 -25.24 17.04 -9.80
N LEU B 166 -25.07 18.32 -10.13
CA LEU B 166 -24.82 19.33 -9.10
C LEU B 166 -26.03 19.62 -8.24
N ILE B 167 -27.20 19.67 -8.88
CA ILE B 167 -28.40 20.23 -8.25
C ILE B 167 -29.39 19.19 -7.71
N ASN B 168 -29.58 18.09 -8.42
CA ASN B 168 -30.50 17.06 -7.93
C ASN B 168 -29.76 15.91 -7.25
N GLU B 169 -29.90 15.81 -5.94
CA GLU B 169 -29.15 14.84 -5.15
C GLU B 169 -29.38 13.39 -5.59
N SER B 170 -30.56 13.11 -6.12
CA SER B 170 -30.90 11.73 -6.48
C SER B 170 -30.08 11.25 -7.68
N SER B 171 -29.65 12.19 -8.51
CA SER B 171 -28.89 11.91 -9.73
C SER B 171 -27.59 11.15 -9.45
N ARG B 172 -26.78 11.72 -8.56
CA ARG B 172 -25.56 11.08 -8.11
C ARG B 172 -25.85 9.67 -7.66
N HIS B 173 -26.92 9.50 -6.89
CA HIS B 173 -27.27 8.21 -6.33
C HIS B 173 -27.62 7.18 -7.42
N THR B 174 -28.38 7.62 -8.43
CA THR B 174 -28.73 6.78 -9.57
C THR B 174 -27.50 6.28 -10.30
N PHE B 175 -26.56 7.19 -10.56
CA PHE B 175 -25.39 6.73 -11.32
C PHE B 175 -24.38 5.94 -10.49
N VAL B 176 -24.32 6.23 -9.20
CA VAL B 176 -23.52 5.41 -8.28
C VAL B 176 -24.08 3.99 -8.24
N THR B 177 -25.40 3.88 -8.11
CA THR B 177 -26.04 2.58 -8.14
C THR B 177 -25.77 1.84 -9.47
N ARG B 178 -25.81 2.56 -10.60
CA ARG B 178 -25.43 1.94 -11.87
C ARG B 178 -24.02 1.31 -11.84
N THR B 179 -23.06 2.12 -11.40
CA THR B 179 -21.69 1.59 -11.28
C THR B 179 -21.58 0.41 -10.28
N LYS B 180 -22.32 0.47 -9.17
CA LYS B 180 -22.36 -0.64 -8.20
C LYS B 180 -22.94 -1.93 -8.79
N ILE B 181 -23.91 -1.78 -9.69
CA ILE B 181 -24.53 -2.94 -10.34
C ILE B 181 -23.52 -3.59 -11.26
N ILE B 182 -22.81 -2.76 -12.02
CA ILE B 182 -21.80 -3.34 -12.91
C ILE B 182 -20.64 -3.98 -12.13
N ASN B 183 -20.19 -3.34 -11.05
CA ASN B 183 -19.16 -3.90 -10.17
C ASN B 183 -19.59 -5.24 -9.61
N PHE B 184 -20.82 -5.27 -9.10
CA PHE B 184 -21.39 -6.49 -8.55
C PHE B 184 -21.40 -7.61 -9.60
N LEU B 185 -21.84 -7.29 -10.82
CA LEU B 185 -21.89 -8.30 -11.89
C LEU B 185 -20.52 -8.84 -12.28
N ARG B 186 -19.56 -7.94 -12.43
CA ARG B 186 -18.20 -8.31 -12.77
C ARG B 186 -17.60 -9.22 -11.68
N ASN B 187 -17.81 -8.84 -10.43
CA ASN B 187 -17.34 -9.66 -9.31
CA ASN B 187 -17.32 -9.67 -9.33
C ASN B 187 -18.02 -11.03 -9.29
N PHE B 188 -19.32 -11.05 -9.56
CA PHE B 188 -20.16 -12.27 -9.50
C PHE B 188 -19.65 -13.28 -10.51
N LEU B 189 -19.39 -12.79 -11.72
CA LEU B 189 -18.82 -13.62 -12.76
C LEU B 189 -17.37 -14.02 -12.47
N ASN B 190 -16.54 -13.08 -12.03
CA ASN B 190 -15.14 -13.42 -11.79
C ASN B 190 -14.98 -14.46 -10.68
N GLU B 191 -15.78 -14.35 -9.63
CA GLU B 191 -15.72 -15.31 -8.54
C GLU B 191 -16.17 -16.70 -9.00
N ARG B 192 -16.86 -16.78 -10.13
CA ARG B 192 -17.33 -18.07 -10.62
C ARG B 192 -16.41 -18.60 -11.72
N GLY B 193 -15.26 -17.99 -11.87
CA GLY B 193 -14.26 -18.45 -12.80
C GLY B 193 -14.33 -17.87 -14.20
N PHE B 194 -15.14 -16.84 -14.42
CA PHE B 194 -15.27 -16.30 -15.79
C PHE B 194 -14.13 -15.36 -16.16
N PHE B 195 -13.80 -15.34 -17.44
CA PHE B 195 -12.68 -14.56 -17.97
C PHE B 195 -13.14 -13.40 -18.85
N GLU B 196 -12.89 -12.17 -18.41
CA GLU B 196 -13.39 -10.99 -19.12
C GLU B 196 -12.55 -10.67 -20.35
N VAL B 197 -13.20 -10.43 -21.47
CA VAL B 197 -12.47 -10.13 -22.69
C VAL B 197 -13.08 -8.97 -23.45
N GLU B 198 -12.38 -8.52 -24.48
CA GLU B 198 -12.89 -7.49 -25.36
C GLU B 198 -12.90 -8.03 -26.79
N THR B 199 -14.04 -7.90 -27.46
CA THR B 199 -14.19 -8.36 -28.84
C THR B 199 -14.48 -7.12 -29.70
N PRO B 200 -14.37 -7.23 -31.04
CA PRO B 200 -14.37 -5.97 -31.81
C PRO B 200 -15.71 -5.28 -31.88
N MET B 201 -15.68 -3.95 -31.87
CA MET B 201 -16.89 -3.21 -32.01
C MET B 201 -17.23 -2.98 -33.48
N MET B 202 -16.24 -3.13 -34.35
CA MET B 202 -16.45 -3.00 -35.80
C MET B 202 -16.21 -4.33 -36.46
N ASN B 203 -17.16 -4.76 -37.29
CA ASN B 203 -17.01 -6.06 -37.96
CA ASN B 203 -17.12 -6.09 -37.91
C ASN B 203 -17.53 -6.07 -39.39
N LEU B 204 -17.08 -7.07 -40.15
CA LEU B 204 -17.44 -7.19 -41.57
C LEU B 204 -18.92 -7.51 -41.71
N ILE B 205 -19.48 -8.15 -40.68
CA ILE B 205 -20.89 -8.50 -40.63
C ILE B 205 -21.42 -8.31 -39.21
N ALA B 206 -22.61 -7.76 -39.08
CA ALA B 206 -23.25 -7.55 -37.78
C ALA B 206 -24.17 -8.70 -37.37
N GLY B 207 -23.65 -9.67 -36.64
CA GLY B 207 -24.45 -10.82 -36.26
C GLY B 207 -24.66 -10.95 -34.76
N GLY B 208 -25.42 -11.96 -34.36
CA GLY B 208 -25.58 -12.30 -32.96
C GLY B 208 -26.89 -11.81 -32.39
N ALA B 209 -27.70 -11.19 -33.24
CA ALA B 209 -29.00 -10.69 -32.84
C ALA B 209 -29.75 -10.33 -34.11
N ASN B 210 -31.05 -10.10 -33.96
CA ASN B 210 -31.84 -9.62 -35.10
C ASN B 210 -32.02 -8.11 -34.94
N ALA B 211 -31.22 -7.33 -35.65
CA ALA B 211 -31.26 -5.88 -35.50
C ALA B 211 -30.62 -5.17 -36.67
N ARG B 212 -31.03 -3.93 -36.91
CA ARG B 212 -30.45 -3.11 -37.96
C ARG B 212 -29.19 -2.45 -37.41
N PRO B 213 -28.08 -2.60 -38.14
CA PRO B 213 -26.80 -2.09 -37.64
C PRO B 213 -26.51 -0.64 -38.03
N PHE B 214 -25.50 -0.06 -37.39
CA PHE B 214 -24.86 1.17 -37.84
C PHE B 214 -23.78 0.79 -38.83
N ILE B 215 -23.53 1.65 -39.80
CA ILE B 215 -22.46 1.36 -40.75
C ILE B 215 -21.41 2.48 -40.76
N THR B 216 -20.15 2.12 -40.93
CA THR B 216 -19.06 3.08 -40.94
C THR B 216 -18.03 2.62 -41.98
N HIS B 217 -16.94 3.36 -42.11
CA HIS B 217 -16.03 3.14 -43.22
C HIS B 217 -14.60 3.42 -42.76
N HIS B 218 -13.71 2.46 -42.95
CA HIS B 218 -12.29 2.70 -42.72
C HIS B 218 -11.62 3.13 -44.00
N ASN B 219 -11.09 4.33 -44.04
CA ASN B 219 -10.54 4.83 -45.24
C ASN B 219 -9.34 4.14 -45.81
N ASP B 220 -8.44 3.79 -44.93
CA ASP B 220 -7.15 3.24 -45.39
C ASP B 220 -7.29 1.83 -45.96
N LEU B 221 -8.23 1.05 -45.44
CA LEU B 221 -8.47 -0.28 -46.01
C LEU B 221 -9.55 -0.19 -47.08
N ASP B 222 -10.07 1.00 -47.24
CA ASP B 222 -11.20 1.25 -48.14
C ASP B 222 -12.30 0.26 -47.84
N LEU B 223 -12.79 0.24 -46.61
CA LEU B 223 -13.62 -0.89 -46.20
C LEU B 223 -14.81 -0.52 -45.33
N ASP B 224 -16.00 -0.92 -45.76
CA ASP B 224 -17.20 -0.73 -44.96
C ASP B 224 -17.19 -1.71 -43.79
N LEU B 225 -17.73 -1.26 -42.65
CA LEU B 225 -17.73 -2.06 -41.42
C LEU B 225 -19.03 -1.77 -40.66
N TYR B 226 -19.50 -2.75 -39.92
CA TYR B 226 -20.72 -2.57 -39.13
C TYR B 226 -20.36 -2.52 -37.65
N LEU B 227 -21.01 -1.62 -36.92
CA LEU B 227 -20.86 -1.59 -35.46
C LEU B 227 -21.54 -2.85 -34.97
N ARG B 228 -21.02 -3.46 -33.91
CA ARG B 228 -21.62 -4.69 -33.40
C ARG B 228 -23.00 -4.45 -32.83
N ILE B 229 -23.92 -5.37 -33.12
CA ILE B 229 -25.24 -5.35 -32.51
C ILE B 229 -25.30 -6.30 -31.31
N ALA B 230 -24.25 -7.12 -31.15
CA ALA B 230 -24.16 -8.05 -30.04
C ALA B 230 -22.74 -8.54 -29.91
N THR B 231 -22.42 -9.26 -28.84
CA THR B 231 -21.09 -9.84 -28.72
C THR B 231 -21.07 -11.38 -28.91
N GLU B 232 -22.23 -11.95 -29.19
CA GLU B 232 -22.43 -13.41 -29.23
C GLU B 232 -21.41 -14.21 -30.06
N LEU B 233 -21.24 -13.82 -31.31
CA LEU B 233 -20.47 -14.66 -32.23
C LEU B 233 -18.98 -14.72 -31.87
N PRO B 234 -18.32 -13.57 -31.63
CA PRO B 234 -16.90 -13.78 -31.28
C PRO B 234 -16.69 -14.42 -29.91
N LEU B 235 -17.63 -14.25 -28.98
CA LEU B 235 -17.46 -14.92 -27.68
C LEU B 235 -17.61 -16.43 -27.86
N LYS B 236 -18.54 -16.87 -28.71
CA LYS B 236 -18.64 -18.31 -28.96
C LYS B 236 -17.38 -18.81 -29.63
N MET B 237 -16.82 -17.99 -30.50
CA MET B 237 -15.56 -18.38 -31.11
C MET B 237 -14.47 -18.56 -30.07
N LEU B 238 -14.47 -17.72 -29.03
CA LEU B 238 -13.52 -17.95 -27.93
C LEU B 238 -13.82 -19.23 -27.16
N ILE B 239 -15.09 -19.60 -27.04
CA ILE B 239 -15.36 -20.90 -26.43
C ILE B 239 -14.72 -22.02 -27.27
N VAL B 240 -14.91 -21.98 -28.60
CA VAL B 240 -14.20 -22.92 -29.48
C VAL B 240 -12.71 -22.96 -29.14
N GLY B 241 -12.15 -21.76 -28.91
CA GLY B 241 -10.73 -21.62 -28.60
C GLY B 241 -10.30 -22.12 -27.23
N GLY B 242 -11.23 -22.59 -26.43
CA GLY B 242 -10.90 -23.14 -25.15
C GLY B 242 -10.95 -22.21 -23.94
N ILE B 243 -11.42 -20.97 -24.11
CA ILE B 243 -11.74 -20.10 -22.97
C ILE B 243 -13.16 -20.45 -22.52
N ASP B 244 -13.27 -21.38 -21.58
CA ASP B 244 -14.53 -22.11 -21.35
C ASP B 244 -15.57 -21.36 -20.51
N LYS B 245 -15.13 -20.30 -19.83
CA LYS B 245 -16.05 -19.35 -19.20
C LYS B 245 -15.61 -17.96 -19.58
N VAL B 246 -16.35 -17.30 -20.46
CA VAL B 246 -15.89 -16.03 -21.05
C VAL B 246 -17.03 -15.02 -21.04
N TYR B 247 -16.72 -13.73 -20.91
CA TYR B 247 -17.77 -12.73 -20.93
C TYR B 247 -17.24 -11.37 -21.34
N GLU B 248 -18.16 -10.50 -21.72
CA GLU B 248 -17.83 -9.13 -22.06
C GLU B 248 -18.93 -8.23 -21.55
N ILE B 249 -18.54 -7.09 -20.98
CA ILE B 249 -19.48 -6.04 -20.61
C ILE B 249 -19.08 -4.83 -21.42
N GLY B 250 -19.97 -4.35 -22.29
CA GLY B 250 -19.61 -3.19 -23.08
C GLY B 250 -20.78 -2.76 -23.95
N LYS B 251 -20.53 -1.78 -24.82
CA LYS B 251 -21.59 -1.17 -25.62
C LYS B 251 -21.91 -2.01 -26.84
N VAL B 252 -23.19 -2.04 -27.19
CA VAL B 252 -23.60 -2.52 -28.50
C VAL B 252 -24.51 -1.45 -29.11
N PHE B 253 -24.75 -1.58 -30.42
CA PHE B 253 -25.33 -0.50 -31.23
C PHE B 253 -26.46 -1.04 -32.07
N ARG B 254 -27.63 -0.43 -31.93
CA ARG B 254 -28.77 -0.89 -32.71
C ARG B 254 -29.41 0.35 -33.30
N ASN B 255 -29.39 0.41 -34.62
CA ASN B 255 -29.82 1.58 -35.37
C ASN B 255 -31.32 1.62 -35.43
N GLU B 256 -31.94 1.98 -34.32
CA GLU B 256 -33.38 2.11 -34.30
C GLU B 256 -33.77 3.30 -33.44
N GLY B 257 -35.06 3.58 -33.41
CA GLY B 257 -35.57 4.76 -32.75
C GLY B 257 -35.39 4.77 -31.26
N ILE B 258 -35.37 5.97 -30.71
CA ILE B 258 -35.23 6.18 -29.28
C ILE B 258 -36.58 6.26 -28.61
N ASP B 259 -36.74 5.58 -27.49
CA ASP B 259 -37.90 5.78 -26.63
C ASP B 259 -37.51 5.42 -25.21
N ASN B 260 -38.49 5.25 -24.33
CA ASN B 260 -38.22 5.13 -22.90
C ASN B 260 -37.41 3.89 -22.52
N THR B 261 -37.28 2.92 -23.42
CA THR B 261 -36.47 1.75 -23.12
C THR B 261 -35.50 1.40 -24.25
N HIS B 262 -35.30 2.36 -25.15
CA HIS B 262 -34.37 2.19 -26.27
C HIS B 262 -33.46 3.42 -26.47
N ASN B 263 -32.15 3.19 -26.33
CA ASN B 263 -31.12 4.13 -26.72
C ASN B 263 -30.24 3.40 -27.74
N PRO B 264 -29.95 4.03 -28.88
CA PRO B 264 -29.20 3.42 -29.99
C PRO B 264 -27.82 2.86 -29.61
N GLU B 265 -27.19 3.35 -28.54
CA GLU B 265 -26.08 2.58 -27.98
C GLU B 265 -26.46 2.24 -26.56
N PHE B 266 -26.20 1.00 -26.15
CA PHE B 266 -26.49 0.63 -24.77
C PHE B 266 -25.53 -0.42 -24.28
N THR B 267 -25.57 -0.67 -23.00
CA THR B 267 -24.57 -1.53 -22.39
C THR B 267 -25.15 -2.93 -22.16
N SER B 268 -24.47 -3.93 -22.69
CA SER B 268 -24.89 -5.29 -22.41
C SER B 268 -23.75 -6.07 -21.77
N CYS B 269 -24.14 -7.12 -21.06
CA CYS B 269 -23.19 -8.14 -20.65
C CYS B 269 -23.57 -9.43 -21.34
N GLU B 270 -22.63 -10.12 -22.00
CA GLU B 270 -22.90 -11.50 -22.46
C GLU B 270 -21.86 -12.44 -21.86
N PHE B 271 -22.30 -13.57 -21.34
CA PHE B 271 -21.36 -14.59 -20.92
C PHE B 271 -21.68 -15.92 -21.61
N TYR B 272 -20.63 -16.71 -21.81
CA TYR B 272 -20.71 -18.06 -22.38
C TYR B 272 -20.01 -19.05 -21.46
N TRP B 273 -20.69 -20.16 -21.24
CA TRP B 273 -20.40 -21.11 -20.18
C TRP B 273 -20.42 -22.52 -20.75
N ALA B 274 -19.25 -23.02 -21.09
CA ALA B 274 -19.15 -24.35 -21.66
C ALA B 274 -19.63 -25.40 -20.66
N TYR B 275 -20.37 -26.39 -21.17
CA TYR B 275 -20.85 -27.57 -20.44
C TYR B 275 -22.07 -27.22 -19.58
N ALA B 276 -22.54 -25.98 -19.71
CA ALA B 276 -23.79 -25.53 -19.10
C ALA B 276 -24.93 -25.64 -20.13
N ASP B 277 -26.16 -25.66 -19.68
CA ASP B 277 -27.29 -25.58 -20.60
C ASP B 277 -28.37 -24.69 -20.03
N TYR B 278 -29.50 -24.61 -20.74
CA TYR B 278 -30.72 -23.89 -20.35
C TYR B 278 -31.02 -23.88 -18.84
N ASN B 279 -31.02 -25.06 -18.23
CA ASN B 279 -31.34 -25.17 -16.80
C ASN B 279 -30.35 -24.45 -15.87
N ASP B 280 -29.07 -24.62 -16.18
CA ASP B 280 -28.00 -23.86 -15.53
C ASP B 280 -28.23 -22.35 -15.71
N LEU B 281 -28.75 -21.96 -16.88
CA LEU B 281 -28.90 -20.53 -17.17
C LEU B 281 -30.05 -19.93 -16.36
N ILE B 282 -31.12 -20.70 -16.20
CA ILE B 282 -32.24 -20.26 -15.35
C ILE B 282 -31.78 -20.11 -13.92
N LYS B 283 -31.06 -21.13 -13.43
CA LYS B 283 -30.52 -21.03 -12.08
C LYS B 283 -29.59 -19.81 -11.89
N TRP B 284 -28.67 -19.61 -12.82
CA TRP B 284 -27.75 -18.48 -12.78
C TRP B 284 -28.55 -17.18 -12.70
N SER B 285 -29.56 -17.06 -13.54
CA SER B 285 -30.39 -15.84 -13.55
C SER B 285 -31.06 -15.59 -12.20
N GLU B 286 -31.65 -16.63 -11.61
CA GLU B 286 -32.37 -16.46 -10.34
C GLU B 286 -31.42 -16.10 -9.22
N ASP B 287 -30.29 -16.81 -9.17
CA ASP B 287 -29.21 -16.50 -8.22
C ASP B 287 -28.73 -15.04 -8.35
N PHE B 288 -28.41 -14.66 -9.57
CA PHE B 288 -27.84 -13.34 -9.82
C PHE B 288 -28.81 -12.21 -9.46
N PHE B 289 -30.04 -12.29 -9.96
CA PHE B 289 -30.95 -11.19 -9.73
C PHE B 289 -31.34 -11.11 -8.25
N SER B 290 -31.58 -12.26 -7.63
CA SER B 290 -31.89 -12.24 -6.20
C SER B 290 -30.74 -11.66 -5.36
N GLN B 291 -29.53 -12.15 -5.61
CA GLN B 291 -28.38 -11.68 -4.83
C GLN B 291 -28.03 -10.21 -5.09
N LEU B 292 -28.21 -9.77 -6.33
CA LEU B 292 -27.98 -8.37 -6.68
C LEU B 292 -28.93 -7.48 -5.91
N VAL B 293 -30.22 -7.80 -6.02
CA VAL B 293 -31.22 -6.97 -5.33
C VAL B 293 -30.96 -6.97 -3.82
N TYR B 294 -30.66 -8.14 -3.25
CA TYR B 294 -30.37 -8.18 -1.80
C TYR B 294 -29.11 -7.39 -1.43
N HIS B 295 -28.13 -7.37 -2.34
CA HIS B 295 -26.88 -6.66 -2.12
C HIS B 295 -27.10 -5.15 -2.12
N LEU B 296 -28.01 -4.68 -2.97
CA LEU B 296 -28.30 -3.24 -3.01
C LEU B 296 -29.30 -2.77 -1.95
N PHE B 297 -30.22 -3.64 -1.55
CA PHE B 297 -31.34 -3.18 -0.72
C PHE B 297 -31.49 -3.86 0.65
N GLY B 298 -30.84 -5.00 0.84
CA GLY B 298 -30.98 -5.75 2.09
C GLY B 298 -32.30 -6.52 2.16
N THR B 299 -33.01 -6.55 1.03
CA THR B 299 -34.27 -7.27 0.91
C THR B 299 -34.41 -7.75 -0.52
N TYR B 300 -35.37 -8.64 -0.77
CA TYR B 300 -35.61 -9.13 -2.12
C TYR B 300 -36.76 -8.39 -2.79
N LYS B 301 -37.39 -7.48 -2.07
CA LYS B 301 -38.57 -6.81 -2.61
C LYS B 301 -38.31 -5.32 -2.78
N ILE B 302 -38.55 -4.82 -4.00
CA ILE B 302 -38.34 -3.41 -4.27
C ILE B 302 -39.66 -2.75 -4.68
N SER B 303 -39.77 -1.45 -4.49
CA SER B 303 -40.93 -0.75 -5.00
C SER B 303 -40.52 -0.04 -6.28
N TYR B 304 -41.46 0.10 -7.19
CA TYR B 304 -41.17 0.64 -8.50
C TYR B 304 -42.35 1.41 -9.01
N ASN B 305 -42.17 2.71 -9.22
CA ASN B 305 -43.23 3.52 -9.78
C ASN B 305 -43.34 3.25 -11.26
N LYS B 306 -44.06 2.18 -11.59
CA LYS B 306 -44.21 1.77 -12.97
C LYS B 306 -44.82 2.88 -13.83
N ASP B 307 -45.70 3.68 -13.23
CA ASP B 307 -46.47 4.66 -13.99
C ASP B 307 -46.10 6.11 -13.64
N GLY B 308 -44.84 6.32 -13.29
CA GLY B 308 -44.38 7.66 -12.98
C GLY B 308 -44.47 7.97 -11.50
N PRO B 309 -43.75 9.01 -11.06
CA PRO B 309 -43.60 9.41 -9.66
C PRO B 309 -44.92 9.80 -8.99
N GLU B 310 -45.95 10.09 -9.79
CA GLU B 310 -47.20 10.60 -9.26
C GLU B 310 -48.28 9.53 -9.11
N ASN B 311 -48.08 8.36 -9.70
CA ASN B 311 -48.99 7.25 -9.47
C ASN B 311 -48.34 6.19 -8.59
N GLN B 312 -49.17 5.38 -7.96
CA GLN B 312 -48.72 4.43 -6.93
C GLN B 312 -47.64 3.49 -7.46
N PRO B 313 -46.65 3.18 -6.61
CA PRO B 313 -45.67 2.20 -7.04
C PRO B 313 -46.23 0.79 -6.91
N ILE B 314 -45.70 -0.16 -7.67
CA ILE B 314 -46.00 -1.56 -7.42
C ILE B 314 -44.81 -2.18 -6.72
N GLU B 315 -44.98 -3.36 -6.15
CA GLU B 315 -43.84 -4.03 -5.51
C GLU B 315 -43.40 -5.23 -6.35
N ILE B 316 -42.10 -5.38 -6.53
CA ILE B 316 -41.53 -6.50 -7.28
C ILE B 316 -40.70 -7.38 -6.35
N ASP B 317 -41.05 -8.66 -6.35
CA ASP B 317 -40.40 -9.66 -5.50
C ASP B 317 -39.40 -10.44 -6.35
N PHE B 318 -38.11 -10.28 -6.05
CA PHE B 318 -37.07 -11.00 -6.78
C PHE B 318 -36.72 -12.29 -6.06
N THR B 319 -37.62 -12.78 -5.21
CA THR B 319 -37.38 -14.03 -4.48
C THR B 319 -37.51 -15.22 -5.42
N PRO B 320 -36.42 -15.98 -5.57
CA PRO B 320 -36.46 -17.10 -6.50
C PRO B 320 -37.29 -18.25 -5.94
N PRO B 321 -37.82 -19.14 -6.80
CA PRO B 321 -37.72 -19.12 -8.27
C PRO B 321 -38.74 -18.19 -8.94
N TYR B 322 -38.62 -18.02 -10.25
CA TYR B 322 -39.50 -17.16 -11.02
C TYR B 322 -40.31 -18.00 -11.99
N PRO B 323 -41.54 -17.57 -12.31
CA PRO B 323 -42.42 -18.31 -13.23
C PRO B 323 -41.82 -18.53 -14.62
N LYS B 324 -42.05 -19.70 -15.19
CA LYS B 324 -41.65 -19.99 -16.55
C LYS B 324 -42.89 -20.14 -17.42
N VAL B 325 -42.91 -19.46 -18.56
CA VAL B 325 -44.09 -19.44 -19.40
C VAL B 325 -43.69 -19.78 -20.82
N SER B 326 -44.20 -20.91 -21.31
CA SER B 326 -43.88 -21.36 -22.66
C SER B 326 -44.65 -20.53 -23.68
N ILE B 327 -43.93 -19.97 -24.65
CA ILE B 327 -44.50 -18.93 -25.50
C ILE B 327 -45.66 -19.40 -26.39
N VAL B 328 -45.45 -20.49 -27.13
CA VAL B 328 -46.48 -21.00 -28.03
C VAL B 328 -47.73 -21.45 -27.26
N GLU B 329 -47.53 -22.27 -26.23
CA GLU B 329 -48.64 -22.74 -25.41
C GLU B 329 -49.42 -21.59 -24.79
N GLU B 330 -48.72 -20.50 -24.47
CA GLU B 330 -49.37 -19.38 -23.82
C GLU B 330 -50.18 -18.55 -24.81
N ILE B 331 -49.61 -18.29 -25.98
CA ILE B 331 -50.35 -17.57 -27.03
C ILE B 331 -51.59 -18.36 -27.42
N GLU B 332 -51.40 -19.67 -27.60
CA GLU B 332 -52.50 -20.58 -27.88
C GLU B 332 -53.57 -20.50 -26.79
N LYS B 333 -53.13 -20.48 -25.53
CA LYS B 333 -54.04 -20.55 -24.40
C LYS B 333 -54.87 -19.28 -24.22
N VAL B 334 -54.26 -18.12 -24.44
CA VAL B 334 -55.01 -16.88 -24.22
C VAL B 334 -55.78 -16.43 -25.46
N THR B 335 -55.51 -17.04 -26.61
CA THR B 335 -56.22 -16.68 -27.83
C THR B 335 -57.17 -17.78 -28.28
N ASN B 336 -57.32 -18.82 -27.47
CA ASN B 336 -58.23 -19.93 -27.76
C ASN B 336 -57.88 -20.62 -29.08
N THR B 337 -56.60 -20.59 -29.45
CA THR B 337 -56.17 -21.05 -30.76
C THR B 337 -55.28 -22.29 -30.66
N ILE B 338 -55.12 -22.98 -31.78
CA ILE B 338 -54.12 -24.01 -31.94
C ILE B 338 -53.21 -23.56 -33.08
N LEU B 339 -51.93 -23.40 -32.79
CA LEU B 339 -50.96 -22.93 -33.77
C LEU B 339 -50.07 -24.08 -34.19
N GLU B 340 -50.52 -24.83 -35.18
CA GLU B 340 -49.86 -26.05 -35.60
C GLU B 340 -48.59 -25.80 -36.38
N GLN B 341 -47.62 -26.70 -36.21
CA GLN B 341 -46.37 -26.62 -36.94
C GLN B 341 -46.48 -27.32 -38.29
N PRO B 342 -45.75 -26.83 -39.31
CA PRO B 342 -44.85 -25.67 -39.30
C PRO B 342 -45.55 -24.32 -39.09
N PHE B 343 -44.94 -23.44 -38.30
CA PHE B 343 -45.52 -22.13 -38.01
C PHE B 343 -45.62 -21.24 -39.25
N ASP B 344 -44.81 -21.53 -40.27
CA ASP B 344 -44.90 -20.75 -41.50
C ASP B 344 -45.89 -21.33 -42.54
N SER B 345 -46.69 -22.32 -42.12
CA SER B 345 -47.66 -23.04 -42.99
C SER B 345 -48.84 -22.11 -43.27
N ASN B 346 -49.67 -22.35 -44.29
CA ASN B 346 -50.50 -21.23 -44.76
C ASN B 346 -51.53 -21.04 -43.69
N GLU B 347 -52.02 -22.18 -43.20
CA GLU B 347 -53.03 -22.28 -42.17
C GLU B 347 -52.64 -21.52 -40.91
N THR B 348 -51.45 -21.81 -40.40
CA THR B 348 -50.97 -21.20 -39.17
C THR B 348 -50.73 -19.69 -39.33
N ILE B 349 -50.05 -19.30 -40.40
CA ILE B 349 -49.83 -17.88 -40.67
C ILE B 349 -51.16 -17.15 -40.77
N GLU B 350 -52.14 -17.74 -41.46
CA GLU B 350 -53.46 -17.11 -41.57
C GLU B 350 -54.15 -17.00 -40.21
N LYS B 351 -54.03 -18.05 -39.39
CA LYS B 351 -54.55 -17.97 -38.02
C LYS B 351 -53.95 -16.78 -37.26
N MET B 352 -52.64 -16.60 -37.38
CA MET B 352 -51.99 -15.52 -36.61
C MET B 352 -52.39 -14.14 -37.15
N ILE B 353 -52.37 -13.99 -38.47
CA ILE B 353 -52.86 -12.76 -39.09
C ILE B 353 -54.28 -12.44 -38.64
N ASN B 354 -55.13 -13.46 -38.53
CA ASN B 354 -56.50 -13.25 -38.05
C ASN B 354 -56.57 -12.84 -36.57
N ILE B 355 -55.78 -13.49 -35.73
CA ILE B 355 -55.71 -13.13 -34.32
C ILE B 355 -55.32 -11.67 -34.16
N ILE B 356 -54.36 -11.26 -34.99
CA ILE B 356 -53.85 -9.90 -34.97
C ILE B 356 -54.93 -8.95 -35.47
N LYS B 357 -55.64 -9.37 -36.51
CA LYS B 357 -56.68 -8.55 -37.10
C LYS B 357 -57.81 -8.28 -36.13
N GLU B 358 -58.26 -9.32 -35.44
CA GLU B 358 -59.40 -9.18 -34.55
C GLU B 358 -59.06 -8.39 -33.29
N HIS B 359 -57.88 -8.59 -32.74
CA HIS B 359 -57.52 -7.88 -31.51
C HIS B 359 -57.01 -6.46 -31.80
N LYS B 360 -57.07 -6.06 -33.06
CA LYS B 360 -56.79 -4.68 -33.47
C LYS B 360 -55.37 -4.25 -33.12
N ILE B 361 -54.40 -5.12 -33.37
CA ILE B 361 -53.02 -4.82 -33.08
C ILE B 361 -52.24 -4.75 -34.39
N GLU B 362 -51.11 -4.03 -34.37
CA GLU B 362 -50.34 -3.77 -35.58
C GLU B 362 -49.83 -5.05 -36.24
N LEU B 363 -50.01 -5.14 -37.55
CA LEU B 363 -49.49 -6.25 -38.35
C LEU B 363 -48.07 -5.93 -38.81
N PRO B 364 -47.11 -6.79 -38.43
CA PRO B 364 -45.71 -6.66 -38.87
C PRO B 364 -45.55 -6.68 -40.38
N ASN B 365 -44.53 -5.98 -40.87
CA ASN B 365 -44.23 -5.93 -42.30
C ASN B 365 -42.76 -6.28 -42.57
N PRO B 366 -42.50 -7.42 -43.23
CA PRO B 366 -43.44 -8.39 -43.79
C PRO B 366 -43.98 -9.34 -42.73
N PRO B 367 -45.14 -9.96 -42.99
CA PRO B 367 -45.78 -10.86 -42.02
C PRO B 367 -45.18 -12.27 -42.02
N THR B 368 -43.88 -12.39 -41.78
CA THR B 368 -43.28 -13.71 -41.63
C THR B 368 -43.79 -14.34 -40.33
N ALA B 369 -43.73 -15.67 -40.26
CA ALA B 369 -44.21 -16.39 -39.08
C ALA B 369 -43.51 -15.91 -37.80
N ALA B 370 -42.20 -15.69 -37.92
CA ALA B 370 -41.40 -15.26 -36.78
C ALA B 370 -41.88 -13.91 -36.23
N LYS B 371 -42.13 -12.96 -37.13
CA LYS B 371 -42.53 -11.62 -36.70
C LYS B 371 -43.95 -11.61 -36.18
N LEU B 372 -44.80 -12.50 -36.73
CA LEU B 372 -46.17 -12.62 -36.24
C LEU B 372 -46.17 -13.15 -34.82
N LEU B 373 -45.47 -14.28 -34.61
CA LEU B 373 -45.35 -14.87 -33.28
C LEU B 373 -44.77 -13.88 -32.29
N ASP B 374 -43.76 -13.15 -32.75
CA ASP B 374 -43.15 -12.13 -31.91
C ASP B 374 -44.16 -11.06 -31.48
N GLN B 375 -44.99 -10.61 -32.43
CA GLN B 375 -46.00 -9.59 -32.14
C GLN B 375 -47.08 -10.11 -31.18
N LEU B 376 -47.49 -11.36 -31.40
CA LEU B 376 -48.45 -12.02 -30.52
C LEU B 376 -47.90 -12.11 -29.11
N ALA B 377 -46.68 -12.61 -28.98
CA ALA B 377 -46.02 -12.69 -27.68
C ALA B 377 -45.97 -11.33 -27.00
N SER B 378 -45.51 -10.31 -27.72
CA SER B 378 -45.38 -8.99 -27.09
C SER B 378 -46.75 -8.47 -26.65
N HIS B 379 -47.81 -8.76 -27.42
CA HIS B 379 -49.12 -8.27 -27.01
C HIS B 379 -49.81 -9.10 -25.91
N PHE B 380 -49.54 -10.39 -25.83
CA PHE B 380 -50.35 -11.28 -25.00
C PHE B 380 -49.62 -11.86 -23.79
N ILE B 381 -48.30 -11.94 -23.86
CA ILE B 381 -47.57 -12.63 -22.80
C ILE B 381 -46.71 -11.72 -21.94
N GLU B 382 -46.01 -10.78 -22.58
CA GLU B 382 -44.86 -10.16 -21.94
C GLU B 382 -45.23 -9.40 -20.66
N ASN B 383 -46.51 -9.13 -20.45
CA ASN B 383 -46.97 -8.49 -19.21
C ASN B 383 -47.75 -9.38 -18.24
N LYS B 384 -47.60 -10.70 -18.38
CA LYS B 384 -48.32 -11.65 -17.55
C LYS B 384 -48.16 -11.40 -16.05
N TYR B 385 -46.94 -11.04 -15.64
CA TYR B 385 -46.66 -10.71 -14.24
C TYR B 385 -46.07 -9.32 -14.11
N ASN B 386 -46.34 -8.66 -13.00
CA ASN B 386 -45.78 -7.35 -12.73
C ASN B 386 -45.14 -7.29 -11.35
N ASP B 387 -45.56 -8.20 -10.49
CA ASP B 387 -45.08 -8.21 -9.13
C ASP B 387 -43.87 -9.08 -8.93
N LYS B 388 -43.37 -9.62 -10.02
CA LYS B 388 -42.15 -10.43 -10.02
C LYS B 388 -41.58 -10.58 -11.43
N PRO B 389 -40.26 -10.76 -11.54
CA PRO B 389 -39.68 -11.10 -12.84
C PRO B 389 -40.19 -12.46 -13.32
N PHE B 390 -40.20 -12.70 -14.63
CA PHE B 390 -40.58 -14.03 -15.11
C PHE B 390 -39.89 -14.34 -16.42
N PHE B 391 -39.82 -15.62 -16.76
CA PHE B 391 -39.21 -16.06 -18.02
C PHE B 391 -40.26 -16.48 -19.05
N ILE B 392 -40.03 -16.06 -20.29
CA ILE B 392 -40.73 -16.62 -21.44
C ILE B 392 -39.76 -17.62 -22.04
N VAL B 393 -40.22 -18.84 -22.33
CA VAL B 393 -39.32 -19.93 -22.70
C VAL B 393 -39.74 -20.69 -23.95
N GLU B 394 -38.80 -21.47 -24.48
CA GLU B 394 -39.08 -22.50 -25.50
C GLU B 394 -39.52 -21.89 -26.82
N HIS B 395 -38.93 -20.73 -27.14
CA HIS B 395 -39.12 -20.07 -28.41
C HIS B 395 -38.90 -21.01 -29.58
N PRO B 396 -39.83 -20.98 -30.54
CA PRO B 396 -39.68 -21.64 -31.84
C PRO B 396 -38.31 -21.42 -32.47
N GLN B 397 -37.84 -22.42 -33.22
CA GLN B 397 -36.56 -22.34 -33.91
C GLN B 397 -36.55 -21.20 -34.95
N ILE B 398 -37.67 -20.95 -35.60
CA ILE B 398 -37.72 -19.88 -36.58
C ILE B 398 -37.54 -18.49 -35.94
N MET B 399 -37.81 -18.35 -34.65
CA MET B 399 -37.52 -17.09 -33.93
C MET B 399 -36.10 -17.03 -33.37
N SER B 400 -35.37 -18.14 -33.47
CA SER B 400 -34.18 -18.34 -32.63
C SER B 400 -33.03 -19.02 -33.35
N PRO B 401 -32.48 -18.33 -34.37
CA PRO B 401 -31.51 -18.93 -35.29
C PRO B 401 -30.22 -19.46 -34.65
N LEU B 402 -29.90 -19.06 -33.42
CA LEU B 402 -28.62 -19.43 -32.81
C LEU B 402 -28.82 -20.34 -31.60
N ALA B 403 -30.07 -20.65 -31.30
CA ALA B 403 -30.38 -21.47 -30.14
C ALA B 403 -30.59 -22.96 -30.52
N LYS B 404 -30.12 -23.85 -29.65
CA LYS B 404 -30.16 -25.27 -29.94
C LYS B 404 -31.58 -25.83 -29.85
N TYR B 405 -31.94 -26.71 -30.78
CA TYR B 405 -33.28 -27.31 -30.78
C TYR B 405 -33.58 -27.92 -29.42
N HIS B 406 -34.83 -27.84 -29.00
CA HIS B 406 -35.26 -28.37 -27.71
C HIS B 406 -35.13 -29.90 -27.71
N ARG B 407 -34.60 -30.46 -26.62
CA ARG B 407 -34.23 -31.89 -26.65
C ARG B 407 -35.44 -32.85 -26.65
N THR B 408 -36.62 -32.36 -26.29
CA THR B 408 -37.84 -33.18 -26.37
C THR B 408 -39.01 -32.52 -27.11
N LYS B 409 -38.92 -31.24 -27.41
CA LYS B 409 -40.04 -30.54 -28.07
C LYS B 409 -39.71 -30.05 -29.47
N PRO B 410 -40.13 -30.81 -30.49
CA PRO B 410 -39.92 -30.51 -31.92
C PRO B 410 -40.27 -29.07 -32.30
N GLY B 411 -39.41 -28.45 -33.11
CA GLY B 411 -39.65 -27.10 -33.60
C GLY B 411 -39.36 -25.98 -32.62
N LEU B 412 -39.15 -26.32 -31.35
CA LEU B 412 -38.83 -25.33 -30.31
C LEU B 412 -37.33 -25.33 -30.00
N THR B 413 -36.89 -24.37 -29.18
CA THR B 413 -35.49 -24.28 -28.74
C THR B 413 -35.38 -24.19 -27.23
N GLU B 414 -34.16 -24.34 -26.70
CA GLU B 414 -33.96 -24.22 -25.25
C GLU B 414 -33.57 -22.79 -24.87
N ARG B 415 -34.52 -21.88 -25.03
CA ARG B 415 -34.29 -20.45 -24.86
C ARG B 415 -35.12 -19.90 -23.70
N LEU B 416 -34.61 -18.85 -23.07
CA LEU B 416 -35.33 -18.15 -22.03
C LEU B 416 -35.11 -16.65 -22.18
N GLU B 417 -36.13 -15.87 -21.87
CA GLU B 417 -36.07 -14.40 -21.83
C GLU B 417 -36.64 -13.97 -20.52
N MET B 418 -35.93 -13.17 -19.73
CA MET B 418 -36.54 -12.69 -18.49
C MET B 418 -37.07 -11.26 -18.65
N PHE B 419 -38.26 -11.05 -18.10
CA PHE B 419 -38.99 -9.79 -18.17
C PHE B 419 -39.25 -9.26 -16.77
N ILE B 420 -39.06 -7.94 -16.64
CA ILE B 420 -39.39 -7.22 -15.42
C ILE B 420 -40.34 -6.10 -15.86
N CYS B 421 -41.50 -6.02 -15.22
CA CYS B 421 -42.58 -5.11 -15.64
C CYS B 421 -42.77 -5.03 -17.14
N GLY B 422 -42.81 -6.18 -17.81
CA GLY B 422 -43.10 -6.22 -19.23
C GLY B 422 -41.93 -5.92 -20.17
N LYS B 423 -40.76 -5.65 -19.59
CA LYS B 423 -39.58 -5.32 -20.39
C LYS B 423 -38.56 -6.44 -20.32
N GLU B 424 -38.01 -6.81 -21.46
CA GLU B 424 -36.95 -7.81 -21.55
C GLU B 424 -35.65 -7.26 -20.98
N VAL B 425 -35.02 -8.02 -20.10
CA VAL B 425 -33.73 -7.61 -19.57
C VAL B 425 -32.65 -8.67 -19.77
N LEU B 426 -33.08 -9.82 -20.29
CA LEU B 426 -32.22 -11.01 -20.31
C LEU B 426 -32.65 -11.95 -21.40
N ASN B 427 -31.69 -12.43 -22.18
CA ASN B 427 -31.97 -13.39 -23.24
C ASN B 427 -30.88 -14.48 -23.20
N ALA B 428 -31.28 -15.74 -23.16
CA ALA B 428 -30.30 -16.81 -22.91
C ALA B 428 -30.74 -18.12 -23.56
N TYR B 429 -29.79 -19.01 -23.85
CA TYR B 429 -30.14 -20.34 -24.34
C TYR B 429 -28.99 -21.32 -24.38
N THR B 430 -29.35 -22.60 -24.42
CA THR B 430 -28.41 -23.62 -24.84
C THR B 430 -28.00 -23.24 -26.24
N GLU B 431 -26.69 -23.16 -26.49
CA GLU B 431 -26.19 -22.73 -27.78
C GLU B 431 -26.22 -23.82 -28.87
N LEU B 432 -26.60 -23.42 -30.07
CA LEU B 432 -26.57 -24.31 -31.23
C LEU B 432 -25.11 -24.56 -31.59
N ASN B 433 -24.65 -25.81 -31.53
CA ASN B 433 -23.26 -26.05 -31.82
C ASN B 433 -23.01 -27.00 -33.01
N ASP B 434 -24.09 -27.44 -33.66
CA ASP B 434 -23.98 -28.23 -34.90
C ASP B 434 -23.86 -27.30 -36.10
N PRO B 435 -22.69 -27.28 -36.75
CA PRO B 435 -22.48 -26.30 -37.83
C PRO B 435 -23.45 -26.53 -38.99
N PHE B 436 -23.77 -27.80 -39.25
CA PHE B 436 -24.75 -28.15 -40.28
C PHE B 436 -26.08 -27.42 -40.06
N LYS B 437 -26.65 -27.62 -38.87
CA LYS B 437 -27.88 -26.95 -38.50
C LYS B 437 -27.72 -25.43 -38.54
N GLN B 438 -26.53 -24.96 -38.17
CA GLN B 438 -26.30 -23.52 -38.12
C GLN B 438 -26.43 -22.88 -39.50
N LYS B 439 -25.80 -23.52 -40.48
CA LYS B 439 -25.90 -23.00 -41.84
C LYS B 439 -27.34 -23.12 -42.32
N GLU B 440 -28.02 -24.20 -41.94
CA GLU B 440 -29.46 -24.26 -42.25
C GLU B 440 -30.23 -23.01 -41.74
N CYS B 441 -30.07 -22.71 -40.46
CA CYS B 441 -30.77 -21.57 -39.86
C CYS B 441 -30.42 -20.27 -40.58
N PHE B 442 -29.14 -20.11 -40.91
CA PHE B 442 -28.75 -18.91 -41.63
C PHE B 442 -29.45 -18.84 -43.00
N LYS B 443 -29.57 -19.96 -43.70
CA LYS B 443 -30.25 -19.90 -44.99
C LYS B 443 -31.74 -19.53 -44.84
N LEU B 444 -32.41 -20.11 -43.82
CA LEU B 444 -33.78 -19.71 -43.52
C LEU B 444 -33.90 -18.19 -43.26
N GLN B 445 -33.01 -17.68 -42.41
CA GLN B 445 -32.98 -16.25 -42.11
C GLN B 445 -32.82 -15.43 -43.38
N GLN B 446 -31.91 -15.88 -44.24
CA GLN B 446 -31.61 -15.19 -45.49
C GLN B 446 -32.87 -15.10 -46.34
N LYS B 447 -33.62 -16.20 -46.40
CA LYS B 447 -34.88 -16.16 -47.14
C LYS B 447 -35.91 -15.25 -46.46
N ASP B 448 -35.85 -15.09 -45.15
CA ASP B 448 -36.69 -14.07 -44.51
C ASP B 448 -36.26 -12.65 -44.90
N ARG B 449 -34.95 -12.47 -45.08
CA ARG B 449 -34.39 -11.18 -45.46
C ARG B 449 -34.82 -10.80 -46.87
N GLU B 450 -34.77 -11.77 -47.78
CA GLU B 450 -35.19 -11.55 -49.16
C GLU B 450 -36.66 -11.15 -49.23
N LYS B 451 -37.44 -11.58 -48.25
CA LYS B 451 -38.87 -11.27 -48.23
C LYS B 451 -39.18 -9.99 -47.46
N GLY B 452 -38.15 -9.22 -47.14
CA GLY B 452 -38.34 -7.91 -46.55
C GLY B 452 -37.95 -7.71 -45.09
N ASP B 453 -37.54 -8.78 -44.41
CA ASP B 453 -37.14 -8.64 -43.01
C ASP B 453 -35.68 -8.17 -42.91
N THR B 454 -35.50 -6.87 -42.73
CA THR B 454 -34.17 -6.28 -42.74
C THR B 454 -33.43 -6.52 -41.42
N GLU B 455 -34.06 -7.25 -40.52
CA GLU B 455 -33.41 -7.62 -39.25
C GLU B 455 -32.95 -9.07 -39.25
N ALA B 456 -33.18 -9.78 -40.36
CA ALA B 456 -32.83 -11.18 -40.45
C ALA B 456 -31.33 -11.39 -40.28
N ALA B 457 -30.95 -12.47 -39.60
CA ALA B 457 -29.55 -12.83 -39.44
C ALA B 457 -28.89 -13.06 -40.80
N GLN B 458 -27.78 -12.37 -41.04
CA GLN B 458 -26.97 -12.60 -42.22
C GLN B 458 -25.93 -13.69 -41.96
N LEU B 459 -25.61 -14.47 -42.99
CA LEU B 459 -24.63 -15.54 -42.86
C LEU B 459 -23.26 -15.01 -42.46
N ASP B 460 -22.70 -15.59 -41.40
CA ASP B 460 -21.34 -15.28 -40.99
C ASP B 460 -20.46 -16.52 -41.17
N SER B 461 -19.74 -16.58 -42.28
CA SER B 461 -18.98 -17.77 -42.63
C SER B 461 -17.83 -18.03 -41.68
N ALA B 462 -17.22 -16.97 -41.16
CA ALA B 462 -16.13 -17.12 -40.21
C ALA B 462 -16.63 -17.86 -38.97
N PHE B 463 -17.80 -17.43 -38.50
CA PHE B 463 -18.44 -18.07 -37.36
C PHE B 463 -18.80 -19.56 -37.64
N CYS B 464 -19.48 -19.83 -38.75
CA CYS B 464 -19.87 -21.22 -39.07
C CYS B 464 -18.63 -22.13 -39.16
N THR B 465 -17.61 -21.63 -39.85
CA THR B 465 -16.33 -22.32 -39.95
C THR B 465 -15.77 -22.61 -38.57
N SER B 466 -15.86 -21.63 -37.65
CA SER B 466 -15.41 -21.87 -36.29
C SER B 466 -16.24 -22.99 -35.63
N LEU B 467 -17.54 -23.04 -35.90
CA LEU B 467 -18.33 -24.17 -35.36
C LEU B 467 -17.82 -25.52 -35.90
N GLU B 468 -17.28 -25.52 -37.12
CA GLU B 468 -16.76 -26.78 -37.68
C GLU B 468 -15.54 -27.37 -36.92
N TYR B 469 -14.97 -26.61 -35.99
CA TYR B 469 -13.82 -27.09 -35.23
C TYR B 469 -14.23 -27.64 -33.87
N GLY B 470 -15.52 -27.58 -33.58
CA GLY B 470 -16.00 -28.15 -32.34
C GLY B 470 -16.26 -27.11 -31.26
N LEU B 471 -17.52 -26.72 -31.16
CA LEU B 471 -18.00 -25.89 -30.06
C LEU B 471 -18.59 -26.86 -29.08
N PRO B 472 -18.05 -26.92 -27.85
CA PRO B 472 -18.61 -27.88 -26.89
C PRO B 472 -20.06 -27.50 -26.59
N PRO B 473 -20.88 -28.43 -26.05
CA PRO B 473 -22.16 -28.02 -25.47
C PRO B 473 -21.95 -26.82 -24.56
N THR B 474 -22.77 -25.77 -24.70
CA THR B 474 -22.50 -24.47 -24.10
C THR B 474 -23.81 -23.75 -23.78
N GLY B 475 -23.85 -23.02 -22.67
CA GLY B 475 -24.96 -22.13 -22.39
C GLY B 475 -24.55 -20.67 -22.45
N GLY B 476 -25.37 -19.83 -23.07
CA GLY B 476 -25.02 -18.43 -23.24
C GLY B 476 -26.11 -17.51 -22.73
N LEU B 477 -25.73 -16.32 -22.27
CA LEU B 477 -26.71 -15.43 -21.66
C LEU B 477 -26.33 -13.95 -21.82
N GLY B 478 -27.33 -13.11 -22.05
CA GLY B 478 -27.14 -11.67 -22.19
C GLY B 478 -28.06 -10.90 -21.28
N LEU B 479 -27.56 -9.74 -20.81
CA LEU B 479 -28.26 -8.83 -19.90
C LEU B 479 -28.18 -7.41 -20.45
N GLY B 480 -29.28 -6.69 -20.32
CA GLY B 480 -29.31 -5.27 -20.65
C GLY B 480 -29.09 -4.47 -19.39
N ILE B 481 -27.87 -3.96 -19.24
CA ILE B 481 -27.50 -3.27 -18.02
C ILE B 481 -28.36 -2.03 -17.73
N ASP B 482 -28.62 -1.24 -18.76
CA ASP B 482 -29.42 -0.02 -18.60
C ASP B 482 -30.83 -0.30 -18.06
N ARG B 483 -31.50 -1.30 -18.61
CA ARG B 483 -32.87 -1.59 -18.21
C ARG B 483 -32.92 -2.12 -16.78
N ILE B 484 -31.95 -2.96 -16.46
CA ILE B 484 -31.81 -3.46 -15.11
C ILE B 484 -31.64 -2.29 -14.14
N THR B 485 -30.77 -1.35 -14.51
CA THR B 485 -30.52 -0.19 -13.67
C THR B 485 -31.79 0.65 -13.51
N MET B 486 -32.55 0.82 -14.60
CA MET B 486 -33.83 1.53 -14.54
C MET B 486 -34.69 0.94 -13.46
N PHE B 487 -34.82 -0.39 -13.46
CA PHE B 487 -35.66 -0.99 -12.42
C PHE B 487 -35.08 -0.85 -11.01
N LEU B 488 -33.75 -0.88 -10.90
CA LEU B 488 -33.18 -0.82 -9.56
C LEU B 488 -32.93 0.62 -9.05
N THR B 489 -33.25 1.61 -9.88
CA THR B 489 -33.13 3.01 -9.45
C THR B 489 -34.45 3.75 -9.61
N ASN B 490 -35.51 2.98 -9.89
CA ASN B 490 -36.87 3.50 -10.00
C ASN B 490 -37.06 4.57 -11.08
N LYS B 491 -36.51 4.30 -12.27
CA LYS B 491 -36.68 5.20 -13.39
C LYS B 491 -37.56 4.57 -14.47
N ASN B 492 -38.39 5.39 -15.10
CA ASN B 492 -39.29 4.95 -16.19
C ASN B 492 -38.64 5.12 -17.56
N SER B 493 -37.52 5.82 -17.57
CA SER B 493 -36.86 6.15 -18.83
C SER B 493 -35.40 5.75 -18.81
N ILE B 494 -34.94 5.19 -19.93
CA ILE B 494 -33.57 4.76 -20.04
C ILE B 494 -32.62 5.99 -20.03
N LYS B 495 -33.13 7.15 -20.46
CA LYS B 495 -32.36 8.40 -20.42
C LYS B 495 -31.95 8.79 -19.03
N ASP B 496 -32.72 8.33 -18.04
CA ASP B 496 -32.39 8.64 -16.65
C ASP B 496 -31.25 7.79 -16.08
N VAL B 497 -30.75 6.79 -16.83
CA VAL B 497 -29.67 5.98 -16.26
C VAL B 497 -28.45 5.96 -17.19
N ILE B 498 -28.51 6.79 -18.22
CA ILE B 498 -27.40 6.95 -19.15
C ILE B 498 -26.92 8.39 -18.95
N LEU B 499 -25.65 8.59 -18.61
CA LEU B 499 -25.15 9.95 -18.30
C LEU B 499 -25.42 10.92 -19.43
N PHE B 500 -25.12 10.49 -20.66
CA PHE B 500 -25.34 11.33 -21.84
C PHE B 500 -26.15 10.57 -22.91
N PRO B 501 -27.47 10.48 -22.71
CA PRO B 501 -28.33 9.78 -23.68
C PRO B 501 -28.28 10.43 -25.09
N THR B 502 -28.63 9.68 -26.12
CA THR B 502 -28.50 10.16 -27.49
C THR B 502 -29.54 11.25 -27.77
N MET B 503 -29.08 12.38 -28.28
CA MET B 503 -29.98 13.50 -28.55
C MET B 503 -29.61 14.23 -29.82
N ARG B 504 -30.60 14.94 -30.38
CA ARG B 504 -30.37 15.86 -31.48
C ARG B 504 -29.53 17.04 -30.97
N PRO B 505 -28.80 17.73 -31.86
CA PRO B 505 -27.96 18.87 -31.47
C PRO B 505 -28.76 19.98 -30.78
N ALA B 506 -28.13 20.66 -29.83
CA ALA B 506 -28.78 21.78 -29.16
C ALA B 506 -28.88 22.99 -30.10
N ASN B 507 -29.61 24.01 -29.69
CA ASN B 507 -29.70 25.24 -30.49
C ASN B 507 -28.40 26.04 -30.53
N ASP C 3 12.04 -27.95 -9.84
CA ASP C 3 10.92 -27.04 -9.61
C ASP C 3 10.67 -26.81 -8.12
N PRO C 4 10.78 -25.54 -7.69
CA PRO C 4 10.56 -25.13 -6.30
C PRO C 4 9.20 -25.55 -5.75
N ARG C 5 8.15 -25.40 -6.54
CA ARG C 5 6.79 -25.72 -6.09
C ARG C 5 6.66 -27.20 -5.74
N LEU C 6 7.10 -28.04 -6.68
CA LEU C 6 7.02 -29.49 -6.47
C LEU C 6 7.95 -29.90 -5.33
N TYR C 7 9.09 -29.23 -5.24
CA TYR C 7 10.04 -29.50 -4.15
C TYR C 7 9.30 -29.32 -2.82
N PHE C 8 8.64 -28.18 -2.69
CA PHE C 8 7.91 -27.86 -1.48
C PHE C 8 6.76 -28.83 -1.19
N GLU C 9 6.03 -29.20 -2.24
CA GLU C 9 4.88 -30.09 -2.08
C GLU C 9 5.32 -31.48 -1.63
N ASN C 10 6.44 -31.93 -2.19
CA ASN C 10 7.08 -33.17 -1.80
C ASN C 10 7.63 -33.15 -0.37
N ARG C 11 8.19 -32.01 0.04
CA ARG C 11 8.70 -31.92 1.40
C ARG C 11 7.55 -31.95 2.41
N SER C 12 6.46 -31.26 2.07
CA SER C 12 5.29 -31.23 2.96
C SER C 12 4.64 -32.60 3.07
N LYS C 13 4.56 -33.27 1.92
CA LYS C 13 4.10 -34.65 1.89
C LYS C 13 4.99 -35.49 2.82
N PHE C 14 6.30 -35.31 2.70
CA PHE C 14 7.25 -35.99 3.57
C PHE C 14 6.94 -35.79 5.05
N ILE C 15 6.68 -34.54 5.45
CA ILE C 15 6.36 -34.27 6.86
C ILE C 15 5.06 -34.98 7.30
N GLN C 16 4.04 -34.96 6.44
CA GLN C 16 2.78 -35.61 6.82
C GLN C 16 2.98 -37.13 6.99
N ASP C 17 3.72 -37.70 6.05
CA ASP C 17 4.05 -39.12 6.08
C ASP C 17 4.82 -39.51 7.33
N GLN C 18 5.83 -38.71 7.68
CA GLN C 18 6.56 -38.91 8.92
C GLN C 18 5.63 -38.86 10.12
N LYS C 19 4.71 -37.90 10.14
CA LYS C 19 3.78 -37.79 11.26
C LYS C 19 2.91 -39.03 11.41
N ASP C 20 2.18 -39.39 10.37
CA ASP C 20 1.26 -40.54 10.46
C ASP C 20 2.00 -41.86 10.67
N LYS C 21 3.28 -41.90 10.33
CA LYS C 21 4.12 -43.04 10.65
C LYS C 21 4.53 -43.05 12.12
N GLY C 22 4.06 -42.04 12.87
CA GLY C 22 4.28 -41.98 14.31
C GLY C 22 5.59 -41.34 14.74
N ILE C 23 6.27 -40.66 13.81
CA ILE C 23 7.50 -39.95 14.14
C ILE C 23 7.25 -38.46 14.23
N ASN C 24 7.83 -37.81 15.24
CA ASN C 24 7.74 -36.35 15.39
C ASN C 24 8.89 -35.66 14.70
N PRO C 25 8.64 -35.11 13.50
CA PRO C 25 9.70 -34.46 12.74
C PRO C 25 10.05 -33.06 13.30
N TYR C 26 9.32 -32.60 14.31
CA TYR C 26 9.70 -31.38 15.06
C TYR C 26 9.75 -31.66 16.57
N PRO C 27 10.83 -32.33 16.99
CA PRO C 27 11.00 -32.66 18.43
C PRO C 27 11.13 -31.41 19.30
N HIS C 28 10.75 -31.54 20.56
CA HIS C 28 10.64 -30.39 21.44
C HIS C 28 11.99 -29.91 21.90
N LYS C 29 12.87 -30.86 22.22
CA LYS C 29 14.16 -30.50 22.82
C LYS C 29 15.26 -31.47 22.47
N PHE C 30 16.35 -30.94 21.92
CA PHE C 30 17.56 -31.70 21.76
C PHE C 30 18.60 -31.01 22.63
N GLU C 31 19.24 -31.74 23.53
CA GLU C 31 20.20 -31.08 24.44
C GLU C 31 21.62 -31.18 23.93
N ARG C 32 22.16 -30.10 23.36
CA ARG C 32 23.50 -30.19 22.80
C ARG C 32 24.58 -29.92 23.87
N THR C 33 25.81 -30.28 23.55
CA THR C 33 26.88 -30.26 24.52
C THR C 33 27.88 -29.19 24.14
N ILE C 34 27.81 -28.76 22.89
CA ILE C 34 28.79 -27.84 22.35
C ILE C 34 28.23 -27.13 21.12
N SER C 35 28.63 -25.87 20.93
CA SER C 35 28.29 -25.12 19.73
C SER C 35 29.32 -25.42 18.66
N ILE C 36 29.01 -25.06 17.42
CA ILE C 36 29.95 -25.33 16.32
C ILE C 36 31.23 -24.47 16.43
N PRO C 37 31.11 -23.15 16.75
CA PRO C 37 32.35 -22.40 17.02
C PRO C 37 33.24 -23.00 18.11
N GLU C 38 32.62 -23.49 19.18
CA GLU C 38 33.33 -24.06 20.30
C GLU C 38 33.99 -25.37 19.91
N PHE C 39 33.26 -26.18 19.14
CA PHE C 39 33.79 -27.40 18.54
C PHE C 39 35.04 -27.11 17.76
N ILE C 40 34.97 -26.06 16.94
CA ILE C 40 36.11 -25.70 16.10
C ILE C 40 37.29 -25.29 16.95
N GLU C 41 37.09 -24.35 17.87
CA GLU C 41 38.19 -23.89 18.68
C GLU C 41 38.80 -25.05 19.50
N LYS C 42 37.97 -26.00 19.91
CA LYS C 42 38.44 -27.08 20.75
C LYS C 42 39.21 -28.15 19.98
N TYR C 43 38.73 -28.51 18.78
CA TYR C 43 39.28 -29.65 18.06
C TYR C 43 40.02 -29.32 16.76
N LYS C 44 40.29 -28.06 16.49
CA LYS C 44 40.88 -27.71 15.19
C LYS C 44 42.34 -28.13 15.07
N ASP C 45 42.98 -28.41 16.21
CA ASP C 45 44.39 -28.76 16.23
CA ASP C 45 44.39 -28.77 16.17
C ASP C 45 44.61 -30.27 16.17
N LEU C 46 43.54 -31.03 15.91
CA LEU C 46 43.67 -32.47 15.78
C LEU C 46 44.55 -32.77 14.57
N GLY C 47 45.18 -33.94 14.57
CA GLY C 47 45.97 -34.37 13.43
C GLY C 47 45.11 -35.13 12.43
N ASN C 48 45.56 -35.19 11.18
CA ASN C 48 44.81 -35.86 10.13
C ASN C 48 44.46 -37.30 10.48
N GLY C 49 43.21 -37.67 10.28
CA GLY C 49 42.75 -39.03 10.52
C GLY C 49 42.55 -39.37 11.98
N GLU C 50 42.86 -38.42 12.87
CA GLU C 50 42.68 -38.64 14.30
C GLU C 50 41.21 -38.70 14.67
N HIS C 51 40.83 -39.75 15.38
CA HIS C 51 39.47 -39.92 15.86
C HIS C 51 39.45 -39.93 17.38
N LEU C 52 38.67 -39.02 17.97
CA LEU C 52 38.49 -39.03 19.41
C LEU C 52 37.23 -39.83 19.73
N GLU C 53 37.28 -41.12 19.37
CA GLU C 53 36.08 -41.95 19.30
C GLU C 53 35.35 -42.13 20.63
N ASP C 54 36.02 -41.90 21.74
CA ASP C 54 35.39 -42.06 23.04
C ASP C 54 34.84 -40.73 23.55
N THR C 55 34.99 -39.68 22.74
CA THR C 55 34.39 -38.39 23.06
C THR C 55 33.04 -38.28 22.34
N ILE C 56 31.96 -38.58 23.03
CA ILE C 56 30.62 -38.50 22.44
C ILE C 56 29.97 -37.14 22.75
N LEU C 57 29.80 -36.35 21.70
CA LEU C 57 29.19 -35.01 21.72
C LEU C 57 27.78 -34.95 21.12
N ASN C 58 26.97 -34.02 21.63
CA ASN C 58 25.71 -33.63 21.01
C ASN C 58 25.90 -32.29 20.36
N ILE C 59 25.64 -32.22 19.06
CA ILE C 59 25.83 -30.97 18.35
C ILE C 59 24.65 -30.69 17.41
N THR C 60 24.28 -29.43 17.27
CA THR C 60 23.22 -29.07 16.34
C THR C 60 23.72 -28.15 15.25
N GLY C 61 22.97 -28.09 14.17
CA GLY C 61 23.34 -27.16 13.12
C GLY C 61 22.46 -27.31 11.89
N ARG C 62 22.67 -26.43 10.91
CA ARG C 62 21.91 -26.52 9.65
C ARG C 62 22.76 -27.14 8.54
N ILE C 63 22.20 -28.17 7.90
CA ILE C 63 22.86 -28.81 6.75
C ILE C 63 22.87 -27.87 5.56
N MET C 64 24.05 -27.62 5.00
CA MET C 64 24.16 -26.68 3.90
C MET C 64 24.79 -27.30 2.65
N ARG C 65 25.26 -28.54 2.75
CA ARG C 65 25.67 -29.25 1.56
C ARG C 65 25.51 -30.77 1.75
N VAL C 66 25.07 -31.46 0.70
CA VAL C 66 24.87 -32.91 0.77
C VAL C 66 25.70 -33.64 -0.28
N SER C 67 26.67 -34.42 0.18
CA SER C 67 27.52 -35.21 -0.71
C SER C 67 27.53 -36.70 -0.33
N ALA C 68 27.93 -37.54 -1.27
CA ALA C 68 27.94 -38.98 -1.06
C ALA C 68 29.10 -39.64 -1.79
N SER C 69 29.87 -40.45 -1.08
CA SER C 69 30.91 -41.27 -1.70
C SER C 69 30.51 -42.74 -1.62
N GLY C 70 29.69 -43.19 -2.56
CA GLY C 70 29.12 -44.52 -2.49
C GLY C 70 27.98 -44.49 -1.49
N GLN C 71 27.61 -45.65 -0.96
CA GLN C 71 26.44 -45.72 -0.09
C GLN C 71 26.76 -45.73 1.41
N LYS C 72 27.94 -46.23 1.79
CA LYS C 72 28.29 -46.33 3.20
C LYS C 72 28.98 -45.07 3.74
N LEU C 73 29.13 -44.06 2.89
CA LEU C 73 29.81 -42.85 3.30
C LEU C 73 29.03 -41.61 2.86
N ARG C 74 28.46 -40.88 3.82
CA ARG C 74 27.69 -39.68 3.49
C ARG C 74 28.35 -38.42 4.06
N PHE C 75 28.53 -37.43 3.20
CA PHE C 75 29.17 -36.16 3.57
C PHE C 75 28.17 -35.01 3.67
N PHE C 76 28.39 -34.11 4.62
CA PHE C 76 27.55 -32.93 4.77
C PHE C 76 28.37 -31.72 5.21
N ASP C 77 27.88 -30.53 4.88
CA ASP C 77 28.37 -29.31 5.51
C ASP C 77 27.40 -28.93 6.62
N LEU C 78 27.92 -28.70 7.82
CA LEU C 78 27.09 -28.28 8.94
C LEU C 78 27.46 -26.86 9.35
N VAL C 79 26.46 -25.98 9.42
CA VAL C 79 26.75 -24.58 9.81
C VAL C 79 26.01 -24.13 11.06
N GLY C 80 26.66 -23.23 11.79
CA GLY C 80 26.15 -22.70 13.04
C GLY C 80 26.93 -21.46 13.44
N ASP C 81 26.21 -20.40 13.77
CA ASP C 81 26.81 -19.14 14.21
C ASP C 81 27.88 -18.62 13.26
N GLY C 82 27.63 -18.67 11.96
CA GLY C 82 28.57 -18.17 10.99
C GLY C 82 29.76 -19.08 10.70
N GLU C 83 29.83 -20.24 11.37
CA GLU C 83 30.97 -21.13 11.14
C GLU C 83 30.48 -22.48 10.62
N LYS C 84 31.43 -23.31 10.20
CA LYS C 84 31.11 -24.55 9.49
C LYS C 84 32.08 -25.68 9.80
N ILE C 85 31.53 -26.86 10.08
CA ILE C 85 32.31 -28.10 10.15
C ILE C 85 31.74 -29.08 9.14
N GLN C 86 32.42 -30.22 8.97
CA GLN C 86 31.93 -31.27 8.08
C GLN C 86 31.28 -32.38 8.89
N VAL C 87 30.28 -33.03 8.30
CA VAL C 87 29.69 -34.21 8.88
C VAL C 87 30.09 -35.40 8.02
N LEU C 88 30.80 -36.35 8.63
CA LEU C 88 31.19 -37.58 7.95
C LEU C 88 30.44 -38.74 8.60
N ALA C 89 29.39 -39.20 7.93
CA ALA C 89 28.55 -40.28 8.41
C ALA C 89 28.98 -41.61 7.80
N ASN C 90 29.52 -42.48 8.63
CA ASN C 90 30.04 -43.77 8.19
C ASN C 90 29.18 -44.91 8.72
N TYR C 91 28.75 -45.78 7.80
CA TYR C 91 27.98 -46.98 8.14
C TYR C 91 28.64 -47.70 9.31
N SER C 92 29.97 -47.70 9.32
CA SER C 92 30.75 -48.32 10.41
C SER C 92 30.36 -47.85 11.80
N PHE C 93 30.11 -46.54 11.94
CA PHE C 93 29.91 -45.95 13.25
C PHE C 93 28.43 -45.77 13.60
N HIS C 94 27.56 -46.08 12.66
CA HIS C 94 26.13 -45.86 12.81
C HIS C 94 25.47 -46.76 13.84
N ASN C 95 24.72 -46.18 14.77
CA ASN C 95 23.98 -46.98 15.73
C ASN C 95 22.77 -47.65 15.06
N HIS C 96 22.92 -48.93 14.70
CA HIS C 96 21.87 -49.60 13.91
C HIS C 96 20.64 -49.91 14.73
N GLU C 97 20.77 -49.84 16.05
CA GLU C 97 19.62 -50.03 16.93
C GLU C 97 18.63 -48.88 16.81
N LYS C 98 19.04 -47.77 16.20
CA LYS C 98 18.16 -46.61 16.07
C LYS C 98 17.46 -46.62 14.72
N GLY C 99 17.95 -47.46 13.81
CA GLY C 99 17.31 -47.61 12.51
C GLY C 99 18.31 -47.76 11.39
N ASN C 100 17.80 -47.83 10.18
CA ASN C 100 18.62 -48.12 9.00
C ASN C 100 19.42 -46.92 8.52
N PHE C 101 20.72 -47.11 8.36
CA PHE C 101 21.65 -46.05 7.96
C PHE C 101 21.19 -45.29 6.73
N ALA C 102 21.07 -46.02 5.63
CA ALA C 102 20.71 -45.42 4.35
C ALA C 102 19.37 -44.71 4.43
N GLU C 103 18.40 -45.34 5.09
CA GLU C 103 17.09 -44.73 5.28
C GLU C 103 17.18 -43.39 6.01
N CYS C 104 17.88 -43.38 7.15
CA CYS C 104 18.09 -42.14 7.90
C CYS C 104 18.71 -41.07 7.03
N TYR C 105 19.88 -41.35 6.47
CA TYR C 105 20.61 -40.28 5.80
C TYR C 105 20.08 -39.87 4.42
N ASP C 106 19.29 -40.73 3.78
CA ASP C 106 18.68 -40.40 2.49
C ASP C 106 17.67 -39.26 2.62
N LYS C 107 16.99 -39.20 3.76
CA LYS C 107 15.93 -38.22 4.01
CA LYS C 107 15.93 -38.21 3.93
C LYS C 107 16.45 -36.79 4.17
N ILE C 108 17.74 -36.65 4.48
CA ILE C 108 18.31 -35.34 4.83
C ILE C 108 18.53 -34.40 3.64
N ARG C 109 17.94 -33.23 3.70
CA ARG C 109 18.07 -32.26 2.62
C ARG C 109 18.85 -31.03 3.04
N ARG C 110 19.45 -30.35 2.06
CA ARG C 110 20.08 -29.07 2.27
C ARG C 110 19.13 -28.10 2.97
N GLY C 111 19.62 -27.45 4.03
CA GLY C 111 18.83 -26.52 4.80
C GLY C 111 18.15 -27.17 5.99
N ASP C 112 18.22 -28.50 6.11
CA ASP C 112 17.61 -29.13 7.26
C ASP C 112 18.40 -28.77 8.53
N ILE C 113 17.69 -28.67 9.64
CA ILE C 113 18.30 -28.51 10.94
C ILE C 113 18.29 -29.85 11.64
N VAL C 114 19.48 -30.26 12.08
CA VAL C 114 19.63 -31.59 12.63
C VAL C 114 20.39 -31.58 13.96
N GLY C 115 20.11 -32.63 14.72
CA GLY C 115 20.83 -32.94 15.94
C GLY C 115 21.65 -34.19 15.71
N ILE C 116 22.91 -34.12 16.12
CA ILE C 116 23.86 -35.20 15.93
C ILE C 116 24.45 -35.65 17.27
N VAL C 117 24.45 -36.97 17.46
CA VAL C 117 25.26 -37.63 18.49
C VAL C 117 26.45 -38.25 17.77
N GLY C 118 27.66 -37.83 18.13
CA GLY C 118 28.82 -38.21 17.35
C GLY C 118 30.13 -37.94 18.03
N PHE C 119 31.25 -38.11 17.33
CA PHE C 119 32.53 -37.82 17.96
C PHE C 119 33.37 -36.92 17.06
N PRO C 120 34.28 -36.15 17.64
CA PRO C 120 35.09 -35.25 16.81
C PRO C 120 36.23 -35.98 16.13
N GLY C 121 36.68 -35.45 14.99
CA GLY C 121 37.85 -36.00 14.35
C GLY C 121 38.22 -35.18 13.14
N LYS C 122 39.26 -35.60 12.43
CA LYS C 122 39.55 -35.02 11.12
C LYS C 122 39.51 -36.12 10.07
N SER C 123 39.25 -35.73 8.83
CA SER C 123 39.31 -36.68 7.71
C SER C 123 40.77 -36.93 7.37
N LYS C 124 41.00 -37.85 6.44
CA LYS C 124 42.36 -38.14 6.01
C LYS C 124 43.02 -36.89 5.44
N LYS C 125 42.24 -36.08 4.73
CA LYS C 125 42.75 -34.88 4.08
C LYS C 125 42.89 -33.70 5.04
N GLY C 126 42.42 -33.87 6.28
CA GLY C 126 42.59 -32.85 7.30
C GLY C 126 41.40 -31.90 7.45
N GLU C 127 40.22 -32.39 7.14
CA GLU C 127 39.00 -31.60 7.29
C GLU C 127 38.33 -31.92 8.63
N LEU C 128 38.17 -30.90 9.46
CA LEU C 128 37.56 -31.07 10.77
C LEU C 128 36.11 -31.52 10.64
N SER C 129 35.78 -32.64 11.28
CA SER C 129 34.48 -33.27 11.10
C SER C 129 33.88 -33.81 12.39
N ILE C 130 32.56 -33.86 12.40
CA ILE C 130 31.82 -34.60 13.41
C ILE C 130 31.38 -35.93 12.78
N PHE C 131 31.66 -37.04 13.46
CA PHE C 131 31.34 -38.40 13.00
C PHE C 131 30.14 -38.92 13.78
N PRO C 132 28.96 -38.86 13.17
CA PRO C 132 27.76 -39.27 13.91
C PRO C 132 27.61 -40.77 14.13
N LYS C 133 26.97 -41.11 15.24
CA LYS C 133 26.43 -42.44 15.51
C LYS C 133 24.94 -42.38 15.20
N GLU C 134 24.42 -41.16 15.26
CA GLU C 134 22.99 -40.95 15.18
C GLU C 134 22.68 -39.49 14.83
N THR C 135 21.89 -39.33 13.79
CA THR C 135 21.48 -38.00 13.31
C THR C 135 19.97 -37.94 13.35
N ILE C 136 19.48 -36.84 13.90
CA ILE C 136 18.06 -36.63 14.18
C ILE C 136 17.60 -35.36 13.46
N LEU C 137 16.44 -35.42 12.81
CA LEU C 137 15.90 -34.22 12.18
C LEU C 137 15.22 -33.36 13.23
N LEU C 138 15.63 -32.09 13.34
CA LEU C 138 15.03 -31.22 14.35
C LEU C 138 14.03 -30.26 13.71
N SER C 139 14.38 -29.78 12.52
CA SER C 139 13.44 -28.92 11.81
C SER C 139 13.76 -28.94 10.33
N ALA C 140 12.79 -29.36 9.52
CA ALA C 140 13.03 -29.46 8.09
C ALA C 140 12.93 -28.12 7.39
N CYS C 141 13.74 -27.96 6.36
CA CYS C 141 13.62 -26.87 5.39
C CYS C 141 12.78 -27.33 4.19
N LEU C 142 11.56 -26.82 4.06
CA LEU C 142 10.60 -27.34 3.08
C LEU C 142 10.77 -26.76 1.68
N HIS C 143 11.56 -25.70 1.58
CA HIS C 143 11.82 -25.05 0.30
C HIS C 143 13.20 -25.39 -0.19
N MET C 144 13.46 -25.12 -1.46
CA MET C 144 14.83 -25.17 -1.94
C MET C 144 15.54 -23.91 -1.53
N LEU C 145 16.64 -24.06 -0.82
CA LEU C 145 17.52 -22.94 -0.54
C LEU C 145 18.34 -22.62 -1.77
N PRO C 146 18.33 -21.35 -2.20
CA PRO C 146 19.22 -20.97 -3.30
C PRO C 146 20.66 -21.24 -2.92
N MET C 147 21.51 -21.55 -3.90
CA MET C 147 22.92 -21.80 -3.61
C MET C 147 23.65 -20.47 -3.42
N THR C 154 18.84 -9.37 -6.05
CA THR C 154 17.41 -9.50 -5.81
C THR C 154 17.00 -8.64 -4.62
N GLU C 155 15.70 -8.36 -4.51
CA GLU C 155 15.21 -7.64 -3.35
C GLU C 155 14.81 -8.59 -2.23
N ILE C 156 14.96 -9.90 -2.47
CA ILE C 156 14.53 -10.88 -1.49
C ILE C 156 15.45 -10.86 -0.26
N ARG C 157 16.70 -10.45 -0.47
CA ARG C 157 17.62 -10.13 0.64
C ARG C 157 16.96 -9.20 1.63
N TYR C 158 16.14 -8.29 1.12
CA TYR C 158 15.44 -7.33 1.95
C TYR C 158 14.10 -7.84 2.43
N ARG C 159 13.52 -8.82 1.74
CA ARG C 159 12.21 -9.36 2.11
C ARG C 159 12.32 -10.62 2.94
N GLN C 160 13.33 -11.41 2.62
CA GLN C 160 13.61 -12.61 3.39
C GLN C 160 15.03 -12.50 3.89
N ARG C 161 15.21 -11.60 4.85
CA ARG C 161 16.54 -11.33 5.38
C ARG C 161 17.17 -12.62 5.89
N TYR C 162 16.37 -13.53 6.45
CA TYR C 162 16.90 -14.80 6.94
C TYR C 162 17.65 -15.60 5.86
N LEU C 163 17.19 -15.51 4.61
CA LEU C 163 17.92 -16.17 3.52
C LEU C 163 19.26 -15.49 3.28
N ASP C 164 19.24 -14.16 3.23
CA ASP C 164 20.46 -13.36 3.08
C ASP C 164 21.46 -13.74 4.17
N LEU C 165 20.97 -13.93 5.39
CA LEU C 165 21.84 -14.22 6.52
C LEU C 165 22.40 -15.62 6.44
N LEU C 166 21.58 -16.56 5.98
CA LEU C 166 22.05 -17.94 5.85
C LEU C 166 23.06 -18.12 4.73
N ILE C 167 22.82 -17.45 3.60
CA ILE C 167 23.59 -17.71 2.38
C ILE C 167 24.80 -16.81 2.18
N ASN C 168 24.63 -15.52 2.43
CA ASN C 168 25.72 -14.56 2.25
C ASN C 168 26.47 -14.32 3.55
N GLU C 169 27.74 -14.72 3.58
CA GLU C 169 28.57 -14.58 4.79
C GLU C 169 28.79 -13.11 5.18
N SER C 170 28.84 -12.23 4.18
CA SER C 170 29.10 -10.81 4.43
C SER C 170 27.99 -10.11 5.23
N SER C 171 26.79 -10.66 5.18
CA SER C 171 25.62 -10.04 5.78
C SER C 171 25.63 -10.13 7.32
N ARG C 172 25.89 -11.33 7.81
CA ARG C 172 26.09 -11.52 9.23
C ARG C 172 27.15 -10.53 9.70
N HIS C 173 28.25 -10.43 8.95
CA HIS C 173 29.32 -9.53 9.33
C HIS C 173 28.86 -8.08 9.41
N THR C 174 28.07 -7.65 8.43
CA THR C 174 27.52 -6.29 8.42
C THR C 174 26.70 -5.99 9.67
N PHE C 175 25.79 -6.90 10.01
CA PHE C 175 24.95 -6.64 11.18
C PHE C 175 25.65 -6.80 12.55
N VAL C 176 26.64 -7.68 12.60
CA VAL C 176 27.52 -7.75 13.77
C VAL C 176 28.25 -6.42 13.96
N THR C 177 28.80 -5.89 12.88
CA THR C 177 29.48 -4.61 12.96
C THR C 177 28.54 -3.49 13.40
N ARG C 178 27.31 -3.49 12.88
CA ARG C 178 26.30 -2.54 13.35
C ARG C 178 26.12 -2.59 14.87
N THR C 179 25.89 -3.81 15.39
CA THR C 179 25.72 -3.94 16.84
C THR C 179 26.96 -3.52 17.63
N LYS C 180 28.14 -3.83 17.11
CA LYS C 180 29.41 -3.39 17.69
C LYS C 180 29.56 -1.88 17.75
N ILE C 181 29.03 -1.21 16.72
CA ILE C 181 29.11 0.25 16.63
C ILE C 181 28.24 0.84 17.72
N ILE C 182 27.01 0.33 17.83
CA ILE C 182 26.13 0.83 18.90
C ILE C 182 26.66 0.52 20.32
N ASN C 183 27.16 -0.70 20.52
CA ASN C 183 27.85 -1.06 21.76
C ASN C 183 28.99 -0.09 22.10
N PHE C 184 29.82 0.18 21.09
CA PHE C 184 30.93 1.10 21.25
C PHE C 184 30.47 2.51 21.67
N LEU C 185 29.44 3.02 20.98
CA LEU C 185 28.90 4.36 21.28
C LEU C 185 28.34 4.46 22.70
N ARG C 186 27.54 3.46 23.06
CA ARG C 186 26.94 3.42 24.39
C ARG C 186 28.02 3.37 25.46
N ASN C 187 29.04 2.54 25.28
CA ASN C 187 30.12 2.49 26.26
CA ASN C 187 30.14 2.49 26.24
C ASN C 187 30.93 3.79 26.30
N PHE C 188 31.13 4.42 25.14
CA PHE C 188 31.89 5.68 25.02
C PHE C 188 31.21 6.77 25.88
N LEU C 189 29.89 6.84 25.68
CA LEU C 189 29.07 7.78 26.41
C LEU C 189 28.99 7.44 27.91
N ASN C 190 28.78 6.18 28.24
CA ASN C 190 28.66 5.82 29.66
C ASN C 190 29.96 6.06 30.40
N GLU C 191 31.09 5.73 29.78
CA GLU C 191 32.40 6.03 30.35
C GLU C 191 32.64 7.52 30.52
N ARG C 192 32.02 8.34 29.66
CA ARG C 192 32.13 9.78 29.94
C ARG C 192 31.09 10.38 30.93
N GLY C 193 30.39 9.51 31.67
CA GLY C 193 29.40 9.98 32.63
C GLY C 193 28.00 10.26 32.10
N PHE C 194 27.70 9.87 30.86
CA PHE C 194 26.35 10.15 30.34
C PHE C 194 25.30 9.16 30.82
N PHE C 195 24.08 9.64 30.92
CA PHE C 195 22.98 8.85 31.46
C PHE C 195 21.94 8.50 30.40
N GLU C 196 21.74 7.21 30.15
CA GLU C 196 20.81 6.80 29.09
C GLU C 196 19.35 6.83 29.52
N VAL C 197 18.48 7.45 28.71
CA VAL C 197 17.07 7.48 29.06
C VAL C 197 16.19 7.10 27.86
N GLU C 198 14.90 6.98 28.10
CA GLU C 198 13.92 6.82 27.02
C GLU C 198 12.91 7.97 27.10
N THR C 199 12.65 8.60 25.98
CA THR C 199 11.64 9.66 25.94
C THR C 199 10.54 9.18 25.00
N PRO C 200 9.38 9.88 24.97
CA PRO C 200 8.26 9.23 24.31
C PRO C 200 8.36 9.25 22.79
N MET C 201 7.87 8.19 22.16
CA MET C 201 7.87 8.10 20.72
C MET C 201 6.64 8.73 20.09
N MET C 202 5.59 8.93 20.88
CA MET C 202 4.38 9.60 20.44
C MET C 202 4.25 10.87 21.23
N ASN C 203 3.87 11.96 20.57
CA ASN C 203 3.76 13.27 21.22
C ASN C 203 2.67 14.14 20.61
N LEU C 204 2.28 15.18 21.34
CA LEU C 204 1.27 16.11 20.86
C LEU C 204 1.83 16.91 19.68
N ILE C 205 3.14 17.13 19.71
CA ILE C 205 3.85 17.89 18.69
C ILE C 205 5.15 17.16 18.32
N ALA C 206 5.56 17.24 17.06
CA ALA C 206 6.84 16.64 16.67
C ALA C 206 7.86 17.71 16.38
N GLY C 207 8.72 17.99 17.35
CA GLY C 207 9.70 19.05 17.22
C GLY C 207 11.10 18.48 17.26
N GLY C 208 12.09 19.36 17.17
CA GLY C 208 13.47 18.97 17.27
C GLY C 208 14.17 18.77 15.95
N ALA C 209 13.45 18.97 14.86
CA ALA C 209 14.04 18.83 13.54
C ALA C 209 13.09 19.44 12.54
N ASN C 210 13.54 19.56 11.29
CA ASN C 210 12.64 20.04 10.25
C ASN C 210 12.28 18.88 9.33
N ALA C 211 11.13 18.28 9.57
CA ALA C 211 10.70 17.12 8.79
C ALA C 211 9.22 16.90 8.99
N ARG C 212 8.63 16.15 8.08
CA ARG C 212 7.21 15.86 8.19
C ARG C 212 7.02 14.60 9.01
N PRO C 213 6.06 14.64 9.94
CA PRO C 213 5.85 13.55 10.90
C PRO C 213 4.87 12.48 10.41
N PHE C 214 4.91 11.31 11.04
CA PHE C 214 3.84 10.31 10.91
C PHE C 214 2.77 10.70 11.93
N ILE C 215 1.52 10.43 11.61
CA ILE C 215 0.47 10.77 12.54
C ILE C 215 -0.30 9.51 12.87
N THR C 216 -0.77 9.43 14.11
CA THR C 216 -1.46 8.26 14.57
C THR C 216 -2.53 8.71 15.54
N HIS C 217 -3.30 7.78 16.06
CA HIS C 217 -4.45 8.13 16.86
C HIS C 217 -4.62 7.17 18.02
N HIS C 218 -4.67 7.69 19.24
CA HIS C 218 -4.98 6.88 20.39
C HIS C 218 -6.47 6.92 20.66
N ASN C 219 -7.08 5.74 20.59
CA ASN C 219 -8.53 5.59 20.57
C ASN C 219 -9.22 6.08 21.82
N ASP C 220 -8.70 5.65 22.98
CA ASP C 220 -9.41 5.89 24.23
C ASP C 220 -9.36 7.35 24.66
N LEU C 221 -8.26 8.03 24.37
CA LEU C 221 -8.16 9.47 24.65
C LEU C 221 -8.73 10.29 23.51
N ASP C 222 -9.21 9.60 22.48
CA ASP C 222 -9.69 10.21 21.24
C ASP C 222 -8.73 11.29 20.77
N LEU C 223 -7.45 10.91 20.65
CA LEU C 223 -6.39 11.90 20.53
C LEU C 223 -5.42 11.63 19.39
N ASP C 224 -5.19 12.62 18.52
CA ASP C 224 -4.18 12.47 17.48
C ASP C 224 -2.79 12.73 18.06
N LEU C 225 -1.82 11.94 17.62
CA LEU C 225 -0.45 12.03 18.13
C LEU C 225 0.54 11.92 16.99
N TYR C 226 1.68 12.58 17.11
CA TYR C 226 2.72 12.48 16.11
C TYR C 226 3.87 11.61 16.62
N LEU C 227 4.40 10.77 15.75
CA LEU C 227 5.62 10.03 16.07
C LEU C 227 6.77 11.03 16.12
N ARG C 228 7.72 10.82 17.02
CA ARG C 228 8.81 11.78 17.13
C ARG C 228 9.65 11.77 15.86
N ILE C 229 10.08 12.97 15.46
CA ILE C 229 11.04 13.12 14.39
C ILE C 229 12.46 13.29 14.96
N ALA C 230 12.55 13.45 16.27
CA ALA C 230 13.83 13.69 16.93
C ALA C 230 13.65 13.53 18.42
N THR C 231 14.75 13.50 19.19
CA THR C 231 14.63 13.35 20.64
C THR C 231 15.05 14.66 21.38
N GLU C 232 15.38 15.68 20.59
CA GLU C 232 15.97 16.92 21.09
C GLU C 232 15.24 17.58 22.27
N LEU C 233 13.95 17.85 22.10
CA LEU C 233 13.21 18.66 23.06
C LEU C 233 13.05 18.00 24.43
N PRO C 234 12.58 16.72 24.47
CA PRO C 234 12.48 16.14 25.81
C PRO C 234 13.85 15.96 26.51
N LEU C 235 14.90 15.69 25.75
CA LEU C 235 16.25 15.57 26.35
C LEU C 235 16.72 16.92 26.93
N LYS C 236 16.44 18.01 26.22
CA LYS C 236 16.79 19.30 26.76
C LYS C 236 16.02 19.57 28.03
N MET C 237 14.75 19.16 28.03
CA MET C 237 13.96 19.28 29.25
C MET C 237 14.56 18.50 30.40
N LEU C 238 15.16 17.34 30.12
CA LEU C 238 15.88 16.61 31.17
C LEU C 238 17.12 17.35 31.65
N ILE C 239 17.76 18.10 30.75
CA ILE C 239 18.85 18.96 31.19
C ILE C 239 18.34 20.04 32.16
N VAL C 240 17.22 20.68 31.83
CA VAL C 240 16.58 21.61 32.78
C VAL C 240 16.42 20.87 34.11
N GLY C 241 15.99 19.62 34.02
CA GLY C 241 15.77 18.81 35.19
C GLY C 241 17.01 18.43 35.99
N GLY C 242 18.18 18.83 35.54
CA GLY C 242 19.41 18.54 36.26
C GLY C 242 20.09 17.20 35.92
N ILE C 243 19.61 16.48 34.92
CA ILE C 243 20.38 15.36 34.38
C ILE C 243 21.33 15.95 33.34
N ASP C 244 22.53 16.28 33.80
CA ASP C 244 23.42 17.17 33.07
C ASP C 244 24.20 16.53 31.95
N LYS C 245 24.18 15.20 31.89
CA LYS C 245 24.71 14.48 30.73
C LYS C 245 23.74 13.38 30.40
N VAL C 246 22.96 13.57 29.34
CA VAL C 246 21.84 12.67 29.07
C VAL C 246 21.86 12.26 27.59
N TYR C 247 21.41 11.07 27.27
CA TYR C 247 21.38 10.66 25.86
C TYR C 247 20.32 9.62 25.62
N GLU C 248 20.01 9.42 24.35
CA GLU C 248 19.05 8.39 23.95
C GLU C 248 19.47 7.83 22.61
N ILE C 249 19.41 6.50 22.48
CA ILE C 249 19.69 5.83 21.23
C ILE C 249 18.41 5.10 20.86
N GLY C 250 17.82 5.43 19.72
CA GLY C 250 16.61 4.73 19.34
C GLY C 250 16.04 5.28 18.04
N LYS C 251 14.84 4.83 17.71
CA LYS C 251 14.22 5.08 16.41
C LYS C 251 13.57 6.44 16.37
N VAL C 252 13.73 7.12 15.25
CA VAL C 252 12.88 8.28 14.97
C VAL C 252 12.25 8.04 13.58
N PHE C 253 11.27 8.88 13.24
CA PHE C 253 10.35 8.63 12.14
C PHE C 253 10.18 9.90 11.33
N ARG C 254 10.48 9.82 10.05
CA ARG C 254 10.34 10.97 9.17
C ARG C 254 9.55 10.50 7.97
N ASN C 255 8.39 11.12 7.77
CA ASN C 255 7.48 10.71 6.71
C ASN C 255 7.93 11.27 5.37
N GLU C 256 9.00 10.71 4.82
CA GLU C 256 9.44 11.10 3.49
C GLU C 256 9.89 9.89 2.70
N GLY C 257 10.16 10.09 1.43
CA GLY C 257 10.41 8.98 0.53
C GLY C 257 11.65 8.16 0.85
N ILE C 258 11.69 6.95 0.31
CA ILE C 258 12.82 6.05 0.51
C ILE C 258 13.84 6.21 -0.59
N ASP C 259 15.12 6.17 -0.23
CA ASP C 259 16.19 6.04 -1.20
C ASP C 259 17.43 5.45 -0.50
N ASN C 260 18.60 5.55 -1.12
CA ASN C 260 19.74 4.79 -0.63
C ASN C 260 20.29 5.28 0.72
N THR C 261 19.83 6.46 1.16
CA THR C 261 20.26 7.03 2.44
C THR C 261 19.07 7.50 3.28
N HIS C 262 17.87 7.05 2.92
CA HIS C 262 16.66 7.42 3.65
C HIS C 262 15.74 6.22 3.85
N ASN C 263 15.50 5.89 5.11
CA ASN C 263 14.48 4.92 5.48
C ASN C 263 13.58 5.63 6.48
N PRO C 264 12.25 5.56 6.31
CA PRO C 264 11.33 6.39 7.09
C PRO C 264 11.40 6.21 8.62
N GLU C 265 11.90 5.07 9.10
CA GLU C 265 12.29 4.96 10.49
C GLU C 265 13.75 4.64 10.48
N PHE C 266 14.51 5.33 11.30
CA PHE C 266 15.94 5.06 11.37
C PHE C 266 16.43 5.29 12.78
N THR C 267 17.67 4.91 13.04
CA THR C 267 18.16 4.96 14.40
C THR C 267 19.08 6.15 14.56
N SER C 268 18.79 6.96 15.57
CA SER C 268 19.69 8.03 15.90
C SER C 268 20.13 7.98 17.36
N CYS C 269 21.24 8.62 17.62
CA CYS C 269 21.63 8.83 18.99
C CYS C 269 21.70 10.33 19.20
N GLU C 270 21.08 10.85 20.25
CA GLU C 270 21.27 12.28 20.58
C GLU C 270 21.76 12.39 22.01
N PHE C 271 22.82 13.18 22.24
CA PHE C 271 23.22 13.43 23.61
C PHE C 271 23.22 14.94 23.88
N TYR C 272 23.05 15.29 25.16
CA TYR C 272 23.09 16.66 25.63
C TYR C 272 24.03 16.73 26.83
N TRP C 273 24.87 17.76 26.76
CA TRP C 273 26.05 17.90 27.59
C TRP C 273 26.04 19.31 28.20
N ALA C 274 25.57 19.42 29.44
CA ALA C 274 25.53 20.73 30.08
C ALA C 274 26.94 21.27 30.26
N TYR C 275 27.08 22.59 30.08
CA TYR C 275 28.31 23.37 30.31
C TYR C 275 29.35 23.16 29.22
N ALA C 276 28.95 22.45 28.15
CA ALA C 276 29.76 22.28 26.96
C ALA C 276 29.25 23.19 25.85
N ASP C 277 30.05 23.38 24.82
CA ASP C 277 29.61 24.21 23.71
C ASP C 277 30.12 23.63 22.39
N TYR C 278 29.83 24.33 21.30
CA TYR C 278 30.33 24.05 19.94
C TYR C 278 31.73 23.40 19.87
N ASN C 279 32.74 24.04 20.47
CA ASN C 279 34.11 23.51 20.37
C ASN C 279 34.31 22.15 21.04
N ASP C 280 33.72 21.97 22.22
CA ASP C 280 33.66 20.67 22.87
C ASP C 280 33.03 19.62 21.96
N LEU C 281 32.04 20.05 21.18
CA LEU C 281 31.29 19.11 20.34
C LEU C 281 32.12 18.70 19.11
N ILE C 282 32.87 19.65 18.57
CA ILE C 282 33.79 19.31 17.49
C ILE C 282 34.85 18.31 17.98
N LYS C 283 35.38 18.60 19.16
CA LYS C 283 36.39 17.71 19.75
C LYS C 283 35.83 16.31 20.02
N TRP C 284 34.63 16.27 20.61
CA TRP C 284 33.95 14.99 20.87
C TRP C 284 33.81 14.21 19.57
N SER C 285 33.37 14.89 18.52
CA SER C 285 33.16 14.21 17.22
C SER C 285 34.44 13.60 16.66
N GLU C 286 35.51 14.39 16.67
CA GLU C 286 36.79 13.90 16.18
C GLU C 286 37.31 12.70 17.01
N ASP C 287 37.25 12.82 18.34
CA ASP C 287 37.63 11.71 19.22
C ASP C 287 36.80 10.44 18.96
N PHE C 288 35.49 10.60 18.88
CA PHE C 288 34.58 9.47 18.77
C PHE C 288 34.77 8.75 17.45
N PHE C 289 34.74 9.49 16.34
CA PHE C 289 34.85 8.81 15.05
C PHE C 289 36.23 8.18 14.88
N SER C 290 37.30 8.91 15.24
CA SER C 290 38.64 8.32 15.12
C SER C 290 38.77 7.05 15.97
N GLN C 291 38.26 7.12 17.20
CA GLN C 291 38.36 5.97 18.09
C GLN C 291 37.48 4.79 17.66
N LEU C 292 36.32 5.07 17.07
CA LEU C 292 35.40 4.03 16.64
C LEU C 292 36.04 3.27 15.50
N VAL C 293 36.52 4.03 14.52
CA VAL C 293 37.15 3.41 13.36
C VAL C 293 38.37 2.61 13.79
N TYR C 294 39.20 3.16 14.67
CA TYR C 294 40.36 2.40 15.13
C TYR C 294 39.93 1.11 15.86
N HIS C 295 38.91 1.22 16.72
CA HIS C 295 38.35 0.08 17.44
C HIS C 295 37.94 -1.04 16.50
N LEU C 296 37.34 -0.67 15.37
CA LEU C 296 36.84 -1.68 14.45
C LEU C 296 37.90 -2.26 13.53
N PHE C 297 38.83 -1.43 13.08
CA PHE C 297 39.75 -1.84 12.01
C PHE C 297 41.24 -1.88 12.39
N GLY C 298 41.59 -1.37 13.57
CA GLY C 298 43.00 -1.24 13.95
C GLY C 298 43.77 -0.23 13.13
N THR C 299 43.06 0.62 12.39
CA THR C 299 43.63 1.68 11.58
C THR C 299 42.64 2.85 11.48
N TYR C 300 43.12 4.04 11.09
CA TYR C 300 42.21 5.18 10.92
C TYR C 300 41.78 5.35 9.47
N LYS C 301 42.29 4.48 8.60
CA LYS C 301 41.98 4.56 7.18
C LYS C 301 41.10 3.40 6.76
N ILE C 302 40.02 3.69 6.06
CA ILE C 302 39.15 2.62 5.60
C ILE C 302 38.91 2.76 4.10
N SER C 303 38.49 1.68 3.46
CA SER C 303 38.18 1.76 2.05
C SER C 303 36.67 1.69 1.88
N TYR C 304 36.16 2.46 0.93
CA TYR C 304 34.74 2.55 0.68
C TYR C 304 34.46 2.55 -0.81
N ASN C 305 33.75 1.54 -1.27
CA ASN C 305 33.38 1.45 -2.68
C ASN C 305 32.18 2.34 -2.98
N LYS C 306 32.45 3.63 -3.13
CA LYS C 306 31.41 4.58 -3.48
C LYS C 306 30.82 4.25 -4.85
N ASP C 307 31.71 4.09 -5.83
CA ASP C 307 31.31 4.01 -7.23
C ASP C 307 31.01 2.59 -7.73
N GLY C 308 30.75 1.66 -6.82
CA GLY C 308 30.41 0.31 -7.22
C GLY C 308 31.46 -0.73 -6.88
N PRO C 309 31.09 -2.01 -7.00
CA PRO C 309 31.94 -3.14 -6.59
C PRO C 309 33.27 -3.24 -7.35
N GLU C 310 33.23 -3.02 -8.66
CA GLU C 310 34.42 -3.27 -9.48
C GLU C 310 35.28 -2.03 -9.68
N ASN C 311 34.71 -0.86 -9.45
CA ASN C 311 35.51 0.36 -9.53
C ASN C 311 36.35 0.55 -8.29
N GLN C 312 37.38 1.40 -8.41
CA GLN C 312 38.29 1.67 -7.32
C GLN C 312 37.55 2.23 -6.11
N PRO C 313 37.81 1.65 -4.93
CA PRO C 313 37.30 2.26 -3.70
C PRO C 313 38.02 3.57 -3.41
N ILE C 314 37.41 4.45 -2.63
CA ILE C 314 38.15 5.59 -2.13
C ILE C 314 38.56 5.28 -0.70
N GLU C 315 39.66 5.86 -0.27
CA GLU C 315 40.06 5.71 1.12
CA GLU C 315 40.10 5.73 1.12
C GLU C 315 39.60 6.91 1.94
N ILE C 316 38.99 6.62 3.09
CA ILE C 316 38.54 7.66 3.99
C ILE C 316 39.41 7.61 5.22
N ASP C 317 40.09 8.73 5.47
CA ASP C 317 41.00 8.89 6.58
C ASP C 317 40.29 9.59 7.73
N PHE C 318 40.06 8.86 8.83
CA PHE C 318 39.40 9.42 10.00
C PHE C 318 40.39 9.97 11.02
N THR C 319 41.63 10.18 10.59
CA THR C 319 42.65 10.81 11.43
C THR C 319 42.28 12.27 11.69
N PRO C 320 42.14 12.64 12.96
CA PRO C 320 41.79 14.02 13.34
C PRO C 320 43.01 14.93 13.15
N PRO C 321 42.80 16.24 12.95
CA PRO C 321 41.49 16.93 12.91
C PRO C 321 40.83 16.85 11.55
N TYR C 322 39.56 17.26 11.49
CA TYR C 322 38.83 17.26 10.23
C TYR C 322 38.61 18.70 9.80
N PRO C 323 38.51 18.96 8.49
CA PRO C 323 38.36 20.34 8.04
C PRO C 323 37.03 20.96 8.46
N LYS C 324 37.07 22.24 8.80
CA LYS C 324 35.87 23.01 9.15
C LYS C 324 35.60 24.03 8.05
N VAL C 325 34.36 24.02 7.54
CA VAL C 325 33.98 24.84 6.40
C VAL C 325 32.74 25.64 6.74
N SER C 326 32.90 26.95 6.86
CA SER C 326 31.78 27.84 7.16
C SER C 326 30.84 27.94 5.97
N ILE C 327 29.57 27.60 6.17
CA ILE C 327 28.63 27.46 5.06
C ILE C 327 28.40 28.76 4.25
N VAL C 328 28.18 29.87 4.94
CA VAL C 328 27.90 31.12 4.25
C VAL C 328 29.12 31.59 3.46
N GLU C 329 30.23 31.76 4.17
CA GLU C 329 31.46 32.24 3.53
C GLU C 329 31.91 31.34 2.38
N GLU C 330 31.62 30.04 2.48
CA GLU C 330 32.00 29.11 1.41
C GLU C 330 31.07 29.18 0.22
N ILE C 331 29.76 29.32 0.47
CA ILE C 331 28.82 29.52 -0.64
C ILE C 331 29.15 30.82 -1.38
N GLU C 332 29.48 31.86 -0.61
CA GLU C 332 29.91 33.14 -1.15
C GLU C 332 31.21 33.03 -1.95
N LYS C 333 32.16 32.24 -1.45
CA LYS C 333 33.48 32.14 -2.06
C LYS C 333 33.51 31.26 -3.33
N VAL C 334 32.76 30.17 -3.33
CA VAL C 334 32.74 29.29 -4.51
C VAL C 334 31.78 29.78 -5.57
N THR C 335 31.14 30.93 -5.30
CA THR C 335 30.22 31.59 -6.23
C THR C 335 30.58 33.07 -6.44
N ASN C 336 31.74 33.47 -5.92
CA ASN C 336 32.23 34.85 -5.95
C ASN C 336 31.14 35.91 -5.75
N THR C 337 30.27 35.68 -4.78
CA THR C 337 29.12 36.53 -4.52
C THR C 337 29.20 37.09 -3.10
N ILE C 338 28.33 38.06 -2.79
CA ILE C 338 28.16 38.53 -1.43
C ILE C 338 26.70 38.38 -1.03
N LEU C 339 26.45 37.50 -0.06
CA LEU C 339 25.11 37.33 0.49
C LEU C 339 25.01 38.13 1.77
N GLU C 340 24.66 39.40 1.63
CA GLU C 340 24.61 40.29 2.79
C GLU C 340 23.38 39.96 3.60
N GLN C 341 23.49 40.12 4.91
CA GLN C 341 22.37 39.92 5.81
C GLN C 341 21.51 41.18 5.88
N PRO C 342 20.19 41.01 6.08
CA PRO C 342 19.46 39.76 6.30
C PRO C 342 19.38 38.87 5.05
N PHE C 343 19.46 37.56 5.24
CA PHE C 343 19.36 36.60 4.13
C PHE C 343 17.96 36.57 3.54
N ASP C 344 17.00 37.11 4.28
CA ASP C 344 15.62 37.15 3.83
C ASP C 344 15.33 38.42 3.02
N SER C 345 16.31 39.32 2.95
CA SER C 345 16.20 40.54 2.14
C SER C 345 15.95 40.22 0.67
N ASN C 346 15.24 41.11 -0.01
CA ASN C 346 14.82 40.87 -1.38
C ASN C 346 16.01 40.74 -2.33
N GLU C 347 17.03 41.58 -2.12
CA GLU C 347 18.27 41.49 -2.87
C GLU C 347 18.89 40.11 -2.72
N THR C 348 19.07 39.68 -1.47
CA THR C 348 19.68 38.38 -1.18
C THR C 348 18.84 37.22 -1.70
N ILE C 349 17.52 37.28 -1.53
CA ILE C 349 16.66 36.17 -1.98
C ILE C 349 16.68 36.06 -3.50
N GLU C 350 16.45 37.17 -4.19
CA GLU C 350 16.52 37.18 -5.65
C GLU C 350 17.89 36.68 -6.13
N LYS C 351 18.93 37.15 -5.45
CA LYS C 351 20.32 36.79 -5.76
C LYS C 351 20.54 35.28 -5.67
N MET C 352 20.07 34.66 -4.59
CA MET C 352 20.24 33.22 -4.43
C MET C 352 19.42 32.48 -5.45
N ILE C 353 18.17 32.89 -5.64
CA ILE C 353 17.29 32.25 -6.62
C ILE C 353 18.01 32.22 -7.95
N ASN C 354 18.57 33.34 -8.36
CA ASN C 354 19.33 33.38 -9.61
C ASN C 354 20.58 32.50 -9.61
N ILE C 355 21.40 32.59 -8.55
CA ILE C 355 22.57 31.69 -8.40
C ILE C 355 22.16 30.24 -8.68
N ILE C 356 20.98 29.87 -8.21
CA ILE C 356 20.39 28.57 -8.51
C ILE C 356 19.91 28.42 -9.97
N LYS C 357 19.33 29.47 -10.55
CA LYS C 357 18.89 29.42 -11.96
C LYS C 357 20.05 29.18 -12.94
N GLU C 358 21.16 29.89 -12.73
CA GLU C 358 22.33 29.78 -13.60
C GLU C 358 22.92 28.38 -13.60
N HIS C 359 23.06 27.80 -12.41
CA HIS C 359 23.72 26.50 -12.27
C HIS C 359 22.75 25.33 -12.48
N LYS C 360 21.50 25.65 -12.82
CA LYS C 360 20.50 24.67 -13.26
C LYS C 360 20.14 23.62 -12.20
N ILE C 361 19.82 24.06 -10.99
CA ILE C 361 19.42 23.13 -9.93
C ILE C 361 17.98 23.37 -9.47
N GLU C 362 17.34 22.29 -9.01
CA GLU C 362 15.91 22.27 -8.71
C GLU C 362 15.50 23.29 -7.66
N LEU C 363 14.58 24.18 -8.04
CA LEU C 363 14.16 25.26 -7.16
C LEU C 363 13.20 24.75 -6.08
N PRO C 364 13.59 24.96 -4.80
CA PRO C 364 12.76 24.55 -3.66
C PRO C 364 11.43 25.30 -3.60
N ASN C 365 10.35 24.59 -3.33
CA ASN C 365 9.02 25.20 -3.18
C ASN C 365 8.47 25.01 -1.77
N PRO C 366 8.29 26.11 -1.00
CA PRO C 366 8.49 27.52 -1.35
C PRO C 366 9.94 27.96 -1.32
N PRO C 367 10.27 29.04 -2.05
CA PRO C 367 11.64 29.54 -2.11
C PRO C 367 11.99 30.45 -0.94
N THR C 368 11.84 29.93 0.27
CA THR C 368 12.22 30.69 1.46
C THR C 368 13.73 30.81 1.52
N ALA C 369 14.24 31.78 2.26
CA ALA C 369 15.68 32.01 2.35
C ALA C 369 16.42 30.79 2.92
N ALA C 370 15.88 30.22 3.99
CA ALA C 370 16.49 29.03 4.60
C ALA C 370 16.57 27.88 3.59
N LYS C 371 15.49 27.62 2.87
CA LYS C 371 15.45 26.50 1.92
C LYS C 371 16.41 26.73 0.74
N LEU C 372 16.56 28.00 0.36
CA LEU C 372 17.50 28.36 -0.70
C LEU C 372 18.94 28.13 -0.25
N LEU C 373 19.31 28.69 0.90
CA LEU C 373 20.64 28.50 1.46
C LEU C 373 20.95 27.02 1.61
N ASP C 374 19.93 26.25 1.99
CA ASP C 374 20.06 24.81 2.11
C ASP C 374 20.39 24.19 0.77
N GLN C 375 19.66 24.61 -0.26
CA GLN C 375 19.88 24.08 -1.60
C GLN C 375 21.29 24.39 -2.12
N LEU C 376 21.71 25.62 -1.90
CA LEU C 376 23.06 26.05 -2.24
C LEU C 376 24.13 25.25 -1.53
N ALA C 377 24.00 25.07 -0.23
CA ALA C 377 24.98 24.30 0.52
C ALA C 377 25.02 22.86 0.03
N SER C 378 23.84 22.34 -0.27
CA SER C 378 23.69 20.96 -0.68
C SER C 378 24.30 20.70 -2.05
N HIS C 379 24.27 21.69 -2.94
CA HIS C 379 24.82 21.50 -4.27
C HIS C 379 26.28 21.95 -4.41
N PHE C 380 26.74 22.83 -3.53
CA PHE C 380 28.07 23.41 -3.68
C PHE C 380 29.09 22.99 -2.61
N ILE C 381 28.63 22.57 -1.43
CA ILE C 381 29.55 22.36 -0.32
C ILE C 381 29.68 20.90 0.15
N GLU C 382 28.56 20.17 0.12
CA GLU C 382 28.49 18.91 0.86
C GLU C 382 29.36 17.81 0.23
N ASN C 383 29.83 18.03 -0.99
CA ASN C 383 30.72 17.07 -1.63
C ASN C 383 32.14 17.59 -1.81
N LYS C 384 32.48 18.59 -1.02
CA LYS C 384 33.80 19.19 -1.05
C LYS C 384 34.87 18.17 -0.71
N TYR C 385 34.55 17.24 0.16
CA TYR C 385 35.53 16.23 0.50
C TYR C 385 35.05 14.81 0.47
N ASN C 386 35.83 13.93 -0.14
CA ASN C 386 35.50 12.53 -0.16
C ASN C 386 36.58 11.70 0.50
N ASP C 387 37.72 12.32 0.76
CA ASP C 387 38.86 11.65 1.32
C ASP C 387 38.85 11.59 2.81
N LYS C 388 37.90 12.29 3.42
CA LYS C 388 37.82 12.29 4.87
C LYS C 388 36.56 12.99 5.36
N PRO C 389 36.14 12.69 6.61
CA PRO C 389 34.98 13.42 7.13
C PRO C 389 35.28 14.91 7.24
N PHE C 390 34.27 15.76 7.10
CA PHE C 390 34.48 17.17 7.38
C PHE C 390 33.23 17.82 7.98
N PHE C 391 33.41 18.99 8.57
CA PHE C 391 32.31 19.73 9.21
C PHE C 391 31.92 20.93 8.39
N ILE C 392 30.62 21.11 8.19
CA ILE C 392 30.08 22.38 7.74
C ILE C 392 29.58 23.11 8.97
N VAL C 393 30.00 24.35 9.14
CA VAL C 393 29.79 25.03 10.40
C VAL C 393 29.14 26.41 10.24
N GLU C 394 28.69 26.97 11.37
CA GLU C 394 28.23 28.37 11.44
C GLU C 394 27.04 28.65 10.54
N HIS C 395 26.03 27.79 10.61
CA HIS C 395 24.81 27.94 9.85
C HIS C 395 24.06 29.18 10.30
N PRO C 396 23.44 29.88 9.34
CA PRO C 396 22.57 31.03 9.63
C PRO C 396 21.50 30.68 10.65
N GLN C 397 21.12 31.67 11.47
CA GLN C 397 20.06 31.47 12.46
CA GLN C 397 20.06 31.47 12.45
C GLN C 397 18.75 31.02 11.82
N ILE C 398 18.45 31.55 10.63
CA ILE C 398 17.20 31.20 9.96
C ILE C 398 17.13 29.73 9.56
N MET C 399 18.26 29.05 9.52
CA MET C 399 18.25 27.61 9.20
C MET C 399 18.30 26.77 10.47
N SER C 400 18.42 27.44 11.63
CA SER C 400 18.75 26.73 12.86
C SER C 400 17.93 27.25 14.04
N PRO C 401 16.62 26.97 14.05
CA PRO C 401 15.75 27.57 15.07
C PRO C 401 16.06 27.18 16.51
N LEU C 402 16.89 26.16 16.74
CA LEU C 402 17.17 25.67 18.08
C LEU C 402 18.65 25.85 18.48
N ALA C 403 19.45 26.41 17.57
CA ALA C 403 20.87 26.61 17.82
C ALA C 403 21.15 28.04 18.34
N LYS C 404 22.10 28.20 19.25
CA LYS C 404 22.34 29.51 19.88
C LYS C 404 23.08 30.46 18.92
N TYR C 405 22.82 31.76 19.05
CA TYR C 405 23.44 32.73 18.16
C TYR C 405 24.95 32.68 18.31
N HIS C 406 25.67 32.85 17.22
CA HIS C 406 27.13 32.83 17.23
C HIS C 406 27.67 34.00 18.06
N ARG C 407 28.64 33.73 18.93
CA ARG C 407 29.04 34.71 19.93
C ARG C 407 29.86 35.89 19.38
N THR C 408 30.32 35.80 18.13
CA THR C 408 31.04 36.93 17.52
C THR C 408 30.57 37.23 16.10
N LYS C 409 29.80 36.32 15.51
CA LYS C 409 29.33 36.52 14.14
C LYS C 409 27.81 36.64 14.06
N PRO C 410 27.29 37.89 14.08
CA PRO C 410 25.86 38.19 13.91
C PRO C 410 25.20 37.41 12.77
N GLY C 411 23.96 36.97 13.01
CA GLY C 411 23.18 36.24 12.02
C GLY C 411 23.48 34.76 11.89
N LEU C 412 24.59 34.32 12.47
CA LEU C 412 24.98 32.90 12.42
C LEU C 412 24.69 32.19 13.73
N THR C 413 24.93 30.88 13.75
CA THR C 413 24.79 30.08 14.97
C THR C 413 26.06 29.28 15.22
N GLU C 414 26.19 28.72 16.42
CA GLU C 414 27.29 27.83 16.72
C GLU C 414 26.92 26.36 16.44
N ARG C 415 26.74 26.07 15.15
CA ARG C 415 26.30 24.77 14.66
C ARG C 415 27.36 24.08 13.83
N LEU C 416 27.34 22.74 13.83
CA LEU C 416 28.20 21.94 12.96
C LEU C 416 27.44 20.71 12.44
N GLU C 417 27.71 20.31 11.20
CA GLU C 417 27.21 19.09 10.60
C GLU C 417 28.42 18.34 10.11
N MET C 418 28.49 17.03 10.33
CA MET C 418 29.61 16.30 9.77
C MET C 418 29.15 15.45 8.59
N PHE C 419 29.96 15.45 7.54
CA PHE C 419 29.69 14.70 6.34
C PHE C 419 30.79 13.70 6.07
N ILE C 420 30.35 12.50 5.69
CA ILE C 420 31.21 11.42 5.21
C ILE C 420 30.74 11.09 3.79
N CYS C 421 31.68 11.13 2.84
CA CYS C 421 31.38 11.04 1.40
C CYS C 421 30.12 11.80 0.97
N GLY C 422 29.98 13.03 1.45
CA GLY C 422 28.88 13.86 1.00
C GLY C 422 27.55 13.67 1.72
N LYS C 423 27.50 12.72 2.64
CA LYS C 423 26.28 12.42 3.38
C LYS C 423 26.40 12.90 4.82
N GLU C 424 25.35 13.55 5.32
CA GLU C 424 25.31 14.02 6.69
C GLU C 424 25.16 12.86 7.68
N VAL C 425 25.97 12.84 8.73
CA VAL C 425 25.86 11.76 9.69
C VAL C 425 25.76 12.30 11.11
N LEU C 426 25.86 13.62 11.23
CA LEU C 426 25.99 14.26 12.52
C LEU C 426 25.52 15.71 12.44
N ASN C 427 24.81 16.15 13.46
CA ASN C 427 24.32 17.53 13.54
C ASN C 427 24.38 17.98 15.00
N ALA C 428 25.04 19.09 15.29
CA ALA C 428 25.33 19.44 16.67
C ALA C 428 25.42 20.94 16.84
N TYR C 429 25.12 21.43 18.04
CA TYR C 429 25.30 22.86 18.30
C TYR C 429 25.24 23.23 19.77
N THR C 430 25.78 24.41 20.05
CA THR C 430 25.49 25.12 21.29
C THR C 430 24.00 25.36 21.30
N GLU C 431 23.36 24.94 22.39
CA GLU C 431 21.91 25.03 22.46
C GLU C 431 21.42 26.45 22.78
N LEU C 432 20.37 26.84 22.08
CA LEU C 432 19.68 28.09 22.38
C LEU C 432 18.97 27.90 23.73
N ASN C 433 19.35 28.69 24.74
CA ASN C 433 18.74 28.52 26.05
C ASN C 433 17.99 29.77 26.56
N ASP C 434 18.04 30.85 25.79
CA ASP C 434 17.23 32.04 26.07
C ASP C 434 15.80 31.82 25.54
N PRO C 435 14.83 31.66 26.46
CA PRO C 435 13.43 31.38 26.08
C PRO C 435 12.80 32.50 25.21
N PHE C 436 13.18 33.75 25.48
CA PHE C 436 12.71 34.87 24.67
C PHE C 436 13.08 34.66 23.19
N LYS C 437 14.38 34.42 22.98
CA LYS C 437 14.91 34.15 21.65
C LYS C 437 14.27 32.90 21.03
N GLN C 438 14.03 31.88 21.85
CA GLN C 438 13.43 30.63 21.36
C GLN C 438 12.05 30.87 20.79
N LYS C 439 11.30 31.67 21.53
CA LYS C 439 9.94 31.98 21.15
C LYS C 439 9.95 32.76 19.85
N GLU C 440 10.91 33.69 19.74
CA GLU C 440 11.06 34.43 18.49
C GLU C 440 11.33 33.52 17.28
N CYS C 441 12.33 32.66 17.42
CA CYS C 441 12.63 31.67 16.38
C CYS C 441 11.41 30.85 15.99
N PHE C 442 10.64 30.40 16.99
CA PHE C 442 9.43 29.65 16.68
C PHE C 442 8.42 30.48 15.89
N LYS C 443 8.22 31.74 16.27
CA LYS C 443 7.27 32.56 15.50
C LYS C 443 7.72 32.70 14.03
N LEU C 444 9.02 32.94 13.83
CA LEU C 444 9.54 33.02 12.45
C LEU C 444 9.35 31.69 11.68
N GLN C 445 9.58 30.56 12.35
CA GLN C 445 9.29 29.26 11.72
C GLN C 445 7.81 29.17 11.33
N GLN C 446 6.93 29.65 12.20
CA GLN C 446 5.51 29.58 11.93
C GLN C 446 5.17 30.37 10.67
N LYS C 447 5.74 31.57 10.54
CA LYS C 447 5.57 32.31 9.29
C LYS C 447 6.10 31.51 8.09
N ASP C 448 7.26 30.89 8.22
CA ASP C 448 7.79 30.05 7.15
C ASP C 448 6.81 28.93 6.76
N ARG C 449 6.08 28.42 7.74
CA ARG C 449 5.08 27.37 7.50
C ARG C 449 3.89 27.96 6.75
N GLU C 450 3.51 29.17 7.13
CA GLU C 450 2.40 29.86 6.48
C GLU C 450 2.70 30.16 5.00
N LYS C 451 3.99 30.23 4.66
CA LYS C 451 4.42 30.39 3.27
C LYS C 451 4.41 29.07 2.49
N GLY C 452 4.00 27.98 3.12
CA GLY C 452 3.93 26.69 2.44
C GLY C 452 4.98 25.64 2.81
N ASP C 453 5.86 25.97 3.76
CA ASP C 453 6.88 25.01 4.20
C ASP C 453 6.33 24.07 5.27
N THR C 454 6.07 22.83 4.88
CA THR C 454 5.49 21.84 5.79
C THR C 454 6.55 21.09 6.60
N GLU C 455 7.78 21.61 6.59
CA GLU C 455 8.84 21.05 7.43
C GLU C 455 9.27 22.10 8.45
N ALA C 456 8.47 23.15 8.59
CA ALA C 456 8.80 24.24 9.50
C ALA C 456 8.55 23.83 10.95
N ALA C 457 9.39 24.30 11.87
CA ALA C 457 9.28 23.91 13.27
C ALA C 457 7.96 24.36 13.87
N GLN C 458 7.18 23.39 14.35
CA GLN C 458 5.99 23.68 15.14
C GLN C 458 6.36 24.20 16.52
N LEU C 459 5.58 25.13 17.05
CA LEU C 459 5.80 25.60 18.41
C LEU C 459 5.50 24.52 19.45
N ASP C 460 6.41 24.30 20.37
CA ASP C 460 6.15 23.42 21.51
C ASP C 460 6.20 24.26 22.78
N SER C 461 5.03 24.59 23.33
CA SER C 461 4.97 25.49 24.47
C SER C 461 5.38 24.83 25.77
N ALA C 462 5.21 23.51 25.87
CA ALA C 462 5.71 22.78 27.03
C ALA C 462 7.24 22.93 27.11
N PHE C 463 7.87 22.77 25.95
CA PHE C 463 9.30 23.01 25.83
C PHE C 463 9.69 24.47 26.19
N CYS C 464 8.97 25.44 25.64
CA CYS C 464 9.32 26.86 25.91
C CYS C 464 9.22 27.21 27.39
N THR C 465 8.12 26.75 27.99
CA THR C 465 7.94 26.85 29.43
C THR C 465 9.11 26.24 30.16
N SER C 466 9.55 25.06 29.72
CA SER C 466 10.67 24.42 30.39
C SER C 466 11.93 25.29 30.30
N LEU C 467 12.17 25.90 29.13
CA LEU C 467 13.29 26.85 29.02
C LEU C 467 13.16 28.00 30.02
N GLU C 468 11.93 28.40 30.32
CA GLU C 468 11.76 29.50 31.28
C GLU C 468 12.24 29.16 32.70
N TYR C 469 12.54 27.88 32.98
CA TYR C 469 13.02 27.52 34.31
C TYR C 469 14.54 27.47 34.43
N GLY C 470 15.22 27.74 33.33
CA GLY C 470 16.67 27.77 33.35
C GLY C 470 17.32 26.54 32.72
N LEU C 471 17.62 26.65 31.43
CA LEU C 471 18.47 25.66 30.76
C LEU C 471 19.88 26.17 30.85
N PRO C 472 20.77 25.40 31.49
CA PRO C 472 22.16 25.88 31.58
C PRO C 472 22.76 25.96 30.19
N PRO C 473 23.85 26.72 30.00
CA PRO C 473 24.59 26.60 28.75
C PRO C 473 24.90 25.12 28.49
N THR C 474 24.72 24.67 27.26
CA THR C 474 24.62 23.25 26.93
C THR C 474 25.02 23.03 25.48
N GLY C 475 25.66 21.91 25.21
CA GLY C 475 25.92 21.51 23.84
C GLY C 475 25.21 20.20 23.51
N GLY C 476 24.57 20.13 22.36
CA GLY C 476 23.84 18.92 22.01
C GLY C 476 24.31 18.37 20.69
N LEU C 477 24.17 17.06 20.50
CA LEU C 477 24.67 16.41 19.30
C LEU C 477 23.84 15.21 18.90
N GLY C 478 23.63 15.06 17.60
CA GLY C 478 22.92 13.91 17.05
C GLY C 478 23.70 13.18 15.97
N LEU C 479 23.48 11.86 15.92
CA LEU C 479 24.19 10.94 15.04
C LEU C 479 23.21 10.04 14.31
N GLY C 480 23.44 9.84 13.01
CA GLY C 480 22.66 8.87 12.25
C GLY C 480 23.37 7.53 12.22
N ILE C 481 22.90 6.59 13.04
CA ILE C 481 23.56 5.30 13.23
C ILE C 481 23.60 4.42 11.94
N ASP C 482 22.51 4.44 11.17
CA ASP C 482 22.45 3.64 9.94
C ASP C 482 23.48 4.12 8.89
N ARG C 483 23.60 5.44 8.72
CA ARG C 483 24.54 5.99 7.73
C ARG C 483 26.00 5.74 8.12
N ILE C 484 26.29 5.97 9.39
CA ILE C 484 27.60 5.64 9.91
C ILE C 484 27.92 4.17 9.65
N THR C 485 26.96 3.28 9.95
CA THR C 485 27.15 1.85 9.73
C THR C 485 27.41 1.58 8.25
N MET C 486 26.66 2.24 7.37
CA MET C 486 26.85 2.09 5.92
C MET C 486 28.31 2.33 5.56
N PHE C 487 28.86 3.43 6.08
CA PHE C 487 30.25 3.71 5.71
C PHE C 487 31.23 2.72 6.34
N LEU C 488 30.95 2.25 7.54
CA LEU C 488 31.91 1.33 8.15
C LEU C 488 31.73 -0.15 7.76
N THR C 489 30.73 -0.47 6.95
CA THR C 489 30.53 -1.85 6.49
C THR C 489 30.62 -1.91 4.97
N ASN C 490 30.96 -0.79 4.35
CA ASN C 490 31.11 -0.66 2.91
C ASN C 490 29.83 -0.96 2.16
N LYS C 491 28.75 -0.29 2.54
CA LYS C 491 27.47 -0.43 1.84
C LYS C 491 27.03 0.89 1.22
N ASN C 492 26.37 0.81 0.07
CA ASN C 492 25.87 1.99 -0.65
C ASN C 492 24.40 2.25 -0.42
N SER C 493 23.76 1.32 0.27
CA SER C 493 22.34 1.46 0.50
C SER C 493 22.02 1.23 1.96
N ILE C 494 21.21 2.12 2.51
CA ILE C 494 20.79 2.03 3.90
C ILE C 494 19.99 0.74 4.13
N LYS C 495 19.43 0.19 3.05
CA LYS C 495 18.73 -1.09 3.13
C LYS C 495 19.68 -2.24 3.49
N ASP C 496 20.98 -2.05 3.24
CA ASP C 496 21.94 -3.10 3.57
C ASP C 496 22.35 -3.13 5.05
N VAL C 497 21.94 -2.13 5.84
CA VAL C 497 22.36 -2.07 7.25
C VAL C 497 21.16 -2.07 8.22
N ILE C 498 19.98 -2.23 7.65
CA ILE C 498 18.73 -2.33 8.40
C ILE C 498 18.17 -3.72 8.12
N LEU C 499 17.88 -4.49 9.17
CA LEU C 499 17.53 -5.91 8.98
C LEU C 499 16.26 -6.08 8.12
N PHE C 500 15.25 -5.25 8.38
CA PHE C 500 13.99 -5.30 7.67
C PHE C 500 13.62 -3.90 7.18
N PRO C 501 14.25 -3.46 6.09
CA PRO C 501 13.99 -2.09 5.63
C PRO C 501 12.54 -1.94 5.16
N THR C 502 12.09 -0.70 5.01
CA THR C 502 10.70 -0.45 4.68
C THR C 502 10.47 -0.76 3.20
N MET C 503 9.50 -1.60 2.93
CA MET C 503 9.23 -2.06 1.58
CA MET C 503 9.23 -2.04 1.57
C MET C 503 7.74 -2.13 1.32
N ARG C 504 7.35 -2.03 0.05
CA ARG C 504 5.97 -2.28 -0.36
C ARG C 504 5.66 -3.75 -0.07
N PRO C 505 4.37 -4.08 0.11
CA PRO C 505 3.96 -5.46 0.36
C PRO C 505 4.39 -6.41 -0.76
N ALA C 506 4.81 -7.61 -0.41
CA ALA C 506 5.17 -8.63 -1.40
C ALA C 506 3.96 -9.06 -2.22
N ASN C 507 4.22 -9.71 -3.35
CA ASN C 507 3.14 -10.30 -4.15
C ASN C 507 2.44 -11.43 -3.42
N ASP D 3 2.92 36.42 43.83
CA ASP D 3 2.13 35.92 42.71
C ASP D 3 3.01 35.48 41.54
N PRO D 4 2.92 34.19 41.15
CA PRO D 4 3.55 33.54 40.01
C PRO D 4 3.64 34.46 38.81
N ARG D 5 2.49 34.94 38.36
CA ARG D 5 2.39 35.86 37.24
C ARG D 5 3.36 37.03 37.33
N LEU D 6 3.22 37.85 38.37
CA LEU D 6 4.08 39.01 38.49
C LEU D 6 5.53 38.66 38.78
N TYR D 7 5.77 37.61 39.57
CA TYR D 7 7.16 37.18 39.79
C TYR D 7 7.83 36.96 38.44
N PHE D 8 7.13 36.25 37.57
CA PHE D 8 7.64 36.00 36.23
C PHE D 8 7.79 37.25 35.37
N GLU D 9 6.77 38.10 35.33
CA GLU D 9 6.86 39.29 34.49
C GLU D 9 8.06 40.15 34.88
N ASN D 10 8.19 40.33 36.18
CA ASN D 10 9.32 40.94 36.92
C ASN D 10 10.72 40.36 36.64
N ARG D 11 10.79 39.03 36.56
CA ARG D 11 12.06 38.39 36.23
C ARG D 11 12.40 38.62 34.76
N SER D 12 11.40 38.47 33.90
CA SER D 12 11.56 38.70 32.45
C SER D 12 12.04 40.13 32.19
N LYS D 13 11.40 41.06 32.89
CA LYS D 13 11.80 42.46 32.90
C LYS D 13 13.24 42.58 33.39
N PHE D 14 13.63 41.80 34.38
CA PHE D 14 15.02 41.80 34.82
C PHE D 14 16.00 41.33 33.72
N ILE D 15 15.62 40.32 32.95
CA ILE D 15 16.47 39.85 31.85
C ILE D 15 16.63 40.95 30.83
N GLN D 16 15.49 41.47 30.39
CA GLN D 16 15.47 42.52 29.39
C GLN D 16 16.30 43.72 29.86
N ASP D 17 16.24 43.99 31.17
CA ASP D 17 17.04 45.04 31.78
C ASP D 17 18.52 44.72 31.71
N GLN D 18 18.88 43.45 31.84
CA GLN D 18 20.27 43.07 31.68
C GLN D 18 20.73 43.30 30.24
N LYS D 19 19.81 43.06 29.30
CA LYS D 19 20.12 43.23 27.88
C LYS D 19 20.28 44.70 27.51
N ASP D 20 19.43 45.55 28.11
CA ASP D 20 19.54 47.01 28.04
C ASP D 20 20.98 47.45 28.24
N LYS D 21 21.53 47.05 29.37
CA LYS D 21 22.83 47.52 29.83
C LYS D 21 23.98 46.81 29.16
N GLY D 22 23.70 46.11 28.07
CA GLY D 22 24.72 45.40 27.32
C GLY D 22 25.33 44.20 28.03
N ILE D 23 24.66 43.72 29.08
CA ILE D 23 25.09 42.51 29.76
C ILE D 23 24.43 41.29 29.12
N ASN D 24 25.18 40.18 29.01
CA ASN D 24 24.61 38.94 28.47
C ASN D 24 24.20 38.00 29.59
N PRO D 25 22.89 37.94 29.88
CA PRO D 25 22.40 37.10 30.97
C PRO D 25 22.41 35.61 30.61
N TYR D 26 22.70 35.24 29.36
CA TYR D 26 22.93 33.83 28.95
C TYR D 26 24.29 33.64 28.24
N PRO D 27 25.39 33.63 29.01
CA PRO D 27 26.74 33.42 28.45
C PRO D 27 26.86 32.11 27.67
N HIS D 28 27.64 32.10 26.60
CA HIS D 28 27.81 30.91 25.76
C HIS D 28 28.55 29.78 26.46
N LYS D 29 29.63 30.13 27.17
CA LYS D 29 30.52 29.12 27.73
C LYS D 29 31.13 29.54 29.06
N PHE D 30 30.94 28.70 30.08
CA PHE D 30 31.66 28.82 31.36
C PHE D 30 32.50 27.55 31.50
N GLU D 31 33.80 27.73 31.55
CA GLU D 31 34.76 26.63 31.60
C GLU D 31 34.96 26.16 33.03
N ARG D 32 34.29 25.10 33.44
CA ARG D 32 34.42 24.66 34.83
C ARG D 32 35.54 23.64 34.98
N THR D 33 36.01 23.45 36.20
CA THR D 33 37.16 22.57 36.42
C THR D 33 36.74 21.29 37.15
N ILE D 34 35.61 21.36 37.84
CA ILE D 34 35.23 20.27 38.71
C ILE D 34 33.71 20.23 38.91
N SER D 35 33.15 19.02 39.01
CA SER D 35 31.73 18.84 39.28
C SER D 35 31.44 18.92 40.78
N ILE D 36 30.17 19.11 41.11
CA ILE D 36 29.82 19.14 42.52
C ILE D 36 30.10 17.80 43.22
N PRO D 37 29.69 16.66 42.61
CA PRO D 37 30.06 15.38 43.25
C PRO D 37 31.58 15.19 43.42
N GLU D 38 32.35 15.62 42.43
CA GLU D 38 33.80 15.53 42.50
C GLU D 38 34.35 16.46 43.60
N PHE D 39 33.73 17.63 43.72
CA PHE D 39 34.11 18.60 44.75
C PHE D 39 33.89 18.01 46.13
N ILE D 40 32.73 17.39 46.33
CA ILE D 40 32.41 16.75 47.60
C ILE D 40 33.37 15.58 47.90
N GLU D 41 33.59 14.72 46.92
CA GLU D 41 34.55 13.62 47.11
C GLU D 41 35.94 14.15 47.49
N LYS D 42 36.36 15.24 46.85
CA LYS D 42 37.71 15.77 47.04
C LYS D 42 37.92 16.52 48.36
N TYR D 43 36.93 17.30 48.79
CA TYR D 43 37.18 18.19 49.95
C TYR D 43 36.34 17.91 51.20
N LYS D 44 35.53 16.85 51.20
CA LYS D 44 34.67 16.55 52.34
C LYS D 44 35.44 16.23 53.62
N ASP D 45 36.74 16.02 53.51
CA ASP D 45 37.54 15.64 54.69
C ASP D 45 38.29 16.82 55.28
N LEU D 46 37.99 18.03 54.82
CA LEU D 46 38.59 19.23 55.40
C LEU D 46 38.16 19.36 56.85
N GLY D 47 38.95 20.09 57.64
CA GLY D 47 38.62 20.36 59.01
C GLY D 47 37.70 21.55 59.10
N ASN D 48 36.97 21.69 60.20
CA ASN D 48 36.11 22.85 60.40
C ASN D 48 36.86 24.17 60.31
N GLY D 49 36.29 25.12 59.58
CA GLY D 49 36.90 26.42 59.38
C GLY D 49 38.10 26.40 58.46
N GLU D 50 38.44 25.24 57.91
CA GLU D 50 39.62 25.15 57.06
C GLU D 50 39.35 25.78 55.69
N HIS D 51 40.43 26.16 55.02
CA HIS D 51 40.39 27.08 53.90
C HIS D 51 41.57 26.83 52.95
N LEU D 52 41.30 26.31 51.75
CA LEU D 52 42.37 26.10 50.77
C LEU D 52 42.40 27.24 49.76
N GLU D 53 42.73 28.44 50.27
CA GLU D 53 42.49 29.69 49.56
C GLU D 53 43.27 29.90 48.25
N ASP D 54 44.29 29.10 48.00
CA ASP D 54 45.04 29.26 46.76
C ASP D 54 44.77 28.12 45.78
N THR D 55 43.81 27.28 46.14
CA THR D 55 43.20 26.37 45.18
C THR D 55 42.00 27.06 44.55
N ILE D 56 42.21 27.69 43.40
CA ILE D 56 41.13 28.38 42.71
C ILE D 56 40.39 27.46 41.72
N LEU D 57 39.11 27.22 42.02
CA LEU D 57 38.21 26.34 41.26
C LEU D 57 37.11 27.08 40.49
N ASN D 58 36.71 26.48 39.36
CA ASN D 58 35.52 26.93 38.62
C ASN D 58 34.42 25.90 38.77
N ILE D 59 33.26 26.31 39.26
CA ILE D 59 32.22 25.35 39.54
C ILE D 59 30.84 25.87 39.12
N THR D 60 29.98 24.98 38.62
CA THR D 60 28.65 25.45 38.22
C THR D 60 27.59 24.73 39.02
N GLY D 61 26.41 25.32 39.06
CA GLY D 61 25.35 24.66 39.79
C GLY D 61 24.05 25.42 39.72
N ARG D 62 22.98 24.82 40.23
CA ARG D 62 21.71 25.51 40.36
C ARG D 62 21.49 25.93 41.81
N ILE D 63 21.24 27.22 42.02
CA ILE D 63 20.93 27.75 43.35
C ILE D 63 19.56 27.24 43.82
N MET D 64 19.50 26.58 44.97
CA MET D 64 18.23 26.05 45.47
C MET D 64 17.83 26.64 46.83
N ARG D 65 18.70 27.45 47.42
CA ARG D 65 18.33 28.13 48.65
C ARG D 65 19.08 29.45 48.81
N VAL D 66 18.37 30.48 49.26
CA VAL D 66 18.98 31.78 49.49
C VAL D 66 18.79 32.23 50.94
N SER D 67 19.89 32.32 51.68
CA SER D 67 19.87 32.91 53.02
C SER D 67 20.50 34.30 52.95
N LYS D 72 27.63 41.39 54.77
CA LYS D 72 28.87 40.92 54.16
C LYS D 72 28.97 39.39 54.07
N LEU D 73 27.90 38.70 54.44
CA LEU D 73 27.87 37.23 54.36
C LEU D 73 26.60 36.74 53.68
N ARG D 74 26.74 36.16 52.49
CA ARG D 74 25.59 35.61 51.77
C ARG D 74 25.72 34.09 51.66
N PHE D 75 24.67 33.37 52.04
CA PHE D 75 24.69 31.92 51.99
C PHE D 75 23.75 31.37 50.92
N PHE D 76 24.19 30.34 50.20
CA PHE D 76 23.34 29.66 49.22
C PHE D 76 23.51 28.15 49.30
N ASP D 77 22.55 27.41 48.77
CA ASP D 77 22.76 25.99 48.51
C ASP D 77 22.90 25.82 47.01
N LEU D 78 23.98 25.19 46.57
CA LEU D 78 24.25 24.94 45.15
C LEU D 78 24.11 23.46 44.87
N VAL D 79 23.26 23.10 43.90
CA VAL D 79 23.04 21.70 43.58
C VAL D 79 23.52 21.34 42.18
N GLY D 80 23.97 20.09 42.06
CA GLY D 80 24.40 19.55 40.79
C GLY D 80 24.47 18.03 40.88
N ASP D 81 23.91 17.36 39.87
CA ASP D 81 23.95 15.91 39.78
C ASP D 81 23.37 15.23 41.02
N GLY D 82 22.33 15.82 41.59
CA GLY D 82 21.67 15.23 42.74
C GLY D 82 22.42 15.43 44.04
N GLU D 83 23.47 16.25 44.03
CA GLU D 83 24.25 16.50 45.24
C GLU D 83 24.33 17.99 45.51
N LYS D 84 24.76 18.36 46.70
CA LYS D 84 24.62 19.74 47.15
C LYS D 84 25.82 20.21 47.95
N ILE D 85 26.28 21.43 47.69
CA ILE D 85 27.20 22.10 48.60
C ILE D 85 26.68 23.47 49.00
N GLN D 86 27.36 24.13 49.92
CA GLN D 86 26.99 25.47 50.31
C GLN D 86 27.89 26.51 49.63
N VAL D 87 27.28 27.61 49.21
CA VAL D 87 28.02 28.74 48.70
C VAL D 87 28.13 29.72 49.85
N LEU D 88 29.35 30.03 50.23
CA LEU D 88 29.61 30.99 51.30
C LEU D 88 30.29 32.20 50.72
N ALA D 89 29.49 33.20 50.35
CA ALA D 89 29.96 34.43 49.76
C ALA D 89 30.35 35.45 50.84
N ASN D 90 31.64 35.72 50.95
CA ASN D 90 32.16 36.63 51.96
C ASN D 90 32.72 37.89 51.31
N TYR D 91 32.29 39.05 51.81
CA TYR D 91 32.75 40.34 51.27
C TYR D 91 34.28 40.38 51.28
N SER D 92 34.87 39.76 52.29
CA SER D 92 36.32 39.80 52.48
C SER D 92 37.06 39.09 51.36
N PHE D 93 36.39 38.17 50.68
CA PHE D 93 37.01 37.38 49.63
C PHE D 93 36.62 37.85 48.24
N HIS D 94 35.53 38.62 48.16
CA HIS D 94 35.01 39.08 46.87
C HIS D 94 36.05 39.80 46.03
N ASN D 95 36.06 39.52 44.73
CA ASN D 95 36.88 40.29 43.79
C ASN D 95 36.15 41.59 43.43
N HIS D 96 36.60 42.71 44.01
CA HIS D 96 35.90 43.99 43.81
C HIS D 96 36.11 44.57 42.43
N GLU D 97 37.16 44.15 41.74
CA GLU D 97 37.39 44.61 40.38
C GLU D 97 36.29 44.16 39.41
N LYS D 98 35.52 43.16 39.81
CA LYS D 98 34.46 42.62 38.96
C LYS D 98 33.11 43.31 39.18
N GLY D 99 32.99 44.03 40.30
CA GLY D 99 31.77 44.78 40.58
C GLY D 99 31.35 44.77 42.04
N ASN D 100 30.20 45.39 42.32
CA ASN D 100 29.76 45.53 43.69
C ASN D 100 29.26 44.22 44.28
N PHE D 101 29.79 43.86 45.44
CA PHE D 101 29.43 42.64 46.13
C PHE D 101 27.92 42.51 46.33
N ALA D 102 27.34 43.48 47.04
CA ALA D 102 25.92 43.42 47.36
C ALA D 102 25.08 43.46 46.09
N GLU D 103 25.50 44.27 45.12
CA GLU D 103 24.84 44.33 43.82
C GLU D 103 24.84 42.98 43.13
N CYS D 104 26.00 42.32 43.10
CA CYS D 104 26.13 40.99 42.52
C CYS D 104 25.20 39.99 43.19
N TYR D 105 25.25 39.89 44.52
CA TYR D 105 24.53 38.80 45.18
C TYR D 105 23.06 39.07 45.50
N ASP D 106 22.63 40.32 45.36
CA ASP D 106 21.23 40.67 45.56
C ASP D 106 20.35 40.08 44.47
N LYS D 107 20.82 40.07 43.23
CA LYS D 107 19.95 39.64 42.13
C LYS D 107 19.82 38.12 41.96
N ILE D 108 20.57 37.35 42.77
CA ILE D 108 20.50 35.89 42.67
C ILE D 108 19.20 35.38 43.28
N ARG D 109 18.48 34.55 42.53
CA ARG D 109 17.24 33.96 43.01
C ARG D 109 17.35 32.44 43.06
N ARG D 110 16.52 31.82 43.90
CA ARG D 110 16.42 30.38 43.93
C ARG D 110 16.02 29.84 42.55
N GLY D 111 16.80 28.90 42.03
CA GLY D 111 16.55 28.33 40.72
C GLY D 111 17.61 28.74 39.72
N ASP D 112 18.33 29.81 40.04
CA ASP D 112 19.31 30.36 39.12
C ASP D 112 20.46 29.39 38.91
N ILE D 113 20.91 29.27 37.67
CA ILE D 113 22.10 28.51 37.33
C ILE D 113 23.27 29.45 37.22
N VAL D 114 24.32 29.15 37.97
CA VAL D 114 25.43 30.07 38.10
C VAL D 114 26.79 29.42 37.92
N GLY D 115 27.75 30.26 37.53
CA GLY D 115 29.15 29.90 37.48
C GLY D 115 29.91 30.65 38.57
N ILE D 116 30.70 29.90 39.34
CA ILE D 116 31.45 30.44 40.47
C ILE D 116 32.95 30.23 40.30
N VAL D 117 33.72 31.31 40.47
CA VAL D 117 35.16 31.16 40.64
C VAL D 117 35.45 31.36 42.13
N GLY D 118 36.10 30.40 42.76
CA GLY D 118 36.30 30.49 44.19
C GLY D 118 37.23 29.45 44.74
N PHE D 119 37.17 29.20 46.04
CA PHE D 119 38.08 28.23 46.63
C PHE D 119 37.32 27.36 47.59
N PRO D 120 37.78 26.12 47.80
CA PRO D 120 37.08 25.20 48.71
C PRO D 120 37.41 25.44 50.19
N GLY D 121 36.44 25.18 51.05
CA GLY D 121 36.69 25.24 52.48
C GLY D 121 35.49 24.75 53.25
N LYS D 122 35.59 24.70 54.57
CA LYS D 122 34.43 24.46 55.43
C LYS D 122 34.16 25.72 56.23
N SER D 123 32.90 25.92 56.61
CA SER D 123 32.56 27.00 57.52
C SER D 123 33.04 26.61 58.92
N LYS D 124 32.97 27.53 59.87
CA LYS D 124 33.35 27.21 61.24
C LYS D 124 32.49 26.06 61.75
N LYS D 125 31.21 26.10 61.37
CA LYS D 125 30.24 25.08 61.74
C LYS D 125 30.53 23.73 61.08
N GLY D 126 31.42 23.71 60.10
CA GLY D 126 31.85 22.46 59.47
C GLY D 126 31.07 22.06 58.23
N GLU D 127 30.50 23.05 57.55
CA GLU D 127 29.74 22.80 56.33
C GLU D 127 30.64 22.97 55.10
N LEU D 128 30.70 21.94 54.27
CA LEU D 128 31.54 21.99 53.09
C LEU D 128 30.99 23.05 52.16
N SER D 129 31.86 23.92 51.67
CA SER D 129 31.44 25.10 50.96
C SER D 129 32.43 25.54 49.89
N ILE D 130 31.87 26.18 48.86
CA ILE D 130 32.65 26.92 47.91
C ILE D 130 32.59 28.40 48.31
N PHE D 131 33.76 29.03 48.33
CA PHE D 131 33.93 30.44 48.72
C PHE D 131 34.23 31.27 47.47
N PRO D 132 33.19 31.89 46.90
CA PRO D 132 33.34 32.67 45.68
C PRO D 132 34.25 33.88 45.86
N LYS D 133 35.03 34.19 44.83
CA LYS D 133 35.61 35.51 44.66
C LYS D 133 34.87 36.16 43.52
N GLU D 134 34.09 35.35 42.80
CA GLU D 134 33.30 35.88 41.69
C GLU D 134 32.14 34.93 41.39
N THR D 135 30.98 35.50 41.06
CA THR D 135 29.83 34.70 40.73
C THR D 135 29.15 35.34 39.55
N ILE D 136 28.77 34.50 38.58
CA ILE D 136 28.21 34.91 37.30
C ILE D 136 26.90 34.17 37.08
N LEU D 137 25.93 34.85 36.48
CA LEU D 137 24.66 34.24 36.13
C LEU D 137 24.82 33.54 34.80
N LEU D 138 24.54 32.23 34.76
CA LEU D 138 24.64 31.49 33.50
C LEU D 138 23.27 31.31 32.85
N SER D 139 22.24 31.08 33.67
CA SER D 139 20.89 31.00 33.14
C SER D 139 19.87 31.17 34.25
N ALA D 140 18.93 32.09 34.07
CA ALA D 140 18.04 32.47 35.17
C ALA D 140 16.80 31.60 35.24
N CYS D 141 16.33 31.33 36.47
CA CYS D 141 15.03 30.72 36.64
C CYS D 141 13.95 31.83 36.72
N LEU D 142 13.13 31.91 35.68
CA LEU D 142 12.19 33.03 35.56
C LEU D 142 10.94 32.84 36.42
N HIS D 143 10.57 31.60 36.67
CA HIS D 143 9.46 31.31 37.57
C HIS D 143 9.91 31.12 39.01
N MET D 144 8.94 30.94 39.89
CA MET D 144 9.22 30.47 41.24
C MET D 144 9.23 28.97 41.22
N LEU D 145 10.42 28.39 41.42
CA LEU D 145 10.52 26.97 41.66
C LEU D 145 9.69 26.63 42.88
N PRO D 146 8.77 25.66 42.75
CA PRO D 146 8.09 25.19 43.96
C PRO D 146 9.07 24.48 44.92
N MET D 147 8.58 24.34 46.12
CA MET D 147 9.13 23.60 47.20
C MET D 147 8.54 22.18 47.13
N LYS D 148 9.00 21.29 47.97
CA LYS D 148 8.44 19.99 47.86
C LYS D 148 6.96 19.98 48.10
N GLU D 155 -0.29 16.48 39.55
CA GLU D 155 0.06 15.96 38.26
C GLU D 155 1.21 16.71 37.63
N ILE D 156 1.66 17.76 38.28
CA ILE D 156 2.76 18.57 37.76
C ILE D 156 3.98 17.70 37.48
N ARG D 157 4.23 16.78 38.37
CA ARG D 157 5.38 15.93 38.26
C ARG D 157 5.39 15.10 37.00
N TYR D 158 4.23 14.76 36.49
CA TYR D 158 4.18 14.00 35.24
C TYR D 158 4.16 14.93 34.04
N ARG D 159 3.67 16.15 34.23
CA ARG D 159 3.51 17.09 33.12
C ARG D 159 4.72 18.00 33.02
N GLN D 160 5.45 18.11 34.11
CA GLN D 160 6.65 18.93 34.16
C GLN D 160 7.72 18.15 34.90
N ARG D 161 8.10 17.03 34.32
CA ARG D 161 9.04 16.09 34.94
C ARG D 161 10.34 16.77 35.38
N TYR D 162 10.77 17.83 34.69
CA TYR D 162 12.00 18.52 35.09
C TYR D 162 11.90 19.10 36.52
N LEU D 163 10.70 19.51 36.91
CA LEU D 163 10.51 20.08 38.26
C LEU D 163 10.54 18.96 39.29
N ASP D 164 9.90 17.85 38.94
CA ASP D 164 9.93 16.66 39.77
C ASP D 164 11.39 16.26 40.02
N LEU D 165 12.19 16.27 38.97
CA LEU D 165 13.61 15.88 39.06
C LEU D 165 14.47 16.89 39.82
N LEU D 166 14.11 18.18 39.75
CA LEU D 166 14.85 19.19 40.52
C LEU D 166 14.53 19.16 42.02
N ILE D 167 13.27 18.91 42.35
CA ILE D 167 12.80 19.11 43.71
C ILE D 167 12.70 17.82 44.52
N ASN D 168 12.17 16.76 43.92
CA ASN D 168 12.01 15.47 44.60
C ASN D 168 13.20 14.55 44.42
N GLU D 169 14.06 14.48 45.42
CA GLU D 169 15.28 13.67 45.43
C GLU D 169 15.04 12.21 45.02
N SER D 170 13.87 11.68 45.38
CA SER D 170 13.56 10.29 45.10
C SER D 170 13.41 10.04 43.61
N SER D 171 13.09 11.09 42.86
CA SER D 171 12.77 10.97 41.43
C SER D 171 13.98 10.52 40.62
N ARG D 172 15.07 11.26 40.84
CA ARG D 172 16.33 10.94 40.20
C ARG D 172 16.69 9.49 40.50
N HIS D 173 16.50 9.08 41.76
CA HIS D 173 16.83 7.73 42.15
C HIS D 173 16.00 6.72 41.38
N THR D 174 14.69 6.95 41.28
CA THR D 174 13.80 6.05 40.53
C THR D 174 14.33 5.84 39.12
N PHE D 175 14.66 6.93 38.44
CA PHE D 175 15.06 6.79 37.03
C PHE D 175 16.49 6.27 36.84
N VAL D 176 17.35 6.54 37.80
CA VAL D 176 18.65 5.91 37.82
C VAL D 176 18.49 4.40 37.98
N THR D 177 17.55 3.97 38.81
CA THR D 177 17.34 2.53 38.98
C THR D 177 16.77 1.93 37.70
N ARG D 178 15.88 2.66 37.03
CA ARG D 178 15.39 2.16 35.74
C ARG D 178 16.56 1.88 34.79
N THR D 179 17.44 2.88 34.68
CA THR D 179 18.58 2.69 33.77
C THR D 179 19.53 1.56 34.20
N LYS D 180 19.67 1.35 35.51
CA LYS D 180 20.48 0.23 36.01
C LYS D 180 19.86 -1.12 35.68
N ILE D 181 18.53 -1.21 35.75
CA ILE D 181 17.82 -2.46 35.44
C ILE D 181 18.05 -2.79 33.98
N ILE D 182 17.88 -1.80 33.13
CA ILE D 182 18.14 -2.06 31.71
C ILE D 182 19.62 -2.39 31.43
N ASN D 183 20.56 -1.71 32.07
CA ASN D 183 21.97 -2.05 31.88
C ASN D 183 22.25 -3.49 32.29
N PHE D 184 21.64 -3.88 33.41
CA PHE D 184 21.87 -5.19 33.97
C PHE D 184 21.36 -6.25 33.01
N LEU D 185 20.15 -6.04 32.50
CA LEU D 185 19.53 -6.95 31.53
C LEU D 185 20.39 -7.09 30.28
N ARG D 186 20.78 -5.95 29.71
CA ARG D 186 21.63 -5.96 28.52
C ARG D 186 22.93 -6.74 28.75
N ASN D 187 23.59 -6.48 29.88
CA ASN D 187 24.84 -7.15 30.16
CA ASN D 187 24.83 -7.15 30.18
C ASN D 187 24.63 -8.64 30.40
N PHE D 188 23.53 -8.98 31.06
CA PHE D 188 23.15 -10.35 31.39
C PHE D 188 22.97 -11.16 30.11
N LEU D 189 22.33 -10.54 29.13
CA LEU D 189 22.10 -11.19 27.88
C LEU D 189 23.39 -11.26 27.08
N ASN D 190 24.12 -10.16 27.01
CA ASN D 190 25.36 -10.12 26.22
C ASN D 190 26.44 -11.12 26.72
N GLU D 191 26.55 -11.24 28.04
CA GLU D 191 27.47 -12.21 28.64
C GLU D 191 27.15 -13.65 28.28
N ARG D 192 25.91 -13.91 27.87
CA ARG D 192 25.48 -15.26 27.54
C ARG D 192 25.41 -15.49 26.03
N GLY D 193 26.05 -14.61 25.27
CA GLY D 193 26.21 -14.80 23.85
C GLY D 193 25.10 -14.21 23.00
N PHE D 194 24.16 -13.50 23.63
CA PHE D 194 23.03 -12.96 22.89
C PHE D 194 23.41 -11.74 22.06
N PHE D 195 22.71 -11.60 20.94
CA PHE D 195 23.03 -10.58 19.97
C PHE D 195 21.88 -9.56 19.87
N GLU D 196 22.17 -8.30 20.17
CA GLU D 196 21.11 -7.30 20.16
C GLU D 196 20.84 -6.80 18.74
N VAL D 197 19.55 -6.77 18.36
CA VAL D 197 19.17 -6.24 17.05
C VAL D 197 18.08 -5.17 17.14
N GLU D 198 17.77 -4.55 16.01
CA GLU D 198 16.62 -3.65 15.94
C GLU D 198 15.70 -4.13 14.83
N THR D 199 14.43 -4.35 15.15
CA THR D 199 13.47 -4.82 14.15
C THR D 199 12.46 -3.68 13.94
N PRO D 200 11.65 -3.75 12.87
CA PRO D 200 10.87 -2.54 12.54
C PRO D 200 9.79 -2.17 13.54
N MET D 201 9.63 -0.86 13.79
CA MET D 201 8.53 -0.44 14.64
C MET D 201 7.26 -0.25 13.81
N MET D 202 7.42 -0.15 12.50
CA MET D 202 6.28 -0.07 11.59
C MET D 202 6.22 -1.32 10.73
N ASN D 203 5.05 -1.94 10.74
CA ASN D 203 4.74 -3.23 10.10
C ASN D 203 3.49 -3.18 9.22
N LEU D 204 3.49 -3.95 8.13
CA LEU D 204 2.31 -4.07 7.28
C LEU D 204 1.25 -4.77 8.12
N ILE D 205 1.70 -5.61 9.04
CA ILE D 205 0.84 -6.42 9.91
C ILE D 205 1.32 -6.42 11.35
N ALA D 206 0.45 -6.04 12.28
CA ALA D 206 0.80 -6.09 13.71
C ALA D 206 0.52 -7.48 14.30
N GLY D 207 1.58 -8.21 14.64
CA GLY D 207 1.43 -9.56 15.15
C GLY D 207 2.43 -9.88 16.25
N GLY D 208 2.36 -11.10 16.77
CA GLY D 208 3.27 -11.53 17.83
C GLY D 208 2.64 -11.35 19.19
N ALA D 209 1.38 -10.93 19.21
CA ALA D 209 0.63 -10.78 20.45
C ALA D 209 -0.86 -10.59 20.14
N ASN D 210 -1.64 -10.46 21.19
CA ASN D 210 -3.07 -10.21 21.06
C ASN D 210 -3.41 -8.82 21.62
N ALA D 211 -3.35 -7.80 20.77
CA ALA D 211 -3.67 -6.44 21.16
C ALA D 211 -4.10 -5.58 19.97
N ARG D 212 -4.80 -4.50 20.26
CA ARG D 212 -5.21 -3.54 19.24
C ARG D 212 -4.04 -2.61 18.94
N PRO D 213 -3.71 -2.44 17.65
CA PRO D 213 -2.57 -1.64 17.19
C PRO D 213 -2.87 -0.15 16.96
N PHE D 214 -1.81 0.66 16.95
CA PHE D 214 -1.87 2.03 16.42
C PHE D 214 -1.68 1.96 14.91
N ILE D 215 -2.36 2.85 14.19
CA ILE D 215 -2.22 2.88 12.73
C ILE D 215 -1.67 4.24 12.31
N THR D 216 -0.72 4.24 11.38
CA THR D 216 -0.20 5.48 10.82
C THR D 216 -0.09 5.33 9.31
N HIS D 217 0.37 6.37 8.63
CA HIS D 217 0.31 6.40 7.18
C HIS D 217 1.62 6.90 6.61
N HIS D 218 2.20 6.15 5.67
CA HIS D 218 3.36 6.65 4.94
C HIS D 218 2.83 7.28 3.67
N ASN D 219 3.03 8.60 3.54
CA ASN D 219 2.50 9.36 2.40
C ASN D 219 3.09 8.98 1.04
N ASP D 220 4.41 8.85 0.95
CA ASP D 220 5.04 8.60 -0.35
C ASP D 220 4.72 7.20 -0.93
N LEU D 221 4.58 6.19 -0.07
CA LEU D 221 4.18 4.86 -0.54
C LEU D 221 2.67 4.71 -0.55
N ASP D 222 1.98 5.67 0.07
CA ASP D 222 0.53 5.66 0.25
C ASP D 222 0.13 4.35 0.89
N LEU D 223 0.54 4.18 2.14
CA LEU D 223 0.43 2.87 2.73
C LEU D 223 0.13 3.00 4.20
N ASP D 224 -0.93 2.39 4.69
CA ASP D 224 -1.14 2.37 6.12
C ASP D 224 -0.14 1.39 6.73
N LEU D 225 0.38 1.73 7.90
CA LEU D 225 1.33 0.90 8.61
C LEU D 225 0.83 0.78 10.03
N TYR D 226 1.15 -0.33 10.69
CA TYR D 226 0.76 -0.50 12.07
C TYR D 226 1.99 -0.48 12.94
N LEU D 227 1.91 0.23 14.05
CA LEU D 227 3.00 0.24 15.00
C LEU D 227 3.05 -1.16 15.63
N ARG D 228 4.25 -1.64 15.87
CA ARG D 228 4.40 -2.99 16.40
C ARG D 228 3.78 -3.15 17.80
N ILE D 229 3.12 -4.28 18.04
CA ILE D 229 2.59 -4.59 19.37
C ILE D 229 3.50 -5.55 20.12
N ALA D 230 4.44 -6.17 19.41
CA ALA D 230 5.44 -7.07 19.99
C ALA D 230 6.60 -7.14 19.02
N THR D 231 7.72 -7.75 19.41
CA THR D 231 8.83 -7.97 18.48
C THR D 231 9.04 -9.44 18.08
N GLU D 232 8.12 -10.31 18.49
CA GLU D 232 8.25 -11.76 18.33
C GLU D 232 8.52 -12.30 16.91
N LEU D 233 7.66 -11.94 15.95
CA LEU D 233 7.78 -12.51 14.61
C LEU D 233 9.10 -12.21 13.88
N PRO D 234 9.55 -10.93 13.81
CA PRO D 234 10.82 -10.66 13.14
C PRO D 234 12.04 -11.33 13.86
N LEU D 235 11.99 -11.37 15.19
CA LEU D 235 13.09 -12.03 15.93
C LEU D 235 13.14 -13.52 15.59
N LYS D 236 11.98 -14.18 15.59
CA LYS D 236 11.97 -15.62 15.25
C LYS D 236 12.49 -15.81 13.83
N MET D 237 12.17 -14.84 12.97
CA MET D 237 12.70 -14.88 11.62
C MET D 237 14.22 -14.79 11.60
N LEU D 238 14.78 -14.03 12.54
CA LEU D 238 16.24 -13.97 12.67
C LEU D 238 16.81 -15.30 13.18
N ILE D 239 16.07 -15.99 14.06
CA ILE D 239 16.51 -17.33 14.46
C ILE D 239 16.59 -18.21 13.20
N VAL D 240 15.56 -18.16 12.36
CA VAL D 240 15.60 -18.91 11.09
C VAL D 240 16.87 -18.55 10.33
N GLY D 241 17.25 -17.27 10.41
CA GLY D 241 18.44 -16.77 9.74
C GLY D 241 19.78 -17.18 10.34
N GLY D 242 19.75 -17.92 11.44
CA GLY D 242 20.98 -18.40 12.04
C GLY D 242 21.57 -17.49 13.12
N ILE D 243 20.84 -16.45 13.51
CA ILE D 243 21.25 -15.68 14.69
C ILE D 243 20.60 -16.39 15.88
N ASP D 244 21.30 -17.41 16.40
CA ASP D 244 20.70 -18.37 17.33
C ASP D 244 20.39 -17.86 18.74
N LYS D 245 20.97 -16.73 19.09
CA LYS D 245 20.68 -16.05 20.36
C LYS D 245 20.48 -14.59 20.04
N VAL D 246 19.25 -14.12 20.14
CA VAL D 246 18.97 -12.79 19.59
C VAL D 246 17.99 -12.07 20.49
N TYR D 247 18.08 -10.77 20.58
CA TYR D 247 17.12 -10.05 21.40
C TYR D 247 16.98 -8.60 21.01
N GLU D 248 15.89 -8.01 21.52
CA GLU D 248 15.62 -6.58 21.31
C GLU D 248 15.02 -5.98 22.57
N ILE D 249 15.54 -4.83 22.94
CA ILE D 249 14.95 -4.04 23.98
C ILE D 249 14.44 -2.76 23.36
N GLY D 250 13.14 -2.50 23.45
CA GLY D 250 12.58 -1.31 22.83
C GLY D 250 11.11 -1.12 23.07
N LYS D 251 10.55 -0.04 22.51
CA LYS D 251 9.16 0.31 22.73
C LYS D 251 8.24 -0.59 21.93
N VAL D 252 7.12 -0.94 22.51
CA VAL D 252 6.01 -1.51 21.77
C VAL D 252 4.79 -0.66 22.12
N PHE D 253 3.73 -0.84 21.35
CA PHE D 253 2.61 0.09 21.35
C PHE D 253 1.29 -0.67 21.35
N ARG D 254 0.42 -0.33 22.29
CA ARG D 254 -0.84 -1.03 22.37
C ARG D 254 -1.92 0.03 22.54
N ASN D 255 -2.83 0.05 21.56
CA ASN D 255 -3.84 1.09 21.47
C ASN D 255 -4.99 0.79 22.43
N GLU D 256 -4.76 1.11 23.70
CA GLU D 256 -5.69 0.75 24.74
C GLU D 256 -5.63 1.74 25.88
N GLY D 257 -6.52 1.56 26.84
CA GLY D 257 -6.68 2.48 27.95
C GLY D 257 -5.46 2.61 28.83
N ILE D 258 -5.34 3.77 29.46
CA ILE D 258 -4.32 4.04 30.46
C ILE D 258 -4.82 3.68 31.86
N ASP D 259 -3.99 2.97 32.63
CA ASP D 259 -4.22 2.87 34.07
C ASP D 259 -2.88 2.69 34.75
N ASN D 260 -2.91 2.31 36.02
CA ASN D 260 -1.67 2.29 36.79
C ASN D 260 -0.67 1.23 36.33
N THR D 261 -1.08 0.30 35.48
CA THR D 261 -0.13 -0.68 34.98
C THR D 261 -0.17 -0.80 33.44
N HIS D 262 -0.77 0.20 32.79
CA HIS D 262 -0.81 0.25 31.34
C HIS D 262 -0.48 1.65 30.82
N ASN D 263 0.57 1.75 30.04
CA ASN D 263 0.85 2.94 29.24
C ASN D 263 0.87 2.50 27.77
N PRO D 264 0.27 3.30 26.87
CA PRO D 264 0.08 2.91 25.46
C PRO D 264 1.41 2.65 24.73
N GLU D 265 2.48 3.26 25.18
CA GLU D 265 3.79 2.80 24.74
C GLU D 265 4.55 2.36 25.98
N PHE D 266 5.20 1.21 25.87
CA PHE D 266 5.98 0.76 27.00
C PHE D 266 7.19 -0.01 26.53
N THR D 267 8.12 -0.27 27.45
CA THR D 267 9.37 -0.85 27.03
C THR D 267 9.37 -2.33 27.32
N SER D 268 9.63 -3.13 26.30
CA SER D 268 9.76 -4.56 26.51
C SER D 268 11.10 -5.07 26.03
N CYS D 269 11.51 -6.21 26.58
CA CYS D 269 12.67 -6.93 26.05
C CYS D 269 12.19 -8.30 25.61
N GLU D 270 12.54 -8.76 24.41
CA GLU D 270 12.23 -10.15 24.01
C GLU D 270 13.51 -10.80 23.54
N PHE D 271 13.73 -12.06 23.93
CA PHE D 271 14.90 -12.77 23.43
C PHE D 271 14.45 -14.12 22.92
N TYR D 272 15.16 -14.62 21.90
CA TYR D 272 14.93 -15.95 21.35
C TYR D 272 16.22 -16.73 21.40
N TRP D 273 16.07 -17.96 21.88
CA TRP D 273 17.21 -18.78 22.27
C TRP D 273 17.05 -20.15 21.63
N ALA D 274 17.78 -20.35 20.53
CA ALA D 274 17.66 -21.58 19.77
C ALA D 274 18.12 -22.77 20.61
N TYR D 275 17.43 -23.91 20.45
CA TYR D 275 17.76 -25.17 21.11
C TYR D 275 17.43 -25.17 22.60
N ALA D 276 16.78 -24.12 23.06
CA ALA D 276 16.28 -24.08 24.43
C ALA D 276 14.81 -24.44 24.43
N ASP D 277 14.26 -24.68 25.62
CA ASP D 277 12.82 -24.90 25.78
C ASP D 277 12.30 -24.31 27.09
N TYR D 278 11.01 -24.54 27.33
CA TYR D 278 10.31 -24.19 28.57
C TYR D 278 11.15 -24.29 29.86
N ASN D 279 11.79 -25.43 30.10
CA ASN D 279 12.59 -25.58 31.32
C ASN D 279 13.78 -24.57 31.45
N ASP D 280 14.51 -24.42 30.36
CA ASP D 280 15.59 -23.44 30.24
C ASP D 280 15.07 -22.03 30.51
N LEU D 281 13.80 -21.79 30.17
CA LEU D 281 13.22 -20.45 30.30
C LEU D 281 12.77 -20.19 31.73
N ILE D 282 12.26 -21.23 32.38
CA ILE D 282 11.95 -21.10 33.80
C ILE D 282 13.23 -20.81 34.60
N LYS D 283 14.28 -21.56 34.26
CA LYS D 283 15.57 -21.40 34.95
C LYS D 283 16.14 -20.00 34.67
N TRP D 284 16.11 -19.59 33.40
CA TRP D 284 16.54 -18.23 33.02
C TRP D 284 15.80 -17.21 33.86
N SER D 285 14.49 -17.37 34.01
CA SER D 285 13.70 -16.37 34.74
C SER D 285 14.09 -16.29 36.22
N GLU D 286 14.21 -17.44 36.87
CA GLU D 286 14.62 -17.44 38.29
C GLU D 286 16.02 -16.84 38.51
N ASP D 287 16.96 -17.28 37.67
CA ASP D 287 18.31 -16.73 37.69
C ASP D 287 18.29 -15.22 37.50
N PHE D 288 17.58 -14.77 36.48
CA PHE D 288 17.61 -13.35 36.14
C PHE D 288 17.00 -12.50 37.24
N PHE D 289 15.80 -12.83 37.69
CA PHE D 289 15.16 -11.98 38.68
C PHE D 289 15.89 -11.99 40.02
N SER D 290 16.30 -13.18 40.47
CA SER D 290 17.00 -13.24 41.76
C SER D 290 18.31 -12.44 41.66
N GLN D 291 19.02 -12.61 40.56
CA GLN D 291 20.30 -11.91 40.42
C GLN D 291 20.12 -10.39 40.24
N LEU D 292 19.05 -9.98 39.59
CA LEU D 292 18.80 -8.55 39.39
C LEU D 292 18.50 -7.89 40.73
N VAL D 293 17.58 -8.49 41.47
CA VAL D 293 17.21 -7.95 42.76
C VAL D 293 18.44 -7.93 43.67
N TYR D 294 19.26 -8.97 43.63
CA TYR D 294 20.47 -8.98 44.46
C TYR D 294 21.42 -7.86 44.05
N HIS D 295 21.58 -7.69 42.75
CA HIS D 295 22.43 -6.63 42.19
C HIS D 295 22.00 -5.24 42.65
N LEU D 296 20.70 -5.03 42.73
CA LEU D 296 20.18 -3.72 43.13
C LEU D 296 20.21 -3.49 44.63
N PHE D 297 19.94 -4.54 45.40
CA PHE D 297 19.66 -4.39 46.82
C PHE D 297 20.63 -5.13 47.76
N GLY D 298 21.28 -6.18 47.27
CA GLY D 298 22.21 -6.96 48.09
C GLY D 298 21.51 -7.95 49.00
N THR D 299 20.27 -8.25 48.64
CA THR D 299 19.38 -9.17 49.33
C THR D 299 18.34 -9.64 48.29
N TYR D 300 17.55 -10.67 48.62
CA TYR D 300 16.52 -11.17 47.70
C TYR D 300 15.14 -10.77 48.17
N LYS D 301 15.09 -10.08 49.31
CA LYS D 301 13.82 -9.64 49.89
C LYS D 301 13.73 -8.14 49.73
N ILE D 302 12.67 -7.65 49.10
CA ILE D 302 12.45 -6.20 49.05
C ILE D 302 11.10 -5.85 49.67
N SER D 303 10.90 -4.60 50.05
CA SER D 303 9.59 -4.20 50.53
C SER D 303 8.87 -3.42 49.45
N TYR D 304 7.56 -3.61 49.38
CA TYR D 304 6.76 -2.98 48.36
C TYR D 304 5.44 -2.50 48.95
N ASN D 305 5.20 -1.20 48.86
CA ASN D 305 3.94 -0.64 49.31
C ASN D 305 2.84 -0.90 48.29
N LYS D 306 2.30 -2.11 48.31
CA LYS D 306 1.28 -2.49 47.33
C LYS D 306 0.09 -1.55 47.36
N ASP D 307 -0.22 -1.04 48.55
CA ASP D 307 -1.44 -0.26 48.75
C ASP D 307 -1.17 1.22 48.97
N GLY D 308 -0.06 1.70 48.45
CA GLY D 308 0.28 3.11 48.58
C GLY D 308 1.23 3.37 49.73
N PRO D 309 1.92 4.52 49.68
CA PRO D 309 2.95 4.88 50.66
C PRO D 309 2.43 5.06 52.08
N GLU D 310 1.11 5.20 52.24
CA GLU D 310 0.54 5.50 53.55
C GLU D 310 -0.05 4.27 54.24
N ASN D 311 -0.20 3.18 53.51
CA ASN D 311 -0.47 1.88 54.14
C ASN D 311 0.85 1.14 54.22
N GLN D 312 0.95 0.21 55.16
CA GLN D 312 2.20 -0.48 55.38
C GLN D 312 2.52 -1.44 54.24
N PRO D 313 3.82 -1.57 53.92
CA PRO D 313 4.29 -2.41 52.83
C PRO D 313 4.13 -3.89 53.11
N ILE D 314 4.30 -4.67 52.06
CA ILE D 314 4.43 -6.12 52.14
C ILE D 314 5.82 -6.49 51.69
N GLU D 315 6.26 -7.70 51.99
CA GLU D 315 7.59 -8.09 51.56
C GLU D 315 7.53 -9.07 50.38
N ILE D 316 8.41 -8.86 49.41
CA ILE D 316 8.50 -9.74 48.26
C ILE D 316 9.84 -10.47 48.29
N ASP D 317 9.77 -11.80 48.22
CA ASP D 317 10.95 -12.66 48.29
C ASP D 317 11.30 -13.20 46.91
N PHE D 318 12.48 -12.84 46.40
CA PHE D 318 12.88 -13.26 45.07
C PHE D 318 13.84 -14.46 45.09
N THR D 319 14.01 -15.07 46.26
CA THR D 319 14.79 -16.30 46.38
C THR D 319 14.17 -17.43 45.59
N PRO D 320 14.91 -17.95 44.61
CA PRO D 320 14.40 -19.04 43.78
C PRO D 320 14.46 -20.34 44.56
N PRO D 321 13.67 -21.35 44.16
CA PRO D 321 12.78 -21.29 43.02
C PRO D 321 11.43 -20.69 43.35
N TYR D 322 10.63 -20.43 42.32
CA TYR D 322 9.32 -19.84 42.51
C TYR D 322 8.26 -20.88 42.21
N PRO D 323 7.08 -20.76 42.83
CA PRO D 323 5.96 -21.69 42.57
C PRO D 323 5.53 -21.75 41.11
N LYS D 324 5.22 -22.96 40.63
CA LYS D 324 4.60 -23.15 39.32
C LYS D 324 3.17 -23.64 39.47
N VAL D 325 2.23 -22.90 38.88
CA VAL D 325 0.80 -23.15 39.02
C VAL D 325 0.21 -23.41 37.66
N SER D 326 -0.14 -24.67 37.39
CA SER D 326 -0.72 -25.04 36.10
C SER D 326 -2.15 -24.52 36.01
N ILE D 327 -2.43 -23.74 34.97
CA ILE D 327 -3.63 -22.91 34.93
C ILE D 327 -4.95 -23.71 34.92
N VAL D 328 -5.07 -24.69 34.03
CA VAL D 328 -6.32 -25.45 33.93
C VAL D 328 -6.65 -26.20 35.22
N GLU D 329 -5.66 -26.93 35.72
CA GLU D 329 -5.85 -27.77 36.89
C GLU D 329 -6.01 -26.93 38.16
N GLU D 330 -5.43 -25.73 38.16
CA GLU D 330 -5.63 -24.83 39.30
C GLU D 330 -7.01 -24.21 39.28
N ILE D 331 -7.47 -23.80 38.11
CA ILE D 331 -8.83 -23.29 37.97
C ILE D 331 -9.82 -24.36 38.43
N GLU D 332 -9.59 -25.59 37.97
CA GLU D 332 -10.50 -26.68 38.31
C GLU D 332 -10.45 -26.98 39.82
N LYS D 333 -9.25 -26.94 40.43
CA LYS D 333 -9.16 -27.20 41.86
C LYS D 333 -9.86 -26.11 42.67
N VAL D 334 -9.69 -24.85 42.28
CA VAL D 334 -10.23 -23.74 43.06
C VAL D 334 -11.70 -23.46 42.76
N THR D 335 -12.25 -24.09 41.73
CA THR D 335 -13.71 -24.02 41.55
C THR D 335 -14.36 -25.37 41.84
N ASN D 336 -13.55 -26.35 42.25
CA ASN D 336 -14.00 -27.73 42.49
C ASN D 336 -14.79 -28.29 41.31
N THR D 337 -14.37 -27.90 40.10
CA THR D 337 -15.07 -28.24 38.86
C THR D 337 -14.12 -29.01 37.95
N ILE D 338 -14.63 -29.58 36.85
CA ILE D 338 -13.78 -30.28 35.90
C ILE D 338 -14.05 -29.80 34.48
N LEU D 339 -13.01 -29.31 33.82
CA LEU D 339 -13.17 -28.69 32.49
C LEU D 339 -12.59 -29.58 31.40
N GLU D 340 -13.43 -30.48 30.88
CA GLU D 340 -13.00 -31.45 29.89
C GLU D 340 -12.72 -30.81 28.53
N GLN D 341 -11.86 -31.45 27.74
CA GLN D 341 -11.51 -30.98 26.42
C GLN D 341 -12.40 -31.61 25.35
N PRO D 342 -12.66 -30.88 24.24
CA PRO D 342 -12.20 -29.54 23.88
C PRO D 342 -12.72 -28.44 24.83
N PHE D 343 -11.94 -27.38 25.00
CA PHE D 343 -12.32 -26.31 25.92
C PHE D 343 -13.42 -25.43 25.34
N ASP D 344 -13.60 -25.48 24.03
CA ASP D 344 -14.62 -24.66 23.38
C ASP D 344 -15.89 -25.46 23.08
N SER D 345 -15.94 -26.70 23.58
CA SER D 345 -17.16 -27.49 23.47
C SER D 345 -18.22 -26.78 24.30
N ASN D 346 -19.48 -26.88 23.88
CA ASN D 346 -20.56 -26.14 24.52
C ASN D 346 -20.87 -26.64 25.92
N GLU D 347 -20.48 -27.88 26.21
CA GLU D 347 -20.55 -28.39 27.56
C GLU D 347 -19.54 -27.66 28.43
N THR D 348 -18.29 -27.61 27.94
CA THR D 348 -17.22 -26.90 28.62
C THR D 348 -17.48 -25.39 28.66
N ILE D 349 -17.85 -24.84 27.50
CA ILE D 349 -18.16 -23.42 27.41
C ILE D 349 -19.25 -23.04 28.41
N GLU D 350 -20.37 -23.76 28.41
CA GLU D 350 -21.45 -23.46 29.36
C GLU D 350 -21.01 -23.68 30.81
N LYS D 351 -20.11 -24.62 31.02
CA LYS D 351 -19.57 -24.88 32.35
C LYS D 351 -18.83 -23.65 32.87
N MET D 352 -17.92 -23.13 32.04
CA MET D 352 -17.13 -21.97 32.40
C MET D 352 -17.99 -20.72 32.55
N ILE D 353 -18.91 -20.54 31.61
CA ILE D 353 -19.86 -19.42 31.66
C ILE D 353 -20.68 -19.49 32.94
N ASN D 354 -20.93 -20.70 33.44
CA ASN D 354 -21.65 -20.81 34.70
C ASN D 354 -20.74 -20.51 35.88
N ILE D 355 -19.46 -20.89 35.78
CA ILE D 355 -18.50 -20.50 36.82
C ILE D 355 -18.42 -18.97 36.91
N ILE D 356 -18.57 -18.31 35.77
CA ILE D 356 -18.49 -16.86 35.66
C ILE D 356 -19.76 -16.19 36.18
N LYS D 357 -20.90 -16.75 35.79
CA LYS D 357 -22.22 -16.33 36.25
C LYS D 357 -22.28 -16.37 37.77
N GLU D 358 -21.85 -17.50 38.31
CA GLU D 358 -22.05 -17.86 39.71
C GLU D 358 -21.42 -16.89 40.71
N HIS D 359 -20.29 -16.28 40.37
CA HIS D 359 -19.74 -15.23 41.24
C HIS D 359 -19.47 -13.93 40.47
N LYS D 360 -20.48 -13.50 39.74
CA LYS D 360 -20.58 -12.14 39.20
C LYS D 360 -19.43 -11.70 38.30
N ILE D 361 -18.67 -12.65 37.77
CA ILE D 361 -17.58 -12.31 36.87
C ILE D 361 -18.08 -11.69 35.57
N GLU D 362 -17.41 -10.63 35.13
CA GLU D 362 -17.78 -9.98 33.88
C GLU D 362 -17.53 -10.92 32.71
N LEU D 363 -18.60 -11.22 31.97
CA LEU D 363 -18.47 -12.07 30.81
C LEU D 363 -17.77 -11.33 29.68
N PRO D 364 -16.65 -11.88 29.19
CA PRO D 364 -15.95 -11.34 28.02
C PRO D 364 -16.85 -11.24 26.79
N ASN D 365 -16.56 -10.25 25.93
CA ASN D 365 -17.29 -10.06 24.69
C ASN D 365 -16.35 -10.07 23.49
N PRO D 366 -16.47 -11.09 22.61
CA PRO D 366 -17.37 -12.24 22.65
C PRO D 366 -16.98 -13.27 23.71
N PRO D 367 -17.93 -14.14 24.11
CA PRO D 367 -17.66 -15.16 25.13
C PRO D 367 -16.95 -16.39 24.57
N THR D 368 -15.87 -16.18 23.82
CA THR D 368 -15.10 -17.30 23.27
C THR D 368 -14.38 -18.07 24.37
N ALA D 369 -14.04 -19.32 24.09
CA ALA D 369 -13.41 -20.21 25.06
C ALA D 369 -12.15 -19.62 25.68
N ALA D 370 -11.22 -19.20 24.82
CA ALA D 370 -9.94 -18.65 25.27
C ALA D 370 -10.12 -17.47 26.22
N LYS D 371 -11.07 -16.61 25.93
CA LYS D 371 -11.27 -15.41 26.75
C LYS D 371 -12.01 -15.72 28.04
N LEU D 372 -12.81 -16.78 28.03
CA LEU D 372 -13.44 -17.29 29.24
C LEU D 372 -12.37 -17.85 30.18
N LEU D 373 -11.49 -18.67 29.61
CA LEU D 373 -10.38 -19.24 30.37
C LEU D 373 -9.51 -18.14 30.95
N ASP D 374 -9.25 -17.12 30.12
CA ASP D 374 -8.47 -15.97 30.52
C ASP D 374 -9.13 -15.25 31.71
N GLN D 375 -10.43 -14.97 31.59
CA GLN D 375 -11.16 -14.30 32.67
C GLN D 375 -11.13 -15.10 33.96
N LEU D 376 -11.30 -16.41 33.82
CA LEU D 376 -11.23 -17.33 34.95
C LEU D 376 -9.88 -17.27 35.65
N ALA D 377 -8.80 -17.40 34.88
CA ALA D 377 -7.46 -17.40 35.44
C ALA D 377 -7.17 -16.06 36.09
N SER D 378 -7.58 -14.99 35.43
CA SER D 378 -7.38 -13.63 35.92
C SER D 378 -8.05 -13.42 37.26
N HIS D 379 -9.29 -13.88 37.39
CA HIS D 379 -10.01 -13.67 38.64
C HIS D 379 -9.68 -14.70 39.73
N PHE D 380 -9.05 -15.80 39.35
CA PHE D 380 -8.78 -16.86 40.31
C PHE D 380 -7.31 -17.06 40.65
N ILE D 381 -6.48 -17.20 39.62
CA ILE D 381 -5.09 -17.62 39.83
C ILE D 381 -4.11 -16.44 40.00
N GLU D 382 -4.22 -15.42 39.15
CA GLU D 382 -3.19 -14.38 39.04
C GLU D 382 -2.81 -13.72 40.37
N ASN D 383 -3.68 -13.78 41.36
CA ASN D 383 -3.36 -13.19 42.66
C ASN D 383 -3.06 -14.22 43.75
N LYS D 384 -2.61 -15.41 43.37
CA LYS D 384 -2.36 -16.50 44.31
C LYS D 384 -1.25 -16.16 45.31
N TYR D 385 -0.13 -15.73 44.81
CA TYR D 385 1.01 -15.41 45.66
C TYR D 385 1.31 -13.96 45.56
N ASN D 386 1.52 -13.31 46.70
CA ASN D 386 1.87 -11.89 46.76
C ASN D 386 3.21 -11.65 47.40
N ASP D 387 3.67 -12.62 48.17
CA ASP D 387 4.91 -12.51 48.92
C ASP D 387 6.15 -13.01 48.20
N LYS D 388 5.92 -13.42 46.96
CA LYS D 388 6.95 -13.86 46.06
C LYS D 388 6.49 -13.91 44.57
N PRO D 389 7.39 -13.83 43.62
CA PRO D 389 6.93 -14.02 42.23
C PRO D 389 6.43 -15.43 42.03
N PHE D 390 5.62 -15.66 41.02
CA PHE D 390 5.28 -17.03 40.69
C PHE D 390 4.88 -17.17 39.24
N PHE D 391 4.88 -18.40 38.75
CA PHE D 391 4.53 -18.69 37.38
C PHE D 391 3.15 -19.33 37.26
N ILE D 392 2.39 -18.90 36.27
CA ILE D 392 1.22 -19.63 35.80
C ILE D 392 1.65 -20.33 34.53
N VAL D 393 1.39 -21.63 34.40
CA VAL D 393 1.99 -22.41 33.32
C VAL D 393 1.03 -23.36 32.61
N GLU D 394 1.47 -23.86 31.45
CA GLU D 394 0.78 -24.89 30.67
C GLU D 394 -0.56 -24.42 30.11
N HIS D 395 -0.59 -23.16 29.66
CA HIS D 395 -1.77 -22.57 29.06
C HIS D 395 -2.29 -23.39 27.90
N PRO D 396 -3.62 -23.57 27.82
CA PRO D 396 -4.25 -24.21 26.65
C PRO D 396 -3.75 -23.62 25.34
N GLN D 397 -3.76 -24.42 24.28
CA GLN D 397 -3.29 -23.99 22.97
C GLN D 397 -4.19 -22.93 22.37
N ILE D 398 -5.44 -22.89 22.82
CA ILE D 398 -6.41 -21.93 22.30
C ILE D 398 -6.14 -20.51 22.80
N MET D 399 -5.35 -20.41 23.86
CA MET D 399 -4.91 -19.11 24.37
C MET D 399 -3.53 -18.75 23.85
N SER D 400 -2.85 -19.72 23.24
CA SER D 400 -1.44 -19.56 22.92
C SER D 400 -1.08 -19.98 21.51
N PRO D 401 -1.46 -19.15 20.53
CA PRO D 401 -1.36 -19.44 19.09
C PRO D 401 0.08 -19.61 18.58
N LEU D 402 1.06 -19.13 19.33
CA LEU D 402 2.44 -19.15 18.87
C LEU D 402 3.31 -20.12 19.70
N ALA D 403 2.72 -20.71 20.73
CA ALA D 403 3.44 -21.59 21.65
C ALA D 403 3.33 -23.06 21.24
N LYS D 404 4.41 -23.80 21.46
CA LYS D 404 4.43 -25.22 21.06
C LYS D 404 3.53 -26.07 21.97
N TYR D 405 2.87 -27.05 21.36
CA TYR D 405 2.02 -27.96 22.10
C TYR D 405 2.85 -28.70 23.15
N HIS D 406 2.23 -28.93 24.30
CA HIS D 406 2.87 -29.57 25.43
C HIS D 406 3.18 -31.03 25.07
N ARG D 407 4.41 -31.48 25.32
CA ARG D 407 4.86 -32.76 24.79
C ARG D 407 4.19 -33.98 25.46
N THR D 408 3.63 -33.81 26.65
CA THR D 408 2.91 -34.90 27.32
C THR D 408 1.45 -34.59 27.71
N LYS D 409 1.02 -33.34 27.51
CA LYS D 409 -0.32 -32.94 27.95
C LYS D 409 -1.13 -32.36 26.80
N PRO D 410 -1.96 -33.21 26.16
CA PRO D 410 -2.79 -32.78 25.03
C PRO D 410 -3.57 -31.50 25.31
N GLY D 411 -3.67 -30.63 24.31
CA GLY D 411 -4.43 -29.39 24.45
C GLY D 411 -3.75 -28.27 25.20
N LEU D 412 -2.61 -28.55 25.82
CA LEU D 412 -1.88 -27.53 26.56
C LEU D 412 -0.62 -27.12 25.80
N THR D 413 0.06 -26.07 26.29
CA THR D 413 1.32 -25.64 25.69
C THR D 413 2.41 -25.53 26.73
N GLU D 414 3.64 -25.36 26.27
CA GLU D 414 4.79 -25.22 27.14
C GLU D 414 5.07 -23.75 27.34
N ARG D 415 4.16 -23.11 28.08
CA ARG D 415 4.15 -21.68 28.29
C ARG D 415 4.24 -21.36 29.76
N LEU D 416 4.81 -20.21 30.06
CA LEU D 416 4.95 -19.75 31.42
C LEU D 416 4.75 -18.24 31.48
N GLU D 417 4.02 -17.77 32.49
CA GLU D 417 3.82 -16.33 32.70
C GLU D 417 4.20 -16.02 34.13
N MET D 418 5.09 -15.05 34.35
CA MET D 418 5.43 -14.73 35.71
C MET D 418 4.69 -13.49 36.20
N PHE D 419 4.18 -13.59 37.42
CA PHE D 419 3.48 -12.52 38.06
C PHE D 419 4.20 -12.11 39.33
N ILE D 420 4.13 -10.81 39.60
CA ILE D 420 4.57 -10.21 40.86
C ILE D 420 3.41 -9.36 41.36
N CYS D 421 2.92 -9.65 42.56
CA CYS D 421 1.78 -8.94 43.14
C CYS D 421 0.58 -8.90 42.22
N GLY D 422 0.37 -9.99 41.48
CA GLY D 422 -0.79 -10.09 40.63
C GLY D 422 -0.60 -9.42 39.29
N LYS D 423 0.61 -8.96 38.99
CA LYS D 423 0.84 -8.34 37.68
C LYS D 423 1.80 -9.15 36.82
N GLU D 424 1.41 -9.42 35.58
CA GLU D 424 2.29 -10.07 34.62
C GLU D 424 3.51 -9.19 34.29
N VAL D 425 4.70 -9.78 34.39
CA VAL D 425 5.91 -9.07 33.98
C VAL D 425 6.67 -9.87 32.94
N LEU D 426 6.18 -11.07 32.65
CA LEU D 426 6.97 -12.00 31.86
C LEU D 426 6.07 -13.02 31.19
N ASN D 427 6.37 -13.33 29.92
CA ASN D 427 5.61 -14.33 29.16
C ASN D 427 6.61 -15.06 28.29
N ALA D 428 6.58 -16.39 28.29
CA ALA D 428 7.60 -17.15 27.60
C ALA D 428 7.08 -18.53 27.20
N TYR D 429 7.68 -19.13 26.18
CA TYR D 429 7.35 -20.50 25.84
C TYR D 429 8.33 -21.16 24.89
N THR D 430 8.22 -22.49 24.82
CA THR D 430 8.79 -23.22 23.72
C THR D 430 8.03 -22.75 22.50
N GLU D 431 8.75 -22.43 21.43
CA GLU D 431 8.14 -21.79 20.29
C GLU D 431 7.56 -22.84 19.33
N LEU D 432 6.40 -22.52 18.80
CA LEU D 432 5.81 -23.36 17.76
C LEU D 432 6.70 -23.22 16.54
N ASN D 433 7.15 -24.35 15.97
CA ASN D 433 8.05 -24.25 14.82
C ASN D 433 7.63 -25.12 13.62
N ASP D 434 6.49 -25.79 13.76
CA ASP D 434 5.88 -26.55 12.66
C ASP D 434 4.91 -25.65 11.89
N PRO D 435 5.27 -25.26 10.66
CA PRO D 435 4.46 -24.27 9.92
C PRO D 435 3.04 -24.78 9.63
N PHE D 436 2.89 -26.11 9.59
CA PHE D 436 1.57 -26.73 9.46
C PHE D 436 0.69 -26.25 10.61
N LYS D 437 1.18 -26.47 11.83
CA LYS D 437 0.42 -26.11 13.02
C LYS D 437 0.29 -24.60 13.14
N GLN D 438 1.22 -23.87 12.52
CA GLN D 438 1.18 -22.42 12.64
C GLN D 438 0.08 -21.83 11.77
N LYS D 439 -0.05 -22.38 10.56
CA LYS D 439 -1.14 -21.94 9.68
C LYS D 439 -2.47 -22.43 10.23
N GLU D 440 -2.48 -23.61 10.85
CA GLU D 440 -3.68 -24.07 11.54
C GLU D 440 -4.08 -23.07 12.63
N CYS D 441 -3.08 -22.63 13.41
CA CYS D 441 -3.29 -21.70 14.50
C CYS D 441 -3.80 -20.34 14.01
N PHE D 442 -3.28 -19.91 12.86
CA PHE D 442 -3.71 -18.64 12.29
C PHE D 442 -5.13 -18.71 11.75
N LYS D 443 -5.51 -19.82 11.15
CA LYS D 443 -6.87 -19.97 10.67
C LYS D 443 -7.82 -19.93 11.84
N LEU D 444 -7.47 -20.57 12.93
CA LEU D 444 -8.29 -20.55 14.13
C LEU D 444 -8.41 -19.18 14.74
N GLN D 445 -7.32 -18.44 14.71
CA GLN D 445 -7.36 -17.11 15.28
C GLN D 445 -8.35 -16.28 14.50
N GLN D 446 -8.27 -16.36 13.17
CA GLN D 446 -9.12 -15.61 12.26
C GLN D 446 -10.57 -16.03 12.41
N LYS D 447 -10.78 -17.31 12.62
CA LYS D 447 -12.12 -17.78 12.82
C LYS D 447 -12.64 -17.12 14.08
N ASP D 448 -11.84 -17.00 15.14
CA ASP D 448 -12.50 -16.31 16.25
C ASP D 448 -12.47 -14.79 16.03
N ARG D 449 -11.71 -14.34 15.03
CA ARG D 449 -11.89 -12.94 14.62
C ARG D 449 -13.27 -12.75 13.95
N GLN D 458 -3.91 -12.29 13.82
CA GLN D 458 -3.59 -11.70 12.52
C GLN D 458 -2.52 -12.49 11.78
N LEU D 459 -2.91 -13.05 10.64
CA LEU D 459 -2.01 -13.89 9.85
C LEU D 459 -0.91 -13.15 9.09
N ASP D 460 0.35 -13.42 9.44
CA ASP D 460 1.49 -12.83 8.75
C ASP D 460 2.07 -13.91 7.87
N SER D 461 1.97 -13.72 6.58
CA SER D 461 2.44 -14.67 5.63
C SER D 461 3.94 -14.75 5.55
N ALA D 462 4.58 -13.60 5.60
CA ALA D 462 6.04 -13.52 5.55
C ALA D 462 6.65 -14.36 6.69
N PHE D 463 5.97 -14.35 7.82
CA PHE D 463 6.39 -15.14 8.98
C PHE D 463 6.21 -16.64 8.73
N CYS D 464 5.02 -17.05 8.27
CA CYS D 464 4.74 -18.46 8.00
C CYS D 464 5.72 -19.04 6.99
N THR D 465 5.96 -18.24 5.96
CA THR D 465 6.96 -18.53 4.95
C THR D 465 8.31 -18.72 5.60
N SER D 466 8.71 -17.81 6.50
CA SER D 466 9.97 -18.03 7.21
C SER D 466 9.99 -19.40 7.93
N LEU D 467 8.89 -19.74 8.62
CA LEU D 467 8.82 -21.01 9.34
C LEU D 467 9.01 -22.19 8.41
N GLU D 468 8.58 -22.04 7.15
CA GLU D 468 8.74 -23.14 6.20
C GLU D 468 10.20 -23.39 5.83
N TYR D 469 11.09 -22.51 6.27
CA TYR D 469 12.51 -22.69 5.95
C TYR D 469 13.27 -23.35 7.09
N GLY D 470 12.57 -23.71 8.15
CA GLY D 470 13.21 -24.38 9.27
C GLY D 470 13.57 -23.42 10.40
N LEU D 471 12.64 -23.30 11.35
CA LEU D 471 12.91 -22.69 12.64
C LEU D 471 13.39 -23.79 13.59
N PRO D 472 14.62 -23.68 14.10
CA PRO D 472 15.04 -24.75 15.02
C PRO D 472 14.14 -24.80 16.26
N PRO D 473 14.15 -25.91 17.01
CA PRO D 473 13.50 -25.89 18.31
C PRO D 473 14.07 -24.71 19.12
N THR D 474 13.20 -23.90 19.73
CA THR D 474 13.57 -22.56 20.22
C THR D 474 12.74 -22.20 21.42
N GLY D 475 13.34 -21.45 22.35
CA GLY D 475 12.59 -20.93 23.46
C GLY D 475 12.62 -19.40 23.40
N GLY D 476 11.46 -18.77 23.62
CA GLY D 476 11.40 -17.33 23.59
C GLY D 476 10.79 -16.73 24.84
N LEU D 477 11.20 -15.50 25.14
CA LEU D 477 10.76 -14.87 26.37
C LEU D 477 10.63 -13.36 26.21
N GLY D 478 9.59 -12.77 26.80
CA GLY D 478 9.43 -11.32 26.87
C GLY D 478 9.24 -10.81 28.29
N LEU D 479 9.86 -9.66 28.57
CA LEU D 479 9.74 -8.95 29.84
C LEU D 479 9.13 -7.59 29.63
N GLY D 480 8.29 -7.15 30.58
CA GLY D 480 7.87 -5.76 30.64
C GLY D 480 8.73 -4.94 31.58
N ILE D 481 9.61 -4.12 31.02
CA ILE D 481 10.60 -3.34 31.80
C ILE D 481 9.99 -2.35 32.78
N ASP D 482 8.99 -1.59 32.33
CA ASP D 482 8.31 -0.66 33.20
C ASP D 482 7.70 -1.34 34.44
N ARG D 483 6.91 -2.40 34.28
CA ARG D 483 6.28 -3.02 35.46
C ARG D 483 7.33 -3.56 36.45
N ILE D 484 8.36 -4.19 35.89
CA ILE D 484 9.47 -4.67 36.74
C ILE D 484 10.10 -3.49 37.49
N THR D 485 10.28 -2.37 36.79
CA THR D 485 10.87 -1.20 37.42
C THR D 485 9.96 -0.71 38.54
N MET D 486 8.64 -0.79 38.32
CA MET D 486 7.70 -0.36 39.34
C MET D 486 7.95 -1.14 40.60
N PHE D 487 8.03 -2.46 40.47
CA PHE D 487 8.28 -3.23 41.69
C PHE D 487 9.64 -2.95 42.31
N LEU D 488 10.65 -2.69 41.50
CA LEU D 488 11.97 -2.50 42.09
C LEU D 488 12.27 -1.06 42.54
N THR D 489 11.35 -0.14 42.30
CA THR D 489 11.52 1.23 42.77
C THR D 489 10.41 1.61 43.75
N ASN D 490 9.59 0.63 44.10
CA ASN D 490 8.47 0.84 45.03
C ASN D 490 7.46 1.87 44.52
N LYS D 491 7.01 1.67 43.28
CA LYS D 491 5.99 2.54 42.70
C LYS D 491 4.71 1.77 42.44
N ASN D 492 3.61 2.50 42.51
CA ASN D 492 2.26 1.97 42.42
C ASN D 492 1.67 2.28 41.06
N SER D 493 2.28 3.24 40.38
CA SER D 493 1.81 3.66 39.08
C SER D 493 2.92 3.62 38.07
N ILE D 494 2.61 3.11 36.88
CA ILE D 494 3.58 3.02 35.80
C ILE D 494 4.00 4.42 35.35
N LYS D 495 3.17 5.42 35.66
CA LYS D 495 3.51 6.79 35.36
C LYS D 495 4.74 7.23 36.16
N ASP D 496 4.98 6.58 37.30
CA ASP D 496 6.09 6.99 38.15
C ASP D 496 7.44 6.45 37.67
N VAL D 497 7.45 5.59 36.65
CA VAL D 497 8.74 5.05 36.16
C VAL D 497 9.00 5.38 34.68
N ILE D 498 8.11 6.18 34.09
CA ILE D 498 8.26 6.64 32.72
C ILE D 498 8.47 8.15 32.77
N LEU D 499 9.56 8.65 32.19
CA LEU D 499 9.90 10.06 32.31
C LEU D 499 8.79 10.97 31.80
N PHE D 500 8.24 10.67 30.62
CA PHE D 500 7.16 11.49 30.08
C PHE D 500 5.95 10.63 29.73
N PRO D 501 5.15 10.26 30.75
CA PRO D 501 4.07 9.32 30.48
C PRO D 501 2.92 9.97 29.72
N THR D 502 2.21 9.17 28.93
CA THR D 502 1.12 9.67 28.09
C THR D 502 -0.03 10.13 28.98
N MET D 503 -0.52 11.34 28.76
CA MET D 503 -1.55 11.90 29.62
C MET D 503 -2.64 12.62 28.85
N ARG D 504 -3.81 12.68 29.49
CA ARG D 504 -4.91 13.52 29.05
C ARG D 504 -4.49 14.98 29.04
N PRO D 505 -4.57 15.63 27.86
CA PRO D 505 -4.25 17.06 27.77
C PRO D 505 -5.16 17.92 28.64
#